data_4FJ6
#
_entry.id   4FJ6
#
_cell.length_a   171.738
_cell.length_b   171.738
_cell.length_c   243.786
_cell.angle_alpha   90.000
_cell.angle_beta   90.000
_cell.angle_gamma   120.000
#
_symmetry.space_group_name_H-M   'H 3'
#
loop_
_entity.id
_entity.type
_entity.pdbx_description
1 polymer 'glycoside hydrolase family 33, candidate sialidase'
2 non-polymer GLYCEROL
3 non-polymer 'PHOSPHATE ION'
4 non-polymer 'CHLORIDE ION'
5 water water
#
_entity_poly.entity_id   1
_entity_poly.type   'polypeptide(L)'
_entity_poly.pdbx_seq_one_letter_code
;GADSIYVREQQIPILIDRIDNVLYE(MSE)RIPAQKGDVLNEITIQIGDNVDLSDIQAIRLFYSGVEAPSRKGEHFSPVT
YISSHIPGNTRKALESYSVRQDEVTAPLSRTVKLTSKQP(MSE)LKGINYFWVSIQ(MSE)KPETSLLAKVATT(MSE)P
NAQINNKPINITWKGKVDERHVGIGVRQAGDDGSAAFRIPGLVTTNNGTLLGVYDIRYNSSVDLQEKIDIGVSRSTDKGQ
TWEP(MSE)RVA(MSE)TFKQTDGLPHGQNGVGDPSILVDEKTNTIWVVAAWTHG(MSE)GNERAWWNS(MSE)PG
(MSE)TPDETAQL(MSE)LVKSEDDGKTWSEPINITSQVKDPSWYFLLQGPGRGIT(MSE)QDGTLVFPIQFIDATRVPN
AGI(MSE)YSKDRGKTWHLHNLARTNTTEAQVAEVEPGVL(MSE)LN(MSE)RDNRGGSRAVATTKDLGKTWTEHPSSRS
ALQESVC(MSE)ASLIKVNAKDNITGKDLLLFSNPNTTKGRNHITIKASLDGGLTWPTEHQVLLDEAEGWGYSCLS
(MSE)IDKETVGIFYESSVAH(MSE)TFQAVKLQDLIHQ
;
_entity_poly.pdbx_strand_id   A,B,C,D
#
loop_
_chem_comp.id
_chem_comp.type
_chem_comp.name
_chem_comp.formula
CL non-polymer 'CHLORIDE ION' 'Cl -1'
GOL non-polymer GLYCEROL 'C3 H8 O3'
PO4 non-polymer 'PHOSPHATE ION' 'O4 P -3'
#
# COMPACT_ATOMS: atom_id res chain seq x y z
N SER A 4 -7.76 -12.58 -52.91
CA SER A 4 -8.13 -13.91 -53.45
C SER A 4 -8.73 -14.79 -52.34
N ILE A 5 -7.91 -15.61 -51.69
CA ILE A 5 -8.33 -16.42 -50.53
C ILE A 5 -7.18 -16.39 -49.54
N TYR A 6 -7.47 -15.93 -48.33
CA TYR A 6 -6.49 -15.87 -47.25
C TYR A 6 -6.85 -16.94 -46.22
N VAL A 7 -5.87 -17.75 -45.86
CA VAL A 7 -6.06 -18.83 -44.89
C VAL A 7 -5.01 -18.72 -43.79
N ARG A 8 -5.44 -19.01 -42.55
CA ARG A 8 -4.56 -19.01 -41.38
C ARG A 8 -4.73 -20.28 -40.53
N GLU A 9 -3.60 -20.86 -40.14
CA GLU A 9 -3.54 -21.93 -39.16
C GLU A 9 -2.76 -21.37 -37.98
N GLN A 10 -3.27 -21.60 -36.77
CA GLN A 10 -2.60 -21.17 -35.56
C GLN A 10 -2.19 -22.40 -34.78
N GLN A 11 -1.06 -22.32 -34.08
CA GLN A 11 -0.63 -23.39 -33.20
C GLN A 11 -1.49 -23.31 -31.94
N ILE A 12 -2.66 -23.95 -31.98
CA ILE A 12 -3.58 -24.00 -30.82
C ILE A 12 -3.99 -25.47 -30.56
N PRO A 13 -4.19 -25.84 -29.28
CA PRO A 13 -4.48 -27.24 -28.94
C PRO A 13 -5.76 -27.80 -29.55
N ILE A 14 -5.67 -29.01 -30.12
CA ILE A 14 -6.81 -29.74 -30.62
C ILE A 14 -7.25 -30.63 -29.45
N LEU A 15 -8.40 -30.30 -28.87
CA LEU A 15 -8.85 -30.99 -27.67
C LEU A 15 -9.54 -32.30 -28.03
N ILE A 16 -9.08 -33.39 -27.43
CA ILE A 16 -9.67 -34.71 -27.68
C ILE A 16 -11.10 -34.81 -27.13
N ASP A 17 -11.45 -33.95 -26.17
CA ASP A 17 -12.77 -33.91 -25.54
C ASP A 17 -13.75 -32.87 -26.14
N ARG A 18 -13.35 -32.20 -27.22
CA ARG A 18 -14.27 -31.29 -27.93
C ARG A 18 -14.91 -31.99 -29.13
N ILE A 19 -16.03 -31.42 -29.57
CA ILE A 19 -16.74 -31.83 -30.77
C ILE A 19 -16.14 -31.12 -31.98
N ASP A 20 -15.74 -29.86 -31.78
CA ASP A 20 -15.13 -29.04 -32.82
C ASP A 20 -13.84 -28.39 -32.32
N ASN A 21 -12.90 -28.22 -33.25
CA ASN A 21 -11.62 -27.52 -33.03
C ASN A 21 -11.31 -26.80 -34.33
N VAL A 22 -10.84 -25.55 -34.25
CA VAL A 22 -10.53 -24.77 -35.45
C VAL A 22 -9.20 -25.25 -36.09
N LEU A 23 -9.30 -25.97 -37.20
CA LEU A 23 -8.13 -26.48 -37.92
C LEU A 23 -7.51 -25.34 -38.75
N TYR A 24 -8.35 -24.70 -39.55
CA TYR A 24 -7.98 -23.55 -40.37
C TYR A 24 -9.10 -22.53 -40.39
N GLU A 25 -8.74 -21.26 -40.54
CA GLU A 25 -9.73 -20.19 -40.75
C GLU A 25 -9.48 -19.52 -42.09
N MSE A 26 -10.55 -19.29 -42.84
CA MSE A 26 -10.49 -18.71 -44.18
C MSE A 26 -11.25 -17.39 -44.22
O MSE A 26 -12.33 -17.27 -43.64
CB MSE A 26 -11.12 -19.68 -45.20
CG MSE A 26 -10.63 -21.10 -45.09
SE MSE A 26 -11.42 -22.28 -46.40
CE MSE A 26 -10.56 -21.59 -48.00
N ARG A 27 -10.66 -16.39 -44.89
CA ARG A 27 -11.36 -15.14 -45.19
C ARG A 27 -11.28 -14.96 -46.72
N ILE A 28 -12.44 -14.77 -47.35
CA ILE A 28 -12.53 -14.67 -48.81
C ILE A 28 -13.25 -13.38 -49.18
N PRO A 29 -12.51 -12.38 -49.72
CA PRO A 29 -13.19 -11.20 -50.28
C PRO A 29 -13.83 -11.63 -51.59
N ALA A 30 -15.15 -11.47 -51.70
CA ALA A 30 -15.90 -12.03 -52.82
C ALA A 30 -16.93 -11.09 -53.40
N GLN A 31 -17.45 -11.49 -54.56
CA GLN A 31 -18.60 -10.86 -55.20
C GLN A 31 -19.84 -11.64 -54.79
N LYS A 32 -20.99 -10.97 -54.85
CA LYS A 32 -22.27 -11.60 -54.54
C LYS A 32 -22.48 -12.79 -55.47
N GLY A 33 -22.78 -13.95 -54.88
CA GLY A 33 -23.00 -15.17 -55.64
C GLY A 33 -21.77 -16.06 -55.84
N ASP A 34 -20.59 -15.63 -55.40
CA ASP A 34 -19.40 -16.49 -55.48
C ASP A 34 -19.59 -17.74 -54.62
N VAL A 35 -19.09 -18.88 -55.11
CA VAL A 35 -19.24 -20.17 -54.42
C VAL A 35 -17.88 -20.82 -54.22
N LEU A 36 -17.56 -21.15 -52.96
CA LEU A 36 -16.36 -21.91 -52.62
C LEU A 36 -16.78 -23.38 -52.82
N ASN A 37 -16.83 -23.81 -54.07
CA ASN A 37 -17.34 -25.14 -54.40
C ASN A 37 -16.51 -26.31 -53.88
N GLU A 38 -15.22 -26.12 -53.63
CA GLU A 38 -14.37 -27.20 -53.13
C GLU A 38 -13.08 -26.72 -52.46
N ILE A 39 -12.69 -27.38 -51.38
CA ILE A 39 -11.37 -27.24 -50.76
C ILE A 39 -10.85 -28.64 -50.47
N THR A 40 -9.51 -28.80 -50.52
CA THR A 40 -8.87 -30.10 -50.26
C THR A 40 -8.03 -29.98 -48.99
N ILE A 41 -8.24 -30.89 -48.04
CA ILE A 41 -7.37 -31.02 -46.87
C ILE A 41 -6.53 -32.27 -47.10
N GLN A 42 -5.21 -32.11 -47.14
CA GLN A 42 -4.29 -33.23 -47.26
C GLN A 42 -3.71 -33.47 -45.87
N ILE A 43 -4.04 -34.60 -45.27
CA ILE A 43 -3.56 -34.94 -43.94
C ILE A 43 -2.16 -35.51 -44.11
N GLY A 44 -1.24 -35.15 -43.21
CA GLY A 44 0.14 -35.60 -43.28
C GLY A 44 0.31 -37.11 -43.25
N ASP A 45 1.34 -37.60 -43.93
CA ASP A 45 1.59 -39.04 -44.05
C ASP A 45 1.82 -39.81 -42.73
N ASN A 46 2.34 -39.12 -41.71
CA ASN A 46 2.60 -39.77 -40.42
C ASN A 46 1.41 -39.77 -39.45
N VAL A 47 0.33 -39.10 -39.81
CA VAL A 47 -0.83 -38.99 -38.94
C VAL A 47 -1.60 -40.30 -38.89
N ASP A 48 -2.06 -40.66 -37.69
CA ASP A 48 -2.90 -41.84 -37.50
C ASP A 48 -4.33 -41.39 -37.77
N LEU A 49 -4.81 -41.70 -38.97
CA LEU A 49 -6.19 -41.39 -39.39
C LEU A 49 -7.27 -41.97 -38.48
N SER A 50 -7.00 -43.10 -37.82
CA SER A 50 -7.96 -43.72 -36.90
C SER A 50 -8.29 -42.90 -35.64
N ASP A 51 -7.53 -41.85 -35.34
CA ASP A 51 -7.81 -40.95 -34.21
C ASP A 51 -8.80 -39.82 -34.56
N ILE A 52 -9.07 -39.61 -35.84
CA ILE A 52 -9.91 -38.51 -36.30
C ILE A 52 -11.35 -39.00 -36.45
N GLN A 53 -12.27 -38.36 -35.75
CA GLN A 53 -13.70 -38.71 -35.79
C GLN A 53 -14.38 -38.01 -36.95
N ALA A 54 -13.99 -36.77 -37.22
CA ALA A 54 -14.59 -36.00 -38.29
C ALA A 54 -13.82 -34.74 -38.64
N ILE A 55 -14.05 -34.27 -39.86
CA ILE A 55 -13.60 -32.98 -40.34
C ILE A 55 -14.81 -32.30 -40.98
N ARG A 56 -15.04 -31.04 -40.62
CA ARG A 56 -16.20 -30.28 -41.10
C ARG A 56 -15.82 -28.96 -41.73
N LEU A 57 -16.57 -28.57 -42.75
CA LEU A 57 -16.45 -27.25 -43.36
C LEU A 57 -17.64 -26.44 -42.87
N PHE A 58 -17.36 -25.22 -42.41
CA PHE A 58 -18.37 -24.30 -41.89
C PHE A 58 -18.36 -22.98 -42.67
N TYR A 59 -19.54 -22.41 -42.84
CA TYR A 59 -19.70 -21.07 -43.39
C TYR A 59 -20.19 -20.21 -42.25
N SER A 60 -19.60 -19.03 -42.08
CA SER A 60 -19.90 -18.16 -40.94
C SER A 60 -20.27 -16.74 -41.35
N GLY A 61 -20.84 -16.60 -42.54
CA GLY A 61 -21.36 -15.33 -43.02
C GLY A 61 -20.29 -14.39 -43.55
N VAL A 62 -20.54 -13.09 -43.36
CA VAL A 62 -19.66 -12.04 -43.85
C VAL A 62 -19.26 -11.14 -42.72
N GLU A 63 -18.17 -10.40 -42.92
CA GLU A 63 -17.68 -9.45 -41.93
C GLU A 63 -18.43 -8.13 -42.06
N ALA A 64 -18.61 -7.45 -40.94
CA ALA A 64 -19.19 -6.10 -40.95
C ALA A 64 -18.15 -5.13 -41.51
N PRO A 65 -18.52 -4.27 -42.48
CA PRO A 65 -17.59 -3.24 -42.96
C PRO A 65 -17.04 -2.30 -41.86
N SER A 66 -17.83 -2.06 -40.81
CA SER A 66 -17.43 -1.19 -39.71
C SER A 66 -16.29 -1.71 -38.84
N ARG A 67 -15.98 -3.01 -38.93
CA ARG A 67 -14.91 -3.58 -38.08
C ARG A 67 -13.51 -3.13 -38.52
N LYS A 68 -12.70 -2.71 -37.55
CA LYS A 68 -11.34 -2.25 -37.81
CA LYS A 68 -11.34 -2.25 -37.79
C LYS A 68 -10.41 -3.42 -38.10
N GLY A 69 -9.47 -3.21 -39.03
CA GLY A 69 -8.46 -4.21 -39.35
C GLY A 69 -8.93 -5.40 -40.16
N GLU A 70 -8.02 -6.36 -40.29
CA GLU A 70 -8.26 -7.60 -41.00
C GLU A 70 -8.37 -8.70 -39.96
N HIS A 71 -9.39 -9.55 -40.10
CA HIS A 71 -9.62 -10.65 -39.19
C HIS A 71 -9.97 -11.93 -39.94
N PHE A 72 -9.83 -13.05 -39.24
CA PHE A 72 -10.08 -14.38 -39.81
C PHE A 72 -11.37 -15.04 -39.33
N SER A 73 -12.16 -14.31 -38.56
CA SER A 73 -13.46 -14.77 -38.10
C SER A 73 -14.27 -13.56 -37.62
N PRO A 74 -15.61 -13.63 -37.69
CA PRO A 74 -16.42 -12.52 -37.19
C PRO A 74 -16.67 -12.57 -35.67
N VAL A 75 -16.41 -13.73 -35.07
CA VAL A 75 -16.65 -14.00 -33.66
C VAL A 75 -15.72 -15.14 -33.26
N THR A 76 -15.73 -15.50 -31.98
CA THR A 76 -15.03 -16.69 -31.50
CA THR A 76 -15.01 -16.69 -31.52
C THR A 76 -15.96 -17.86 -31.80
N TYR A 77 -15.55 -18.77 -32.66
CA TYR A 77 -16.42 -19.87 -33.13
C TYR A 77 -16.77 -20.95 -32.09
N ILE A 78 -15.81 -21.27 -31.24
CA ILE A 78 -15.96 -22.27 -30.20
C ILE A 78 -15.55 -21.58 -28.91
N SER A 79 -16.50 -21.41 -28.00
CA SER A 79 -16.27 -20.67 -26.78
C SER A 79 -15.43 -21.44 -25.76
N SER A 80 -14.66 -20.70 -24.98
CA SER A 80 -13.98 -21.23 -23.80
C SER A 80 -14.44 -20.45 -22.56
N HIS A 81 -15.56 -19.71 -22.69
CA HIS A 81 -16.07 -18.82 -21.64
CA HIS A 81 -16.06 -18.86 -21.61
C HIS A 81 -17.54 -19.05 -21.28
N ILE A 82 -18.38 -19.35 -22.28
CA ILE A 82 -19.82 -19.50 -22.02
C ILE A 82 -20.05 -20.74 -21.15
N PRO A 83 -20.61 -20.57 -19.93
CA PRO A 83 -20.77 -21.73 -19.04
C PRO A 83 -21.58 -22.88 -19.66
N GLY A 84 -20.97 -24.05 -19.74
CA GLY A 84 -21.62 -25.24 -20.27
C GLY A 84 -21.79 -25.30 -21.77
N ASN A 85 -21.13 -24.40 -22.52
CA ASN A 85 -21.23 -24.40 -23.98
C ASN A 85 -19.88 -24.07 -24.60
N THR A 86 -18.93 -24.98 -24.41
CA THR A 86 -17.53 -24.78 -24.77
C THR A 86 -16.91 -25.92 -25.56
N ARG A 87 -17.72 -26.88 -26.00
CA ARG A 87 -17.23 -28.09 -26.67
C ARG A 87 -17.58 -28.24 -28.15
N LYS A 88 -18.72 -27.64 -28.55
CA LYS A 88 -19.24 -27.68 -29.91
CA LYS A 88 -19.21 -27.69 -29.91
C LYS A 88 -19.24 -26.28 -30.52
N ALA A 89 -19.02 -26.19 -31.83
CA ALA A 89 -19.08 -24.91 -32.52
C ALA A 89 -20.42 -24.25 -32.21
N LEU A 90 -20.39 -22.97 -31.86
CA LEU A 90 -21.62 -22.23 -31.58
C LEU A 90 -22.48 -22.18 -32.87
N GLU A 91 -23.68 -22.78 -32.78
CA GLU A 91 -24.59 -22.85 -33.92
C GLU A 91 -25.04 -21.48 -34.42
N SER A 92 -25.10 -20.50 -33.52
CA SER A 92 -25.43 -19.12 -33.88
C SER A 92 -24.58 -18.50 -34.99
N TYR A 93 -23.31 -18.91 -35.10
CA TYR A 93 -22.33 -18.25 -35.97
C TYR A 93 -21.70 -19.10 -37.08
N SER A 94 -22.04 -20.38 -37.16
CA SER A 94 -21.45 -21.29 -38.15
C SER A 94 -22.49 -22.29 -38.68
N VAL A 95 -22.58 -22.40 -40.01
CA VAL A 95 -23.51 -23.30 -40.69
C VAL A 95 -22.69 -24.40 -41.36
N ARG A 96 -22.92 -25.65 -41.00
CA ARG A 96 -22.17 -26.78 -41.59
C ARG A 96 -22.46 -26.86 -43.09
N GLN A 97 -21.39 -26.93 -43.89
CA GLN A 97 -21.48 -27.05 -45.35
C GLN A 97 -21.24 -28.49 -45.79
N ASP A 98 -20.24 -29.12 -45.20
CA ASP A 98 -19.89 -30.50 -45.53
C ASP A 98 -19.23 -31.15 -44.31
N GLU A 99 -19.11 -32.48 -44.37
CA GLU A 99 -18.56 -33.25 -43.28
C GLU A 99 -18.08 -34.58 -43.79
N VAL A 100 -16.94 -35.03 -43.28
CA VAL A 100 -16.43 -36.38 -43.51
C VAL A 100 -16.20 -36.99 -42.13
N THR A 101 -16.69 -38.21 -41.91
CA THR A 101 -16.60 -38.87 -40.61
C THR A 101 -15.78 -40.14 -40.71
N ALA A 102 -15.33 -40.64 -39.56
CA ALA A 102 -14.50 -41.86 -39.48
C ALA A 102 -15.15 -43.02 -40.24
N PRO A 103 -14.35 -43.85 -40.95
CA PRO A 103 -12.89 -43.77 -41.11
C PRO A 103 -12.50 -42.69 -42.12
N LEU A 104 -11.60 -41.80 -41.71
CA LEU A 104 -11.16 -40.73 -42.60
C LEU A 104 -10.14 -41.21 -43.62
N SER A 105 -10.16 -40.55 -44.78
CA SER A 105 -9.21 -40.79 -45.86
C SER A 105 -8.09 -39.75 -45.74
N ARG A 106 -6.92 -40.09 -46.27
CA ARG A 106 -5.73 -39.22 -46.22
C ARG A 106 -5.99 -37.85 -46.86
N THR A 107 -6.76 -37.85 -47.95
CA THR A 107 -7.17 -36.63 -48.65
C THR A 107 -8.67 -36.44 -48.42
N VAL A 108 -9.06 -35.23 -48.04
CA VAL A 108 -10.45 -34.89 -47.73
C VAL A 108 -10.89 -33.71 -48.58
N LYS A 109 -11.85 -33.94 -49.47
CA LYS A 109 -12.46 -32.89 -50.27
C LYS A 109 -13.73 -32.46 -49.53
N LEU A 110 -13.89 -31.16 -49.35
CA LEU A 110 -15.05 -30.58 -48.68
C LEU A 110 -15.67 -29.56 -49.62
N THR A 111 -16.97 -29.62 -49.82
CA THR A 111 -17.68 -28.75 -50.77
C THR A 111 -18.75 -27.88 -50.13
N SER A 112 -19.08 -26.79 -50.80
CA SER A 112 -20.13 -25.87 -50.37
C SER A 112 -20.88 -25.36 -51.60
N LYS A 113 -22.18 -25.12 -51.44
CA LYS A 113 -23.04 -24.55 -52.49
C LYS A 113 -23.51 -23.14 -52.08
N GLN A 114 -22.90 -22.57 -51.05
CA GLN A 114 -23.34 -21.28 -50.51
C GLN A 114 -22.97 -20.12 -51.42
N PRO A 115 -23.98 -19.38 -51.92
CA PRO A 115 -23.63 -18.17 -52.63
C PRO A 115 -23.18 -17.11 -51.60
N MSE A 116 -21.96 -16.62 -51.75
CA MSE A 116 -21.41 -15.60 -50.86
C MSE A 116 -22.06 -14.24 -51.08
O MSE A 116 -22.67 -14.00 -52.11
CB MSE A 116 -19.91 -15.49 -51.06
CG MSE A 116 -19.17 -16.71 -50.60
SE MSE A 116 -17.27 -16.52 -50.83
CE MSE A 116 -17.05 -18.19 -51.87
N LEU A 117 -21.90 -13.37 -50.08
CA LEU A 117 -22.32 -11.97 -50.18
C LEU A 117 -21.11 -11.15 -50.61
N LYS A 118 -21.37 -10.00 -51.23
CA LYS A 118 -20.31 -9.05 -51.56
C LYS A 118 -19.72 -8.57 -50.25
N GLY A 119 -18.41 -8.75 -50.09
CA GLY A 119 -17.69 -8.44 -48.86
C GLY A 119 -16.76 -9.57 -48.49
N ILE A 120 -16.27 -9.53 -47.27
CA ILE A 120 -15.34 -10.54 -46.74
C ILE A 120 -16.18 -11.69 -46.18
N ASN A 121 -16.14 -12.85 -46.84
CA ASN A 121 -16.87 -14.03 -46.36
C ASN A 121 -15.94 -14.94 -45.56
N TYR A 122 -16.49 -15.56 -44.52
CA TYR A 122 -15.76 -16.47 -43.64
C TYR A 122 -16.15 -17.94 -43.79
N PHE A 123 -15.14 -18.79 -43.97
CA PHE A 123 -15.28 -20.24 -43.90
C PHE A 123 -14.22 -20.76 -42.94
N TRP A 124 -14.50 -21.87 -42.26
CA TRP A 124 -13.48 -22.53 -41.44
C TRP A 124 -13.63 -24.05 -41.45
N VAL A 125 -12.51 -24.72 -41.18
CA VAL A 125 -12.44 -26.16 -41.18
C VAL A 125 -12.26 -26.63 -39.74
N SER A 126 -13.14 -27.53 -39.30
CA SER A 126 -13.11 -28.10 -37.96
C SER A 126 -12.60 -29.52 -37.98
N ILE A 127 -11.85 -29.90 -36.96
CA ILE A 127 -11.41 -31.28 -36.78
C ILE A 127 -11.90 -31.79 -35.42
N GLN A 128 -12.48 -32.98 -35.42
CA GLN A 128 -12.91 -33.68 -34.23
C GLN A 128 -12.07 -34.94 -34.08
N MSE A 129 -11.47 -35.09 -32.91
CA MSE A 129 -10.71 -36.29 -32.58
C MSE A 129 -11.64 -37.22 -31.83
O MSE A 129 -12.67 -36.80 -31.34
CB MSE A 129 -9.50 -35.94 -31.71
CG MSE A 129 -8.61 -34.85 -32.29
SE MSE A 129 -7.96 -35.22 -34.08
CE MSE A 129 -6.77 -36.71 -33.63
N LYS A 130 -11.28 -38.50 -31.77
CA LYS A 130 -12.00 -39.44 -30.92
C LYS A 130 -11.52 -39.16 -29.48
N PRO A 131 -12.41 -39.33 -28.48
CA PRO A 131 -12.06 -39.02 -27.08
C PRO A 131 -10.93 -39.85 -26.45
N GLU A 132 -10.65 -41.03 -27.01
CA GLU A 132 -9.62 -41.93 -26.51
CA GLU A 132 -9.63 -41.94 -26.51
C GLU A 132 -8.26 -41.68 -27.18
N THR A 133 -8.19 -40.66 -28.04
CA THR A 133 -6.97 -40.31 -28.78
C THR A 133 -5.77 -40.08 -27.86
N SER A 134 -4.62 -40.65 -28.23
CA SER A 134 -3.39 -40.48 -27.48
C SER A 134 -3.02 -39.01 -27.38
N LEU A 135 -2.71 -38.56 -26.17
CA LEU A 135 -2.28 -37.16 -25.95
C LEU A 135 -0.96 -36.84 -26.66
N LEU A 136 -0.20 -37.86 -27.06
CA LEU A 136 1.02 -37.64 -27.84
C LEU A 136 0.78 -37.59 -29.35
N ALA A 137 -0.46 -37.78 -29.81
CA ALA A 137 -0.76 -37.74 -31.26
C ALA A 137 -0.59 -36.34 -31.82
N LYS A 138 0.09 -36.25 -32.97
CA LYS A 138 0.28 -34.98 -33.68
C LYS A 138 -0.50 -35.01 -34.98
N VAL A 139 -1.04 -33.86 -35.36
CA VAL A 139 -1.85 -33.73 -36.57
C VAL A 139 -1.27 -32.68 -37.51
N ALA A 140 -0.51 -33.15 -38.50
CA ALA A 140 0.01 -32.29 -39.57
C ALA A 140 -0.98 -32.33 -40.73
N THR A 141 -1.33 -31.16 -41.27
CA THR A 141 -2.18 -31.05 -42.46
C THR A 141 -1.74 -29.90 -43.35
N THR A 142 -2.25 -29.91 -44.58
CA THR A 142 -2.11 -28.80 -45.51
C THR A 142 -3.43 -28.62 -46.24
N MSE A 143 -3.62 -27.45 -46.85
CA MSE A 143 -4.75 -27.19 -47.71
C MSE A 143 -4.17 -26.82 -49.07
O MSE A 143 -4.01 -25.64 -49.37
CB MSE A 143 -5.64 -26.09 -47.15
CG MSE A 143 -6.92 -25.92 -47.94
SE MSE A 143 -7.83 -24.30 -47.42
CE MSE A 143 -8.14 -24.70 -45.53
N PRO A 144 -3.84 -27.84 -49.89
CA PRO A 144 -3.16 -27.56 -51.15
C PRO A 144 -4.00 -26.93 -52.25
N ASN A 145 -5.32 -27.14 -52.22
CA ASN A 145 -6.20 -26.64 -53.28
CA ASN A 145 -6.23 -26.66 -53.28
C ASN A 145 -7.50 -26.02 -52.73
N ALA A 146 -8.01 -25.04 -53.47
CA ALA A 146 -9.26 -24.36 -53.16
C ALA A 146 -9.84 -23.87 -54.49
N GLN A 147 -11.16 -24.02 -54.65
CA GLN A 147 -11.85 -23.65 -55.89
C GLN A 147 -12.98 -22.68 -55.58
N ILE A 148 -13.02 -21.55 -56.30
CA ILE A 148 -14.16 -20.63 -56.25
C ILE A 148 -14.72 -20.50 -57.68
N ASN A 149 -16.03 -20.65 -57.80
CA ASN A 149 -16.74 -20.62 -59.09
C ASN A 149 -16.15 -21.60 -60.11
N ASN A 150 -15.86 -22.82 -59.65
CA ASN A 150 -15.31 -23.89 -60.48
C ASN A 150 -13.97 -23.54 -61.15
N LYS A 151 -13.21 -22.66 -60.51
CA LYS A 151 -11.90 -22.20 -60.96
C LYS A 151 -10.93 -22.25 -59.78
N PRO A 152 -9.71 -22.80 -59.96
CA PRO A 152 -8.77 -22.80 -58.84
C PRO A 152 -8.36 -21.37 -58.48
N ILE A 153 -8.18 -21.13 -57.18
CA ILE A 153 -7.80 -19.80 -56.67
C ILE A 153 -6.58 -19.95 -55.76
N ASN A 154 -5.54 -19.16 -56.01
CA ASN A 154 -4.29 -19.22 -55.23
C ASN A 154 -4.55 -18.80 -53.79
N ILE A 155 -4.07 -19.60 -52.85
CA ILE A 155 -4.27 -19.35 -51.43
C ILE A 155 -3.10 -18.54 -50.86
N THR A 156 -3.41 -17.42 -50.23
CA THR A 156 -2.41 -16.57 -49.61
C THR A 156 -2.35 -16.90 -48.13
N TRP A 157 -1.28 -17.57 -47.72
CA TRP A 157 -1.14 -18.02 -46.33
C TRP A 157 -0.69 -16.89 -45.42
N LYS A 158 -1.37 -16.77 -44.27
CA LYS A 158 -1.06 -15.76 -43.25
CA LYS A 158 -1.06 -15.76 -43.25
C LYS A 158 -0.82 -16.46 -41.91
N GLY A 159 -0.17 -17.63 -41.96
CA GLY A 159 0.12 -18.44 -40.78
C GLY A 159 -0.09 -19.92 -41.08
N LYS A 160 0.98 -20.71 -40.91
CA LYS A 160 0.94 -22.16 -41.11
C LYS A 160 1.78 -22.85 -40.04
N VAL A 161 1.34 -24.03 -39.61
CA VAL A 161 2.01 -24.84 -38.60
C VAL A 161 2.48 -26.14 -39.22
N ASP A 162 3.64 -26.65 -38.80
CA ASP A 162 4.14 -27.95 -39.29
C ASP A 162 3.28 -29.10 -38.76
N GLU A 163 3.06 -29.12 -37.45
CA GLU A 163 2.22 -30.14 -36.82
C GLU A 163 1.48 -29.57 -35.61
N ARG A 164 0.22 -29.95 -35.48
CA ARG A 164 -0.63 -29.53 -34.38
C ARG A 164 -0.56 -30.60 -33.29
N HIS A 165 -0.67 -30.14 -32.04
CA HIS A 165 -0.67 -30.99 -30.85
C HIS A 165 -2.09 -31.15 -30.33
N VAL A 166 -2.40 -32.32 -29.77
CA VAL A 166 -3.68 -32.54 -29.12
C VAL A 166 -3.55 -32.17 -27.65
N GLY A 167 -4.69 -32.16 -26.96
CA GLY A 167 -4.72 -31.93 -25.52
C GLY A 167 -6.08 -32.31 -24.97
N ILE A 168 -6.27 -32.08 -23.67
CA ILE A 168 -7.57 -32.34 -23.03
C ILE A 168 -7.98 -31.16 -22.14
N GLY A 169 -9.22 -30.72 -22.30
CA GLY A 169 -9.78 -29.66 -21.51
C GLY A 169 -10.31 -30.20 -20.20
N VAL A 170 -9.39 -30.48 -19.27
CA VAL A 170 -9.72 -31.07 -17.95
C VAL A 170 -10.80 -30.28 -17.23
N ARG A 171 -10.75 -28.95 -17.31
CA ARG A 171 -11.79 -28.06 -16.76
C ARG A 171 -12.12 -27.01 -17.80
N GLN A 172 -13.42 -26.79 -18.00
CA GLN A 172 -13.90 -25.82 -18.96
C GLN A 172 -15.02 -25.03 -18.30
N ALA A 173 -15.25 -23.81 -18.81
CA ALA A 173 -16.27 -22.90 -18.25
C ALA A 173 -17.62 -23.58 -18.01
N GLY A 174 -18.14 -23.48 -16.80
CA GLY A 174 -19.42 -24.10 -16.43
C GLY A 174 -19.39 -25.51 -15.87
N ASP A 175 -18.26 -26.22 -16.01
CA ASP A 175 -18.10 -27.59 -15.45
C ASP A 175 -18.40 -27.59 -13.95
N ASP A 176 -19.19 -28.56 -13.51
CA ASP A 176 -19.59 -28.70 -12.11
C ASP A 176 -20.18 -27.43 -11.48
N GLY A 177 -20.88 -26.63 -12.28
CA GLY A 177 -21.51 -25.41 -11.80
C GLY A 177 -20.59 -24.25 -11.45
N SER A 178 -19.33 -24.29 -11.87
CA SER A 178 -18.39 -23.18 -11.66
C SER A 178 -18.22 -22.44 -12.98
N ALA A 179 -18.39 -21.12 -12.94
CA ALA A 179 -18.23 -20.28 -14.14
C ALA A 179 -16.82 -20.40 -14.69
N ALA A 180 -15.83 -20.44 -13.80
CA ALA A 180 -14.44 -20.45 -14.23
C ALA A 180 -13.52 -21.23 -13.32
N PHE A 181 -12.33 -21.48 -13.84
CA PHE A 181 -11.26 -22.17 -13.14
C PHE A 181 -9.97 -21.47 -13.51
N ARG A 182 -9.12 -21.21 -12.50
CA ARG A 182 -7.83 -20.56 -12.70
C ARG A 182 -6.74 -21.07 -11.78
N ILE A 183 -5.51 -20.68 -12.11
CA ILE A 183 -4.34 -20.87 -11.26
C ILE A 183 -3.97 -22.35 -11.16
N PRO A 184 -3.39 -22.91 -12.24
CA PRO A 184 -3.02 -24.31 -12.29
C PRO A 184 -1.78 -24.68 -11.47
N GLY A 185 -1.81 -25.86 -10.87
CA GLY A 185 -0.66 -26.46 -10.19
C GLY A 185 -0.65 -27.94 -10.57
N LEU A 186 0.53 -28.51 -10.81
CA LEU A 186 0.64 -29.89 -11.30
C LEU A 186 1.82 -30.62 -10.68
N VAL A 187 1.55 -31.81 -10.18
CA VAL A 187 2.59 -32.71 -9.69
C VAL A 187 2.31 -34.11 -10.17
N THR A 188 3.35 -34.94 -10.12
CA THR A 188 3.25 -36.36 -10.39
C THR A 188 3.71 -37.07 -9.12
N THR A 189 2.84 -37.90 -8.57
CA THR A 189 3.12 -38.58 -7.30
C THR A 189 4.13 -39.71 -7.51
N ASN A 190 4.53 -40.35 -6.40
CA ASN A 190 5.45 -41.50 -6.46
C ASN A 190 4.82 -42.73 -7.15
N ASN A 191 3.49 -42.76 -7.23
CA ASN A 191 2.75 -43.82 -7.95
C ASN A 191 2.52 -43.53 -9.43
N GLY A 192 2.96 -42.37 -9.91
CA GLY A 192 2.77 -41.95 -11.30
C GLY A 192 1.46 -41.21 -11.55
N THR A 193 0.73 -40.91 -10.48
CA THR A 193 -0.56 -40.23 -10.56
C THR A 193 -0.38 -38.73 -10.78
N LEU A 194 -1.12 -38.17 -11.74
CA LEU A 194 -1.10 -36.73 -11.98
C LEU A 194 -2.18 -36.09 -11.11
N LEU A 195 -1.80 -35.03 -10.37
CA LEU A 195 -2.74 -34.26 -9.57
C LEU A 195 -2.67 -32.81 -10.04
N GLY A 196 -3.77 -32.34 -10.64
CA GLY A 196 -3.87 -30.98 -11.15
C GLY A 196 -4.72 -30.17 -10.20
N VAL A 197 -4.14 -29.11 -9.63
CA VAL A 197 -4.85 -28.25 -8.67
C VAL A 197 -5.21 -26.93 -9.35
N TYR A 198 -6.28 -26.29 -8.89
CA TYR A 198 -6.76 -25.03 -9.44
C TYR A 198 -7.78 -24.36 -8.51
N ASP A 199 -8.03 -23.08 -8.75
CA ASP A 199 -9.14 -22.36 -8.10
C ASP A 199 -10.42 -22.80 -8.77
N ILE A 200 -11.46 -23.03 -7.97
CA ILE A 200 -12.80 -23.23 -8.45
C ILE A 200 -13.46 -21.86 -8.30
N ARG A 201 -13.50 -21.09 -9.38
CA ARG A 201 -14.05 -19.72 -9.34
C ARG A 201 -15.50 -19.74 -9.79
N TYR A 202 -16.35 -20.07 -8.83
CA TYR A 202 -17.77 -20.35 -9.07
C TYR A 202 -18.58 -19.28 -9.78
N ASN A 203 -18.39 -18.02 -9.41
CA ASN A 203 -19.25 -16.92 -9.88
C ASN A 203 -18.71 -16.10 -11.04
N SER A 204 -17.39 -15.99 -11.15
CA SER A 204 -16.76 -15.27 -12.26
C SER A 204 -15.28 -15.66 -12.32
N SER A 205 -14.54 -15.06 -13.25
CA SER A 205 -13.11 -15.31 -13.34
C SER A 205 -12.29 -14.44 -12.37
N VAL A 206 -12.94 -13.65 -11.51
CA VAL A 206 -12.18 -12.71 -10.66
C VAL A 206 -11.42 -13.41 -9.55
N ASP A 207 -10.32 -12.77 -9.15
CA ASP A 207 -9.49 -13.21 -8.03
C ASP A 207 -10.24 -13.05 -6.71
N LEU A 208 -9.67 -13.58 -5.63
CA LEU A 208 -10.20 -13.36 -4.27
C LEU A 208 -10.33 -11.85 -4.06
N GLN A 209 -11.33 -11.34 -3.33
CA GLN A 209 -12.35 -12.12 -2.64
C GLN A 209 -13.49 -12.54 -3.55
N GLU A 210 -13.99 -13.76 -3.32
CA GLU A 210 -15.17 -14.33 -3.97
C GLU A 210 -15.38 -15.75 -3.44
N LYS A 211 -16.46 -16.39 -3.88
CA LYS A 211 -16.70 -17.79 -3.57
C LYS A 211 -15.74 -18.62 -4.44
N ILE A 212 -14.62 -19.00 -3.84
CA ILE A 212 -13.58 -19.77 -4.52
C ILE A 212 -13.15 -20.93 -3.60
N ASP A 213 -13.06 -22.13 -4.16
CA ASP A 213 -12.54 -23.31 -3.46
C ASP A 213 -11.33 -23.81 -4.20
N ILE A 214 -10.62 -24.75 -3.58
CA ILE A 214 -9.48 -25.40 -4.23
C ILE A 214 -9.94 -26.77 -4.72
N GLY A 215 -9.75 -27.02 -6.01
CA GLY A 215 -10.14 -28.26 -6.65
C GLY A 215 -8.92 -29.06 -7.05
N VAL A 216 -9.09 -30.39 -7.09
CA VAL A 216 -8.06 -31.31 -7.54
C VAL A 216 -8.69 -32.27 -8.55
N SER A 217 -8.03 -32.39 -9.71
CA SER A 217 -8.38 -33.36 -10.74
C SER A 217 -7.24 -34.37 -10.76
N ARG A 218 -7.59 -35.64 -10.59
CA ARG A 218 -6.63 -36.73 -10.48
C ARG A 218 -6.70 -37.65 -11.68
N SER A 219 -5.54 -38.00 -12.25
CA SER A 219 -5.47 -38.96 -13.37
C SER A 219 -4.50 -40.08 -13.08
N THR A 220 -4.94 -41.31 -13.30
CA THR A 220 -4.12 -42.51 -13.11
C THR A 220 -3.68 -43.13 -14.45
N ASP A 221 -3.88 -42.41 -15.56
CA ASP A 221 -3.50 -42.91 -16.89
C ASP A 221 -2.79 -41.84 -17.75
N LYS A 222 -1.89 -41.10 -17.10
CA LYS A 222 -1.05 -40.09 -17.75
C LYS A 222 -1.83 -38.98 -18.47
N GLY A 223 -2.99 -38.63 -17.92
CA GLY A 223 -3.81 -37.54 -18.43
C GLY A 223 -4.89 -37.87 -19.45
N GLN A 224 -4.97 -39.11 -19.91
CA GLN A 224 -6.01 -39.53 -20.86
C GLN A 224 -7.42 -39.37 -20.28
N THR A 225 -7.61 -39.73 -19.02
CA THR A 225 -8.88 -39.52 -18.32
C THR A 225 -8.61 -38.95 -16.94
N TRP A 226 -9.62 -38.26 -16.42
CA TRP A 226 -9.52 -37.57 -15.13
C TRP A 226 -10.72 -37.93 -14.27
N GLU A 227 -10.46 -38.18 -12.98
CA GLU A 227 -11.49 -38.53 -12.03
C GLU A 227 -12.33 -37.30 -11.71
N PRO A 228 -13.53 -37.50 -11.14
CA PRO A 228 -14.35 -36.35 -10.75
C PRO A 228 -13.60 -35.39 -9.84
N MSE A 229 -13.87 -34.10 -10.00
CA MSE A 229 -13.21 -33.08 -9.20
C MSE A 229 -13.40 -33.32 -7.71
O MSE A 229 -14.49 -33.65 -7.24
CB MSE A 229 -13.76 -31.69 -9.56
CG MSE A 229 -13.24 -30.58 -8.70
SE MSE A 229 -13.80 -28.90 -9.42
CE MSE A 229 -15.69 -28.98 -9.03
N ARG A 230 -12.31 -33.16 -6.97
CA ARG A 230 -12.33 -33.24 -5.51
C ARG A 230 -12.12 -31.82 -5.02
N VAL A 231 -12.93 -31.40 -4.05
CA VAL A 231 -12.73 -30.11 -3.38
C VAL A 231 -11.70 -30.35 -2.27
N ALA A 232 -10.47 -29.91 -2.52
CA ALA A 232 -9.36 -30.09 -1.59
C ALA A 232 -9.43 -29.12 -0.40
N MSE A 233 -10.04 -27.94 -0.61
CA MSE A 233 -10.18 -26.98 0.48
C MSE A 233 -11.32 -26.01 0.23
O MSE A 233 -11.51 -25.52 -0.89
CB MSE A 233 -8.87 -26.20 0.67
CG MSE A 233 -8.63 -25.78 2.09
SE MSE A 233 -6.98 -24.79 2.28
CE MSE A 233 -5.75 -25.72 1.09
N THR A 234 -12.08 -25.76 1.29
CA THR A 234 -13.21 -24.84 1.26
C THR A 234 -13.48 -24.33 2.66
N PHE A 235 -13.98 -23.10 2.74
CA PHE A 235 -14.36 -22.51 4.03
C PHE A 235 -15.83 -22.16 4.16
N LYS A 236 -16.63 -22.58 3.17
CA LYS A 236 -18.10 -22.44 3.16
C LYS A 236 -18.57 -21.18 3.92
N GLN A 237 -19.26 -21.33 5.06
CA GLN A 237 -19.77 -20.19 5.80
C GLN A 237 -19.07 -20.06 7.16
N THR A 238 -17.73 -20.12 7.14
CA THR A 238 -16.93 -19.99 8.37
C THR A 238 -17.33 -18.70 9.11
N ASP A 239 -17.60 -18.84 10.40
CA ASP A 239 -18.05 -17.77 11.32
C ASP A 239 -19.39 -17.12 10.92
N GLY A 240 -20.17 -17.80 10.07
CA GLY A 240 -21.46 -17.30 9.61
C GLY A 240 -21.43 -16.34 8.44
N LEU A 241 -20.25 -15.96 7.96
CA LEU A 241 -20.15 -15.09 6.79
C LEU A 241 -20.52 -15.89 5.53
N PRO A 242 -20.98 -15.20 4.47
CA PRO A 242 -21.26 -15.91 3.22
C PRO A 242 -20.01 -16.57 2.63
N HIS A 243 -20.21 -17.62 1.82
CA HIS A 243 -19.13 -18.32 1.13
C HIS A 243 -18.39 -17.33 0.22
N GLY A 244 -19.16 -16.41 -0.36
CA GLY A 244 -18.63 -15.31 -1.15
C GLY A 244 -17.62 -14.41 -0.46
N GLN A 245 -17.67 -14.35 0.87
CA GLN A 245 -16.65 -13.66 1.68
C GLN A 245 -15.83 -14.66 2.50
N ASN A 246 -15.52 -15.81 1.90
CA ASN A 246 -14.76 -16.90 2.53
C ASN A 246 -13.95 -17.71 1.51
N GLY A 247 -13.52 -17.09 0.42
CA GLY A 247 -12.79 -17.78 -0.63
C GLY A 247 -11.41 -18.26 -0.20
N VAL A 248 -10.94 -19.31 -0.88
CA VAL A 248 -9.57 -19.78 -0.70
C VAL A 248 -9.03 -20.02 -2.11
N GLY A 249 -7.83 -19.51 -2.40
CA GLY A 249 -7.33 -19.57 -3.76
C GLY A 249 -5.84 -19.50 -3.97
N ASP A 250 -5.46 -19.43 -5.25
CA ASP A 250 -4.08 -19.38 -5.71
C ASP A 250 -3.25 -20.55 -5.16
N PRO A 251 -3.70 -21.80 -5.44
CA PRO A 251 -3.04 -22.95 -4.84
C PRO A 251 -1.64 -23.24 -5.35
N SER A 252 -0.84 -23.84 -4.47
CA SER A 252 0.45 -24.43 -4.85
C SER A 252 0.46 -25.83 -4.26
N ILE A 253 0.90 -26.81 -5.04
CA ILE A 253 0.91 -28.22 -4.65
C ILE A 253 2.34 -28.76 -4.70
N LEU A 254 2.68 -29.70 -3.81
CA LEU A 254 3.97 -30.38 -3.84
C LEU A 254 3.82 -31.81 -3.39
N VAL A 255 4.70 -32.68 -3.90
CA VAL A 255 4.74 -34.06 -3.46
C VAL A 255 5.92 -34.16 -2.53
N ASP A 256 5.68 -34.61 -1.30
CA ASP A 256 6.76 -34.98 -0.40
C ASP A 256 7.24 -36.31 -0.97
N GLU A 257 8.35 -36.27 -1.71
CA GLU A 257 8.86 -37.43 -2.44
C GLU A 257 9.45 -38.51 -1.54
N LYS A 258 9.68 -38.18 -0.26
CA LYS A 258 10.19 -39.15 0.73
C LYS A 258 9.09 -40.08 1.23
N THR A 259 7.85 -39.58 1.35
CA THR A 259 6.71 -40.35 1.87
C THR A 259 5.50 -40.49 0.92
N ASN A 260 5.53 -39.79 -0.21
CA ASN A 260 4.39 -39.61 -1.14
C ASN A 260 3.22 -38.78 -0.57
N THR A 261 3.41 -38.13 0.58
CA THR A 261 2.37 -37.24 1.13
C THR A 261 2.29 -36.03 0.21
N ILE A 262 1.06 -35.67 -0.18
CA ILE A 262 0.81 -34.54 -1.07
CA ILE A 262 0.82 -34.54 -1.07
C ILE A 262 0.31 -33.37 -0.23
N TRP A 263 0.89 -32.18 -0.46
CA TRP A 263 0.55 -30.96 0.28
C TRP A 263 0.06 -29.87 -0.67
N VAL A 264 -1.05 -29.22 -0.32
CA VAL A 264 -1.56 -28.07 -1.08
C VAL A 264 -1.62 -26.87 -0.13
N VAL A 265 -1.01 -25.75 -0.54
CA VAL A 265 -1.06 -24.49 0.23
C VAL A 265 -1.87 -23.48 -0.57
N ALA A 266 -2.78 -22.79 0.10
CA ALA A 266 -3.65 -21.80 -0.51
C ALA A 266 -3.88 -20.65 0.47
N ALA A 267 -4.46 -19.57 -0.02
CA ALA A 267 -4.73 -18.38 0.80
C ALA A 267 -6.22 -18.23 1.04
N TRP A 268 -6.64 -18.31 2.31
CA TRP A 268 -8.04 -18.10 2.71
C TRP A 268 -8.23 -16.63 3.07
N THR A 269 -9.18 -15.97 2.40
CA THR A 269 -9.56 -14.57 2.67
C THR A 269 -10.96 -14.54 3.28
N HIS A 270 -11.11 -13.83 4.40
CA HIS A 270 -12.34 -13.79 5.19
C HIS A 270 -12.83 -12.34 5.27
N GLY A 271 -14.11 -12.13 4.96
CA GLY A 271 -14.71 -10.80 4.91
C GLY A 271 -14.35 -10.12 3.61
N MSE A 272 -13.94 -8.85 3.69
CA MSE A 272 -13.39 -8.09 2.55
C MSE A 272 -14.35 -7.80 1.38
O MSE A 272 -13.89 -7.61 0.25
CB MSE A 272 -12.13 -8.78 1.99
CG MSE A 272 -11.15 -9.29 3.02
SE MSE A 272 -9.48 -9.75 2.14
CE MSE A 272 -8.51 -10.42 3.68
N GLY A 273 -15.66 -7.75 1.64
CA GLY A 273 -16.64 -7.44 0.60
C GLY A 273 -16.56 -8.26 -0.67
N ASN A 274 -16.76 -7.61 -1.81
CA ASN A 274 -16.63 -8.24 -3.12
C ASN A 274 -15.49 -7.60 -3.95
N GLU A 275 -14.45 -7.13 -3.25
CA GLU A 275 -13.29 -6.51 -3.90
C GLU A 275 -12.08 -7.45 -3.86
N ARG A 276 -11.01 -7.05 -4.54
CA ARG A 276 -9.83 -7.89 -4.66
C ARG A 276 -8.97 -7.86 -3.40
N ALA A 277 -8.63 -9.07 -2.93
CA ALA A 277 -7.87 -9.27 -1.69
C ALA A 277 -6.51 -8.59 -1.73
N TRP A 278 -5.94 -8.42 -2.93
CA TRP A 278 -4.67 -7.71 -3.10
C TRP A 278 -4.71 -6.30 -2.49
N TRP A 279 -5.89 -5.65 -2.51
CA TRP A 279 -6.09 -4.31 -1.92
C TRP A 279 -6.79 -4.30 -0.56
N ASN A 280 -7.16 -5.47 -0.03
CA ASN A 280 -7.95 -5.53 1.21
C ASN A 280 -7.40 -6.37 2.35
N SER A 281 -6.47 -7.30 2.06
CA SER A 281 -5.74 -7.98 3.12
C SER A 281 -4.91 -6.88 3.79
N MSE A 282 -4.99 -6.79 5.11
CA MSE A 282 -4.33 -5.73 5.89
C MSE A 282 -3.27 -6.30 6.86
O MSE A 282 -3.16 -7.51 6.99
CB MSE A 282 -5.39 -4.96 6.68
CG MSE A 282 -6.34 -4.16 5.82
SE MSE A 282 -5.46 -2.61 5.01
CE MSE A 282 -6.45 -2.55 3.34
N PRO A 283 -2.46 -5.42 7.50
CA PRO A 283 -1.54 -5.92 8.53
C PRO A 283 -2.28 -6.53 9.73
N GLY A 284 -1.61 -7.46 10.41
CA GLY A 284 -2.22 -8.23 11.51
C GLY A 284 -2.00 -9.72 11.28
N MSE A 285 -2.71 -10.54 12.06
CA MSE A 285 -2.56 -12.01 12.02
CA MSE A 285 -2.55 -12.01 12.02
C MSE A 285 -3.87 -12.80 11.97
O MSE A 285 -3.85 -13.98 11.60
CB MSE A 285 -1.76 -12.49 13.22
CB MSE A 285 -1.74 -12.48 13.23
CG MSE A 285 -0.75 -13.54 12.85
CG MSE A 285 -0.35 -11.84 13.36
SE MSE A 285 0.68 -12.62 11.90
SE MSE A 285 0.79 -12.25 11.83
CE MSE A 285 1.29 -11.58 13.44
CE MSE A 285 1.12 -14.14 12.24
N THR A 286 -4.99 -12.18 12.34
CA THR A 286 -6.26 -12.90 12.40
C THR A 286 -6.95 -12.96 11.02
N PRO A 287 -7.92 -13.90 10.84
CA PRO A 287 -8.71 -13.96 9.59
C PRO A 287 -9.47 -12.67 9.29
N ASP A 288 -9.92 -11.97 10.33
CA ASP A 288 -10.62 -10.68 10.16
C ASP A 288 -9.72 -9.60 9.56
N GLU A 289 -8.41 -9.68 9.81
CA GLU A 289 -7.45 -8.67 9.36
C GLU A 289 -6.75 -8.99 8.04
N THR A 290 -6.29 -10.23 7.91
CA THR A 290 -5.37 -10.60 6.83
C THR A 290 -5.64 -11.97 6.24
N ALA A 291 -5.17 -12.17 5.00
CA ALA A 291 -5.26 -13.47 4.34
C ALA A 291 -4.52 -14.52 5.19
N GLN A 292 -5.11 -15.72 5.27
CA GLN A 292 -4.56 -16.83 6.08
C GLN A 292 -3.90 -17.88 5.20
N LEU A 293 -2.68 -18.28 5.58
CA LEU A 293 -1.92 -19.27 4.84
C LEU A 293 -2.33 -20.66 5.31
N MSE A 294 -3.09 -21.39 4.49
CA MSE A 294 -3.66 -22.68 4.87
C MSE A 294 -2.97 -23.84 4.14
O MSE A 294 -2.57 -23.68 2.98
CB MSE A 294 -5.16 -22.72 4.59
CG MSE A 294 -5.95 -21.53 5.08
SE MSE A 294 -5.81 -21.23 6.97
CE MSE A 294 -7.41 -22.15 7.67
N LEU A 295 -2.86 -24.98 4.83
CA LEU A 295 -2.31 -26.22 4.27
C LEU A 295 -3.30 -27.37 4.40
N VAL A 296 -3.37 -28.23 3.38
CA VAL A 296 -4.06 -29.52 3.49
C VAL A 296 -3.12 -30.59 2.95
N LYS A 297 -3.28 -31.80 3.45
CA LYS A 297 -2.46 -32.93 3.04
C LYS A 297 -3.30 -34.13 2.62
N SER A 298 -2.73 -34.94 1.73
CA SER A 298 -3.32 -36.22 1.33
C SER A 298 -2.29 -37.33 1.53
N GLU A 299 -2.66 -38.36 2.28
CA GLU A 299 -1.80 -39.50 2.53
C GLU A 299 -2.25 -40.73 1.73
N ASP A 300 -3.18 -40.52 0.79
CA ASP A 300 -3.71 -41.59 -0.06
C ASP A 300 -3.66 -41.21 -1.54
N ASP A 301 -2.55 -40.61 -1.93
CA ASP A 301 -2.25 -40.30 -3.34
C ASP A 301 -3.24 -39.29 -3.97
N GLY A 302 -3.69 -38.33 -3.16
CA GLY A 302 -4.60 -37.28 -3.62
C GLY A 302 -6.08 -37.62 -3.63
N LYS A 303 -6.46 -38.79 -3.10
CA LYS A 303 -7.87 -39.20 -3.10
C LYS A 303 -8.73 -38.50 -2.02
N THR A 304 -8.18 -38.35 -0.83
CA THR A 304 -8.85 -37.61 0.27
C THR A 304 -7.87 -36.60 0.85
N TRP A 305 -8.43 -35.56 1.48
CA TRP A 305 -7.67 -34.43 1.98
C TRP A 305 -8.01 -34.11 3.43
N SER A 306 -7.00 -33.70 4.18
CA SER A 306 -7.15 -33.36 5.60
C SER A 306 -7.92 -32.08 5.77
N GLU A 307 -8.37 -31.82 7.00
CA GLU A 307 -8.98 -30.54 7.33
C GLU A 307 -7.87 -29.49 7.24
N PRO A 308 -8.20 -28.23 6.86
CA PRO A 308 -7.16 -27.21 6.69
C PRO A 308 -6.33 -26.94 7.94
N ILE A 309 -5.05 -26.64 7.75
CA ILE A 309 -4.11 -26.37 8.83
C ILE A 309 -3.65 -24.93 8.63
N ASN A 310 -3.88 -24.06 9.62
CA ASN A 310 -3.47 -22.66 9.55
C ASN A 310 -2.02 -22.51 10.01
N ILE A 311 -1.13 -22.17 9.08
CA ILE A 311 0.31 -21.98 9.38
C ILE A 311 0.74 -20.51 9.36
N THR A 312 -0.23 -19.58 9.30
CA THR A 312 0.03 -18.14 9.23
C THR A 312 0.98 -17.65 10.34
N SER A 313 0.72 -18.08 11.57
CA SER A 313 1.53 -17.67 12.72
C SER A 313 2.98 -18.18 12.69
N GLN A 314 3.23 -19.27 11.97
CA GLN A 314 4.59 -19.80 11.84
C GLN A 314 5.50 -18.94 10.96
N VAL A 315 4.95 -18.33 9.90
CA VAL A 315 5.75 -17.61 8.89
C VAL A 315 5.39 -16.14 8.57
N LYS A 316 4.23 -15.66 9.02
CA LYS A 316 3.82 -14.29 8.69
C LYS A 316 4.28 -13.26 9.73
N ASP A 317 4.87 -12.16 9.25
CA ASP A 317 5.19 -11.01 10.11
C ASP A 317 3.95 -10.14 10.18
N PRO A 318 3.57 -9.67 11.39
CA PRO A 318 2.36 -8.82 11.51
C PRO A 318 2.33 -7.58 10.62
N SER A 319 3.50 -7.00 10.31
CA SER A 319 3.57 -5.80 9.47
C SER A 319 3.19 -6.00 8.00
N TRP A 320 3.23 -7.24 7.51
CA TRP A 320 2.93 -7.52 6.11
C TRP A 320 1.43 -7.44 5.86
N TYR A 321 1.05 -6.91 4.71
CA TYR A 321 -0.37 -6.78 4.33
C TYR A 321 -0.96 -8.13 3.92
N PHE A 322 -0.15 -8.91 3.23
CA PHE A 322 -0.59 -10.12 2.57
C PHE A 322 0.60 -11.05 2.45
N LEU A 323 0.49 -12.24 3.02
CA LEU A 323 1.45 -13.31 2.78
C LEU A 323 0.70 -14.39 2.05
N LEU A 324 1.25 -14.82 0.93
CA LEU A 324 0.70 -15.99 0.24
C LEU A 324 1.78 -16.77 -0.50
N GLN A 325 1.41 -18.00 -0.84
CA GLN A 325 2.19 -18.89 -1.68
C GLN A 325 2.37 -18.35 -3.09
N GLY A 326 3.43 -18.82 -3.74
CA GLY A 326 3.64 -18.60 -5.16
C GLY A 326 2.84 -19.72 -5.80
N PRO A 327 1.85 -19.37 -6.65
CA PRO A 327 0.97 -20.42 -7.16
C PRO A 327 1.64 -21.36 -8.15
N GLY A 328 1.15 -22.60 -8.16
CA GLY A 328 1.68 -23.65 -9.03
C GLY A 328 2.15 -24.83 -8.21
N ARG A 329 3.46 -24.97 -8.07
CA ARG A 329 4.01 -26.07 -7.31
C ARG A 329 5.20 -25.72 -6.43
N GLY A 330 5.44 -26.59 -5.45
CA GLY A 330 6.62 -26.58 -4.59
C GLY A 330 7.43 -27.83 -4.91
N ILE A 331 8.51 -28.07 -4.15
CA ILE A 331 9.37 -29.21 -4.40
C ILE A 331 9.76 -29.94 -3.12
N THR A 332 10.29 -31.14 -3.29
CA THR A 332 11.02 -31.86 -2.27
C THR A 332 12.48 -31.76 -2.74
N MSE A 333 13.35 -31.22 -1.89
CA MSE A 333 14.78 -31.15 -2.20
C MSE A 333 15.39 -32.53 -2.04
O MSE A 333 14.79 -33.41 -1.41
CB MSE A 333 15.49 -30.15 -1.28
CG MSE A 333 14.97 -28.74 -1.42
SE MSE A 333 15.99 -27.47 -0.36
CE MSE A 333 17.72 -27.58 -1.26
N GLN A 334 16.59 -32.73 -2.59
CA GLN A 334 17.30 -34.01 -2.51
C GLN A 334 17.50 -34.48 -1.07
N ASP A 335 17.70 -33.56 -0.13
CA ASP A 335 17.86 -33.89 1.29
C ASP A 335 16.55 -34.03 2.09
N GLY A 336 15.41 -33.99 1.41
CA GLY A 336 14.11 -34.12 2.08
C GLY A 336 13.43 -32.86 2.53
N THR A 337 14.05 -31.69 2.32
CA THR A 337 13.41 -30.42 2.69
C THR A 337 12.27 -30.10 1.73
N LEU A 338 11.09 -29.80 2.27
CA LEU A 338 9.94 -29.37 1.46
C LEU A 338 10.02 -27.86 1.29
N VAL A 339 9.82 -27.37 0.07
CA VAL A 339 9.91 -25.95 -0.21
C VAL A 339 8.72 -25.48 -1.04
N PHE A 340 8.10 -24.39 -0.59
CA PHE A 340 7.04 -23.70 -1.32
C PHE A 340 7.52 -22.29 -1.60
N PRO A 341 7.38 -21.82 -2.85
CA PRO A 341 7.65 -20.41 -3.08
C PRO A 341 6.57 -19.59 -2.39
N ILE A 342 6.93 -18.38 -1.97
CA ILE A 342 6.00 -17.47 -1.31
C ILE A 342 6.20 -16.05 -1.81
N GLN A 343 5.26 -15.19 -1.44
CA GLN A 343 5.29 -13.79 -1.79
C GLN A 343 4.55 -13.01 -0.71
N PHE A 344 5.09 -11.85 -0.34
CA PHE A 344 4.42 -10.98 0.64
C PHE A 344 4.50 -9.50 0.28
N ILE A 345 3.47 -8.76 0.67
CA ILE A 345 3.42 -7.31 0.55
C ILE A 345 3.88 -6.78 1.90
N ASP A 346 5.03 -6.13 1.94
CA ASP A 346 5.61 -5.66 3.22
C ASP A 346 4.96 -4.36 3.71
N ALA A 347 5.42 -3.85 4.85
CA ALA A 347 4.91 -2.60 5.44
C ALA A 347 5.11 -1.37 4.57
N THR A 348 6.08 -1.41 3.65
CA THR A 348 6.25 -0.32 2.67
C THR A 348 5.37 -0.54 1.43
N ARG A 349 4.45 -1.52 1.50
CA ARG A 349 3.47 -1.83 0.45
C ARG A 349 4.10 -2.32 -0.85
N VAL A 350 5.27 -2.94 -0.76
CA VAL A 350 5.99 -3.47 -1.92
C VAL A 350 5.97 -5.01 -1.86
N PRO A 351 5.54 -5.67 -2.96
CA PRO A 351 5.54 -7.14 -2.97
C PRO A 351 6.94 -7.70 -3.17
N ASN A 352 7.21 -8.87 -2.60
CA ASN A 352 8.51 -9.51 -2.68
C ASN A 352 8.37 -11.03 -2.74
N ALA A 353 9.08 -11.66 -3.68
CA ALA A 353 9.14 -13.13 -3.76
C ALA A 353 10.17 -13.68 -2.79
N GLY A 354 9.93 -14.92 -2.35
CA GLY A 354 10.86 -15.67 -1.52
C GLY A 354 10.45 -17.14 -1.50
N ILE A 355 10.95 -17.88 -0.50
CA ILE A 355 10.60 -19.29 -0.32
CA ILE A 355 10.60 -19.29 -0.32
C ILE A 355 10.41 -19.62 1.16
N MSE A 356 9.49 -20.51 1.45
CA MSE A 356 9.33 -21.01 2.83
C MSE A 356 9.62 -22.52 2.76
O MSE A 356 9.40 -23.13 1.71
CB MSE A 356 7.93 -20.73 3.38
CG MSE A 356 6.81 -21.58 2.83
SE MSE A 356 5.22 -21.33 3.92
CE MSE A 356 4.07 -22.64 3.03
N TYR A 357 10.10 -23.09 3.85
CA TYR A 357 10.52 -24.49 3.86
C TYR A 357 10.20 -25.23 5.15
N SER A 358 10.13 -26.56 5.05
CA SER A 358 9.94 -27.43 6.21
C SER A 358 11.01 -28.53 6.19
N LYS A 359 11.64 -28.72 7.34
CA LYS A 359 12.65 -29.77 7.55
C LYS A 359 12.06 -30.99 8.29
N ASP A 360 10.82 -30.87 8.78
CA ASP A 360 10.15 -31.93 9.55
C ASP A 360 8.87 -32.44 8.86
N ARG A 361 8.98 -32.67 7.54
CA ARG A 361 7.92 -33.29 6.73
C ARG A 361 6.61 -32.47 6.70
N GLY A 362 6.74 -31.14 6.73
CA GLY A 362 5.59 -30.24 6.66
C GLY A 362 4.90 -29.85 7.95
N LYS A 363 5.43 -30.29 9.10
CA LYS A 363 4.83 -29.97 10.41
C LYS A 363 5.06 -28.51 10.80
N THR A 364 6.29 -28.02 10.61
CA THR A 364 6.63 -26.64 10.92
C THR A 364 7.29 -26.00 9.70
N TRP A 365 7.00 -24.70 9.49
CA TRP A 365 7.47 -23.97 8.33
C TRP A 365 8.26 -22.74 8.73
N HIS A 366 9.25 -22.41 7.90
CA HIS A 366 10.16 -21.30 8.18
C HIS A 366 10.35 -20.47 6.94
N LEU A 367 10.47 -19.16 7.14
CA LEU A 367 10.62 -18.19 6.06
C LEU A 367 11.62 -17.11 6.50
N HIS A 368 12.70 -16.95 5.73
CA HIS A 368 13.76 -15.99 6.05
C HIS A 368 13.62 -14.70 5.24
N ASN A 369 14.49 -14.46 4.26
CA ASN A 369 14.52 -13.17 3.56
C ASN A 369 14.06 -13.21 2.11
N LEU A 370 13.46 -12.10 1.70
CA LEU A 370 12.98 -11.90 0.33
C LEU A 370 14.12 -12.03 -0.69
N ALA A 371 13.80 -12.59 -1.85
CA ALA A 371 14.81 -12.80 -2.90
C ALA A 371 15.13 -11.52 -3.67
N ARG A 372 14.09 -10.73 -3.95
CA ARG A 372 14.22 -9.51 -4.75
C ARG A 372 12.97 -8.66 -4.55
N THR A 373 13.16 -7.34 -4.51
CA THR A 373 12.06 -6.41 -4.28
C THR A 373 11.18 -6.23 -5.53
N ASN A 374 9.92 -5.86 -5.28
CA ASN A 374 8.93 -5.62 -6.33
C ASN A 374 8.74 -6.81 -7.31
N THR A 375 8.71 -8.01 -6.73
CA THR A 375 8.45 -9.27 -7.42
C THR A 375 7.28 -9.94 -6.71
N THR A 376 6.57 -10.80 -7.43
CA THR A 376 5.38 -11.46 -6.90
C THR A 376 5.48 -12.99 -7.03
N GLU A 377 4.78 -13.56 -8.01
CA GLU A 377 4.67 -15.00 -8.14
C GLU A 377 6.00 -15.57 -8.62
N ALA A 378 6.43 -16.65 -7.96
CA ALA A 378 7.67 -17.31 -8.31
C ALA A 378 7.54 -18.82 -8.17
N GLN A 379 8.44 -19.52 -8.84
CA GLN A 379 8.53 -20.96 -8.78
C GLN A 379 10.00 -21.31 -8.52
N VAL A 380 10.21 -22.40 -7.80
CA VAL A 380 11.52 -22.78 -7.31
C VAL A 380 11.89 -24.18 -7.80
N ALA A 381 13.17 -24.38 -8.06
CA ALA A 381 13.70 -25.66 -8.48
C ALA A 381 15.12 -25.79 -7.98
N GLU A 382 15.51 -26.98 -7.59
CA GLU A 382 16.84 -27.25 -7.09
C GLU A 382 17.77 -27.44 -8.30
N VAL A 383 18.26 -26.33 -8.86
CA VAL A 383 19.09 -26.36 -10.09
C VAL A 383 20.32 -27.27 -9.95
N GLU A 384 20.93 -27.25 -8.76
CA GLU A 384 22.00 -28.18 -8.37
C GLU A 384 21.76 -28.61 -6.90
N PRO A 385 22.29 -29.78 -6.51
CA PRO A 385 22.06 -30.26 -5.12
C PRO A 385 22.44 -29.21 -4.07
N GLY A 386 21.45 -28.80 -3.27
CA GLY A 386 21.63 -27.77 -2.24
C GLY A 386 21.49 -26.33 -2.71
N VAL A 387 21.26 -26.12 -4.02
CA VAL A 387 21.12 -24.77 -4.60
C VAL A 387 19.69 -24.59 -5.13
N LEU A 388 18.91 -23.73 -4.47
CA LEU A 388 17.55 -23.39 -4.91
C LEU A 388 17.60 -22.20 -5.86
N MSE A 389 16.96 -22.34 -7.02
CA MSE A 389 16.84 -21.28 -8.01
C MSE A 389 15.38 -20.82 -8.04
O MSE A 389 14.50 -21.62 -8.31
CB MSE A 389 17.24 -21.78 -9.40
CG MSE A 389 16.69 -20.97 -10.59
SE MSE A 389 17.31 -21.64 -12.29
CE MSE A 389 19.16 -21.01 -12.26
N LEU A 390 15.16 -19.54 -7.78
CA LEU A 390 13.83 -18.94 -7.78
C LEU A 390 13.66 -18.06 -9.03
N ASN A 391 12.61 -18.34 -9.81
CA ASN A 391 12.30 -17.67 -11.07
C ASN A 391 11.04 -16.85 -10.81
N MSE A 392 11.14 -15.53 -11.00
CA MSE A 392 10.16 -14.58 -10.47
C MSE A 392 9.45 -13.66 -11.45
O MSE A 392 10.06 -13.11 -12.38
CB MSE A 392 10.86 -13.68 -9.47
CG MSE A 392 11.38 -14.35 -8.24
SE MSE A 392 12.54 -13.13 -7.28
CE MSE A 392 14.22 -13.53 -8.24
N ARG A 393 8.15 -13.48 -11.20
CA ARG A 393 7.33 -12.49 -11.90
C ARG A 393 7.77 -11.12 -11.40
N ASP A 394 8.27 -10.28 -12.30
CA ASP A 394 8.88 -8.99 -11.93
C ASP A 394 8.03 -7.81 -12.42
N ASN A 395 7.61 -6.96 -11.48
CA ASN A 395 6.79 -5.78 -11.80
C ASN A 395 7.46 -4.70 -12.64
N ARG A 396 8.79 -4.74 -12.73
CA ARG A 396 9.50 -3.84 -13.64
C ARG A 396 9.12 -4.14 -15.12
N GLY A 397 8.71 -5.38 -15.40
CA GLY A 397 8.17 -5.77 -16.70
C GLY A 397 9.21 -6.25 -17.68
N GLY A 398 8.74 -6.94 -18.70
CA GLY A 398 9.59 -7.41 -19.79
C GLY A 398 10.32 -8.73 -19.63
N SER A 399 10.69 -9.12 -18.40
CA SER A 399 11.55 -10.30 -18.19
C SER A 399 11.55 -10.87 -16.77
N ARG A 400 11.76 -12.18 -16.69
CA ARG A 400 11.76 -12.90 -15.43
C ARG A 400 13.02 -12.60 -14.65
N ALA A 401 12.88 -12.36 -13.36
CA ALA A 401 14.02 -12.22 -12.46
C ALA A 401 14.36 -13.62 -11.95
N VAL A 402 15.66 -13.90 -11.79
CA VAL A 402 16.15 -15.20 -11.35
C VAL A 402 17.24 -15.02 -10.29
N ALA A 403 17.08 -15.68 -9.15
CA ALA A 403 18.06 -15.66 -8.06
C ALA A 403 18.28 -17.06 -7.51
N THR A 404 19.46 -17.28 -6.92
CA THR A 404 19.80 -18.57 -6.31
C THR A 404 20.20 -18.42 -4.84
N THR A 405 19.93 -19.44 -4.04
CA THR A 405 20.28 -19.47 -2.61
C THR A 405 20.79 -20.86 -2.18
N LYS A 406 21.76 -20.84 -1.26
CA LYS A 406 22.36 -22.07 -0.70
C LYS A 406 22.07 -22.23 0.80
N ASP A 407 21.21 -21.38 1.35
CA ASP A 407 20.90 -21.38 2.79
C ASP A 407 19.41 -21.16 3.05
N LEU A 408 18.59 -21.75 2.18
CA LEU A 408 17.13 -21.67 2.27
C LEU A 408 16.58 -20.24 2.38
N GLY A 409 17.17 -19.33 1.60
CA GLY A 409 16.68 -17.96 1.48
C GLY A 409 17.16 -16.92 2.48
N LYS A 410 18.20 -17.23 3.26
CA LYS A 410 18.81 -16.23 4.16
C LYS A 410 19.56 -15.22 3.31
N THR A 411 20.26 -15.70 2.28
CA THR A 411 20.97 -14.84 1.33
C THR A 411 20.70 -15.31 -0.10
N TRP A 412 20.74 -14.38 -1.04
CA TRP A 412 20.39 -14.63 -2.44
C TRP A 412 21.44 -14.07 -3.40
N THR A 413 21.62 -14.77 -4.52
CA THR A 413 22.56 -14.39 -5.57
C THR A 413 21.78 -14.25 -6.88
N GLU A 414 21.85 -13.08 -7.51
CA GLU A 414 21.22 -12.85 -8.80
C GLU A 414 21.91 -13.70 -9.86
N HIS A 415 21.13 -14.41 -10.67
CA HIS A 415 21.65 -15.32 -11.68
C HIS A 415 21.97 -14.53 -12.97
N PRO A 416 23.01 -14.94 -13.74
CA PRO A 416 23.29 -14.27 -15.04
C PRO A 416 22.10 -14.21 -16.00
N SER A 417 21.27 -15.25 -16.00
CA SER A 417 20.05 -15.30 -16.84
C SER A 417 18.96 -14.29 -16.44
N SER A 418 19.02 -13.77 -15.21
CA SER A 418 18.02 -12.82 -14.69
C SER A 418 17.82 -11.59 -15.56
N ARG A 419 16.55 -11.20 -15.74
CA ARG A 419 16.17 -9.99 -16.47
C ARG A 419 16.78 -9.89 -17.88
N SER A 420 16.83 -11.01 -18.59
CA SER A 420 17.37 -11.05 -19.94
C SER A 420 16.98 -12.31 -20.71
N ALA A 421 17.27 -13.47 -20.13
CA ALA A 421 17.09 -14.75 -20.80
C ALA A 421 15.64 -15.17 -21.09
N LEU A 422 14.72 -14.76 -20.22
CA LEU A 422 13.32 -15.20 -20.29
C LEU A 422 12.38 -14.01 -20.33
N GLN A 423 11.89 -13.68 -21.52
CA GLN A 423 10.97 -12.55 -21.67
C GLN A 423 9.62 -12.89 -21.03
N GLU A 424 8.91 -11.86 -20.58
CA GLU A 424 7.55 -12.03 -20.06
C GLU A 424 6.77 -10.72 -20.12
N SER A 425 5.46 -10.83 -19.94
CA SER A 425 4.54 -9.69 -19.88
C SER A 425 4.00 -9.44 -18.45
N VAL A 426 4.69 -10.00 -17.45
CA VAL A 426 4.32 -9.95 -16.02
C VAL A 426 3.17 -10.93 -15.81
N CYS A 427 3.54 -12.20 -15.68
CA CYS A 427 2.60 -13.32 -15.60
C CYS A 427 3.28 -14.48 -14.89
N MSE A 428 2.49 -15.40 -14.38
CA MSE A 428 3.02 -16.58 -13.71
C MSE A 428 3.81 -17.43 -14.72
O MSE A 428 3.50 -17.44 -15.90
CB MSE A 428 1.87 -17.37 -13.09
CG MSE A 428 2.26 -18.54 -12.24
SE MSE A 428 2.30 -20.15 -13.32
CE MSE A 428 3.13 -21.31 -11.97
N ALA A 429 4.88 -18.07 -14.24
CA ALA A 429 5.69 -18.98 -15.05
C ALA A 429 6.09 -20.19 -14.23
N SER A 430 6.22 -21.35 -14.88
CA SER A 430 6.60 -22.60 -14.21
C SER A 430 8.06 -22.95 -14.47
N LEU A 431 8.75 -23.47 -13.44
CA LEU A 431 10.12 -23.98 -13.56
C LEU A 431 10.22 -25.34 -12.83
N ILE A 432 10.83 -26.34 -13.48
CA ILE A 432 11.15 -27.62 -12.84
C ILE A 432 12.57 -28.09 -13.21
N LYS A 433 13.11 -28.95 -12.33
CA LYS A 433 14.40 -29.59 -12.51
CA LYS A 433 14.40 -29.59 -12.51
C LYS A 433 14.13 -31.05 -12.84
N VAL A 434 14.89 -31.60 -13.78
CA VAL A 434 14.77 -33.00 -14.15
C VAL A 434 16.21 -33.54 -14.15
N ASN A 435 16.47 -34.52 -13.29
CA ASN A 435 17.81 -35.10 -13.15
C ASN A 435 18.13 -36.01 -14.33
N ALA A 436 19.42 -36.14 -14.64
CA ALA A 436 19.89 -36.96 -15.77
C ALA A 436 19.43 -38.42 -15.70
N LYS A 437 19.48 -39.00 -14.50
CA LYS A 437 19.04 -40.38 -14.28
C LYS A 437 17.52 -40.58 -14.41
N ASP A 438 16.73 -39.51 -14.26
CA ASP A 438 15.26 -39.57 -14.32
C ASP A 438 14.63 -39.20 -15.67
N ASN A 439 15.44 -39.05 -16.73
CA ASN A 439 14.86 -38.79 -18.05
C ASN A 439 15.66 -39.40 -19.19
N ILE A 440 14.96 -39.58 -20.33
CA ILE A 440 15.50 -40.27 -21.50
C ILE A 440 16.73 -39.58 -22.15
N THR A 441 16.87 -38.26 -21.98
CA THR A 441 18.03 -37.54 -22.55
C THR A 441 19.34 -37.90 -21.84
N GLY A 442 19.26 -38.29 -20.58
CA GLY A 442 20.43 -38.62 -19.77
C GLY A 442 21.20 -37.40 -19.29
N LYS A 443 20.61 -36.21 -19.47
CA LYS A 443 21.21 -34.94 -19.11
C LYS A 443 20.31 -34.25 -18.10
N ASP A 444 20.91 -33.46 -17.22
CA ASP A 444 20.15 -32.62 -16.29
C ASP A 444 19.46 -31.55 -17.12
N LEU A 445 18.17 -31.35 -16.88
CA LEU A 445 17.36 -30.39 -17.64
C LEU A 445 16.62 -29.47 -16.70
N LEU A 446 16.54 -28.19 -17.08
CA LEU A 446 15.59 -27.28 -16.47
C LEU A 446 14.53 -27.04 -17.55
N LEU A 447 13.26 -27.15 -17.15
CA LEU A 447 12.14 -26.95 -18.06
C LEU A 447 11.30 -25.77 -17.57
N PHE A 448 10.93 -24.90 -18.50
CA PHE A 448 10.24 -23.64 -18.21
C PHE A 448 9.06 -23.46 -19.14
N SER A 449 7.98 -22.89 -18.61
CA SER A 449 6.82 -22.55 -19.43
C SER A 449 6.22 -21.21 -19.00
N ASN A 450 5.92 -20.37 -20.00
CA ASN A 450 5.19 -19.13 -19.78
C ASN A 450 4.59 -18.62 -21.09
N PRO A 451 3.84 -17.51 -21.04
CA PRO A 451 3.47 -16.86 -22.30
C PRO A 451 4.72 -16.21 -22.89
N ASN A 452 5.30 -16.82 -23.94
CA ASN A 452 6.55 -16.33 -24.53
C ASN A 452 6.34 -15.04 -25.34
N THR A 453 6.21 -13.94 -24.61
CA THR A 453 5.95 -12.62 -25.20
C THR A 453 6.07 -11.55 -24.14
N THR A 454 6.26 -10.31 -24.58
CA THR A 454 6.22 -9.14 -23.68
C THR A 454 4.90 -8.37 -23.82
N LYS A 455 4.04 -8.77 -24.76
CA LYS A 455 2.77 -8.09 -25.04
C LYS A 455 1.62 -9.09 -24.97
N GLY A 456 0.76 -8.92 -23.97
CA GLY A 456 -0.36 -9.83 -23.75
C GLY A 456 0.07 -11.17 -23.18
N ARG A 457 -0.87 -12.11 -23.15
CA ARG A 457 -0.62 -13.46 -22.66
C ARG A 457 -0.95 -14.44 -23.76
N ASN A 458 0.09 -14.89 -24.46
CA ASN A 458 -0.05 -15.74 -25.64
C ASN A 458 1.26 -16.43 -25.94
N HIS A 459 1.27 -17.26 -26.97
CA HIS A 459 2.45 -18.07 -27.31
C HIS A 459 2.95 -18.84 -26.09
N ILE A 460 2.05 -19.59 -25.44
CA ILE A 460 2.42 -20.47 -24.32
C ILE A 460 3.44 -21.43 -24.90
N THR A 461 4.65 -21.44 -24.31
CA THR A 461 5.78 -22.18 -24.86
C THR A 461 6.54 -22.91 -23.77
N ILE A 462 6.94 -24.15 -24.03
CA ILE A 462 7.82 -24.90 -23.14
C ILE A 462 9.26 -24.72 -23.64
N LYS A 463 10.15 -24.28 -22.75
CA LYS A 463 11.56 -24.05 -23.05
C LYS A 463 12.41 -24.99 -22.20
N ALA A 464 13.47 -25.53 -22.81
CA ALA A 464 14.40 -26.43 -22.13
C ALA A 464 15.78 -25.76 -22.05
N SER A 465 16.48 -25.99 -20.94
CA SER A 465 17.85 -25.53 -20.73
C SER A 465 18.72 -26.70 -20.26
N LEU A 466 19.83 -26.90 -20.95
CA LEU A 466 20.82 -27.95 -20.63
C LEU A 466 22.01 -27.43 -19.83
N ASP A 467 22.06 -26.11 -19.58
CA ASP A 467 23.21 -25.50 -18.89
C ASP A 467 22.81 -24.77 -17.60
N GLY A 468 21.91 -25.38 -16.83
CA GLY A 468 21.48 -24.84 -15.54
C GLY A 468 20.75 -23.51 -15.61
N GLY A 469 20.03 -23.27 -16.70
CA GLY A 469 19.24 -22.07 -16.86
C GLY A 469 19.98 -20.82 -17.33
N LEU A 470 21.20 -20.98 -17.86
CA LEU A 470 21.93 -19.83 -18.42
C LEU A 470 21.35 -19.45 -19.79
N THR A 471 21.10 -20.45 -20.63
CA THR A 471 20.56 -20.23 -21.97
C THR A 471 19.31 -21.06 -22.22
N TRP A 472 18.44 -20.53 -23.07
CA TRP A 472 17.20 -21.20 -23.47
C TRP A 472 17.15 -21.15 -25.00
N PRO A 473 17.94 -22.02 -25.67
CA PRO A 473 18.04 -22.02 -27.14
C PRO A 473 16.68 -22.21 -27.83
N THR A 474 16.40 -21.39 -28.84
CA THR A 474 15.14 -21.46 -29.59
C THR A 474 14.86 -22.87 -30.13
N GLU A 475 15.93 -23.56 -30.56
CA GLU A 475 15.81 -24.93 -31.05
C GLU A 475 15.26 -25.92 -30.02
N HIS A 476 15.44 -25.64 -28.72
CA HIS A 476 14.92 -26.52 -27.65
C HIS A 476 13.62 -26.00 -27.02
N GLN A 477 12.71 -25.52 -27.86
CA GLN A 477 11.42 -24.98 -27.40
C GLN A 477 10.27 -25.57 -28.18
N VAL A 478 9.09 -25.58 -27.57
CA VAL A 478 7.86 -26.04 -28.23
C VAL A 478 6.72 -25.06 -27.93
N LEU A 479 6.25 -24.36 -28.96
CA LEU A 479 5.05 -23.51 -28.87
C LEU A 479 3.82 -24.41 -28.80
N LEU A 480 2.96 -24.17 -27.82
CA LEU A 480 1.74 -24.96 -27.61
C LEU A 480 0.45 -24.18 -27.83
N ASP A 481 0.46 -22.87 -27.53
CA ASP A 481 -0.75 -22.06 -27.69
C ASP A 481 -0.43 -20.65 -28.17
N GLU A 482 -0.56 -20.47 -29.48
CA GLU A 482 -0.34 -19.20 -30.16
C GLU A 482 -1.35 -18.11 -29.79
N ALA A 483 -2.58 -18.50 -29.44
CA ALA A 483 -3.66 -17.54 -29.16
C ALA A 483 -3.60 -16.92 -27.77
N GLU A 484 -4.51 -15.97 -27.52
CA GLU A 484 -4.59 -15.26 -26.24
C GLU A 484 -5.33 -16.08 -25.16
N GLY A 485 -4.86 -16.00 -23.91
CA GLY A 485 -5.53 -16.67 -22.78
C GLY A 485 -5.13 -16.06 -21.45
N TRP A 486 -5.45 -16.73 -20.33
CA TRP A 486 -5.11 -16.19 -19.00
C TRP A 486 -3.63 -16.42 -18.62
N GLY A 487 -2.95 -17.31 -19.34
CA GLY A 487 -1.49 -17.41 -19.30
C GLY A 487 -0.76 -18.26 -18.28
N TYR A 488 -1.42 -18.67 -17.21
CA TYR A 488 -0.72 -19.44 -16.16
C TYR A 488 -0.53 -20.89 -16.60
N SER A 489 0.59 -21.49 -16.20
CA SER A 489 0.92 -22.87 -16.52
C SER A 489 1.71 -23.54 -15.42
N CYS A 490 1.72 -24.87 -15.40
CA CYS A 490 2.53 -25.61 -14.45
C CYS A 490 3.01 -26.93 -15.05
N LEU A 491 4.30 -27.20 -14.88
CA LEU A 491 4.96 -28.36 -15.48
C LEU A 491 5.18 -29.48 -14.49
N SER A 492 5.13 -30.71 -15.00
CA SER A 492 5.50 -31.89 -14.22
C SER A 492 5.87 -33.02 -15.16
N MSE A 493 6.99 -33.69 -14.88
CA MSE A 493 7.38 -34.87 -15.64
C MSE A 493 6.32 -35.95 -15.39
O MSE A 493 5.99 -36.23 -14.23
CB MSE A 493 8.77 -35.36 -15.27
CG MSE A 493 9.91 -34.43 -15.71
SE MSE A 493 10.05 -34.20 -17.66
CE MSE A 493 10.27 -36.05 -18.19
N ILE A 494 5.77 -36.51 -16.47
CA ILE A 494 4.78 -37.59 -16.38
C ILE A 494 5.51 -38.92 -16.17
N ASP A 495 6.59 -39.12 -16.93
CA ASP A 495 7.41 -40.32 -16.86
C ASP A 495 8.82 -39.94 -17.35
N LYS A 496 9.68 -40.91 -17.58
CA LYS A 496 11.05 -40.61 -18.04
C LYS A 496 11.12 -39.93 -19.42
N GLU A 497 10.09 -40.13 -20.24
CA GLU A 497 10.09 -39.70 -21.64
C GLU A 497 9.22 -38.48 -21.98
N THR A 498 8.27 -38.09 -21.11
CA THR A 498 7.30 -37.04 -21.43
CA THR A 498 7.34 -37.00 -21.44
C THR A 498 7.12 -36.01 -20.31
N VAL A 499 6.96 -34.74 -20.68
CA VAL A 499 6.66 -33.67 -19.74
C VAL A 499 5.18 -33.34 -19.86
N GLY A 500 4.54 -33.09 -18.72
CA GLY A 500 3.14 -32.69 -18.67
C GLY A 500 3.04 -31.20 -18.41
N ILE A 501 2.06 -30.55 -19.04
CA ILE A 501 1.75 -29.13 -18.80
C ILE A 501 0.25 -29.00 -18.53
N PHE A 502 -0.06 -28.32 -17.43
CA PHE A 502 -1.42 -28.06 -16.99
C PHE A 502 -1.53 -26.53 -16.99
N TYR A 503 -2.34 -25.99 -17.90
CA TYR A 503 -2.36 -24.53 -18.10
C TYR A 503 -3.67 -23.94 -18.61
N GLU A 504 -3.77 -22.62 -18.43
CA GLU A 504 -4.89 -21.82 -18.91
C GLU A 504 -4.56 -21.49 -20.37
N SER A 505 -5.39 -21.98 -21.28
CA SER A 505 -5.17 -21.80 -22.71
C SER A 505 -6.30 -21.03 -23.35
N SER A 506 -6.12 -20.71 -24.63
CA SER A 506 -7.17 -20.08 -25.45
C SER A 506 -8.36 -21.02 -25.68
N VAL A 507 -8.20 -22.32 -25.45
CA VAL A 507 -9.26 -23.31 -25.72
C VAL A 507 -9.93 -23.94 -24.50
N ALA A 508 -9.33 -23.80 -23.31
CA ALA A 508 -9.96 -24.28 -22.06
C ALA A 508 -9.30 -23.69 -20.83
N HIS A 509 -10.08 -23.52 -19.77
CA HIS A 509 -9.61 -22.97 -18.50
C HIS A 509 -8.49 -23.79 -17.87
N MSE A 510 -8.63 -25.11 -17.91
CA MSE A 510 -7.56 -26.04 -17.49
C MSE A 510 -7.31 -27.01 -18.64
O MSE A 510 -8.14 -27.86 -18.93
CB MSE A 510 -7.90 -26.79 -16.20
CG MSE A 510 -7.99 -25.88 -14.97
SE MSE A 510 -6.22 -25.22 -14.48
CE MSE A 510 -6.69 -23.42 -13.95
N THR A 511 -6.15 -26.85 -19.27
CA THR A 511 -5.75 -27.64 -20.43
C THR A 511 -4.56 -28.47 -20.03
N PHE A 512 -4.60 -29.76 -20.36
CA PHE A 512 -3.49 -30.65 -20.14
C PHE A 512 -2.95 -31.12 -21.49
N GLN A 513 -1.64 -31.04 -21.64
CA GLN A 513 -0.93 -31.57 -22.79
C GLN A 513 0.31 -32.34 -22.35
N ALA A 514 0.71 -33.31 -23.17
CA ALA A 514 1.89 -34.14 -22.94
C ALA A 514 2.85 -33.89 -24.08
N VAL A 515 4.14 -33.71 -23.78
CA VAL A 515 5.16 -33.44 -24.79
C VAL A 515 6.37 -34.34 -24.58
N LYS A 516 6.75 -35.10 -25.60
CA LYS A 516 7.94 -35.93 -25.52
C LYS A 516 9.19 -35.05 -25.40
N LEU A 517 10.12 -35.41 -24.51
CA LEU A 517 11.37 -34.65 -24.35
CA LEU A 517 11.37 -34.66 -24.34
C LEU A 517 12.21 -34.66 -25.63
N GLN A 518 12.01 -35.69 -26.47
CA GLN A 518 12.68 -35.78 -27.78
C GLN A 518 12.16 -34.73 -28.78
N ASP A 519 10.98 -34.16 -28.53
CA ASP A 519 10.49 -33.00 -29.28
C ASP A 519 11.20 -31.72 -28.87
N LEU A 520 11.54 -31.61 -27.58
CA LEU A 520 12.27 -30.45 -27.05
C LEU A 520 13.74 -30.57 -27.43
N ILE A 521 14.42 -31.61 -26.94
CA ILE A 521 15.85 -31.81 -27.19
C ILE A 521 16.06 -32.89 -28.26
N HIS A 522 16.62 -32.50 -29.41
CA HIS A 522 16.91 -33.40 -30.54
C HIS A 522 15.66 -33.93 -31.21
N ASP B 3 -23.37 3.21 18.75
CA ASP B 3 -23.48 2.43 17.49
C ASP B 3 -24.68 2.93 16.67
N SER B 4 -24.49 3.07 15.36
CA SER B 4 -25.52 3.57 14.44
C SER B 4 -25.97 2.50 13.44
N ILE B 5 -27.21 2.64 12.96
CA ILE B 5 -27.82 1.74 11.97
C ILE B 5 -28.42 2.60 10.85
N TYR B 6 -27.85 2.50 9.64
CA TYR B 6 -28.36 3.24 8.49
C TYR B 6 -29.20 2.29 7.62
N VAL B 7 -30.44 2.68 7.36
CA VAL B 7 -31.36 1.85 6.59
C VAL B 7 -31.92 2.64 5.41
N ARG B 8 -31.98 1.98 4.23
CA ARG B 8 -32.53 2.59 3.02
C ARG B 8 -33.57 1.68 2.40
N GLU B 9 -34.68 2.27 1.98
CA GLU B 9 -35.70 1.62 1.18
C GLU B 9 -35.79 2.42 -0.11
N GLN B 10 -35.81 1.71 -1.24
CA GLN B 10 -35.93 2.28 -2.58
C GLN B 10 -37.29 1.87 -3.15
N GLN B 11 -37.81 2.70 -4.05
CA GLN B 11 -39.07 2.40 -4.73
C GLN B 11 -38.77 1.52 -5.93
N ILE B 12 -38.59 0.22 -5.65
CA ILE B 12 -38.33 -0.80 -6.67
C ILE B 12 -39.42 -1.87 -6.60
N PRO B 13 -39.84 -2.43 -7.76
CA PRO B 13 -40.96 -3.36 -7.73
C PRO B 13 -40.70 -4.67 -6.96
N ILE B 14 -41.72 -5.12 -6.23
CA ILE B 14 -41.72 -6.39 -5.51
C ILE B 14 -42.34 -7.40 -6.46
N LEU B 15 -41.51 -8.23 -7.09
CA LEU B 15 -42.01 -9.18 -8.08
C LEU B 15 -42.73 -10.34 -7.40
N ILE B 16 -44.00 -10.56 -7.79
CA ILE B 16 -44.82 -11.64 -7.21
C ILE B 16 -44.33 -13.05 -7.58
N ASP B 17 -43.55 -13.14 -8.66
CA ASP B 17 -42.94 -14.39 -9.12
C ASP B 17 -41.50 -14.61 -8.62
N ARG B 18 -41.00 -13.72 -7.76
CA ARG B 18 -39.66 -13.89 -7.17
C ARG B 18 -39.75 -14.60 -5.82
N ILE B 19 -38.67 -15.29 -5.44
CA ILE B 19 -38.58 -15.89 -4.10
C ILE B 19 -38.16 -14.82 -3.08
N ASP B 20 -37.22 -13.95 -3.47
CA ASP B 20 -36.76 -12.85 -2.63
C ASP B 20 -36.91 -11.50 -3.33
N ASN B 21 -37.18 -10.47 -2.54
CA ASN B 21 -37.29 -9.09 -2.99
C ASN B 21 -36.67 -8.20 -1.91
N VAL B 22 -35.77 -7.30 -2.29
CA VAL B 22 -35.10 -6.43 -1.31
C VAL B 22 -36.09 -5.41 -0.75
N LEU B 23 -36.54 -5.62 0.50
CA LEU B 23 -37.45 -4.68 1.14
C LEU B 23 -36.64 -3.51 1.72
N TYR B 24 -35.69 -3.86 2.59
CA TYR B 24 -34.77 -2.90 3.22
C TYR B 24 -33.33 -3.38 3.13
N GLU B 25 -32.40 -2.45 2.94
CA GLU B 25 -30.97 -2.72 3.05
C GLU B 25 -30.42 -1.92 4.24
N MSE B 26 -29.57 -2.56 5.04
CA MSE B 26 -29.04 -1.97 6.27
C MSE B 26 -27.52 -1.98 6.23
O MSE B 26 -26.92 -2.97 5.81
CB MSE B 26 -29.53 -2.79 7.47
CG MSE B 26 -31.03 -3.14 7.46
SE MSE B 26 -31.57 -4.30 8.93
CE MSE B 26 -31.30 -3.07 10.42
N ARG B 27 -26.90 -0.87 6.62
CA ARG B 27 -25.45 -0.80 6.79
C ARG B 27 -25.18 -0.41 8.25
N ILE B 28 -24.30 -1.17 8.90
CA ILE B 28 -24.01 -1.00 10.33
C ILE B 28 -22.51 -0.90 10.57
N PRO B 29 -21.98 0.33 10.79
CA PRO B 29 -20.56 0.44 11.18
C PRO B 29 -20.44 -0.06 12.62
N ALA B 30 -19.91 -1.28 12.78
CA ALA B 30 -19.86 -1.92 14.09
C ALA B 30 -18.46 -2.32 14.51
N GLN B 31 -18.38 -2.75 15.77
CA GLN B 31 -17.17 -3.32 16.34
C GLN B 31 -17.31 -4.83 16.28
N LYS B 32 -16.16 -5.51 16.33
CA LYS B 32 -16.12 -6.97 16.33
C LYS B 32 -16.92 -7.53 17.50
N GLY B 33 -17.79 -8.50 17.23
CA GLY B 33 -18.62 -9.12 18.26
C GLY B 33 -20.03 -8.59 18.37
N ASP B 34 -20.29 -7.38 17.85
CA ASP B 34 -21.64 -6.79 17.87
C ASP B 34 -22.66 -7.72 17.21
N VAL B 35 -23.88 -7.74 17.76
CA VAL B 35 -24.95 -8.61 17.27
C VAL B 35 -26.23 -7.81 17.05
N LEU B 36 -26.82 -7.90 15.85
CA LEU B 36 -28.12 -7.28 15.55
C LEU B 36 -29.15 -8.29 16.04
N ASN B 37 -29.33 -8.35 17.35
CA ASN B 37 -30.16 -9.40 17.94
C ASN B 37 -31.63 -9.40 17.50
N GLU B 38 -32.17 -8.24 17.17
CA GLU B 38 -33.57 -8.14 16.74
C GLU B 38 -33.88 -6.87 15.95
N ILE B 39 -34.76 -7.00 14.95
CA ILE B 39 -35.40 -5.86 14.28
C ILE B 39 -36.89 -6.15 14.20
N THR B 40 -37.69 -5.08 14.13
CA THR B 40 -39.14 -5.20 14.01
C THR B 40 -39.57 -4.65 12.65
N ILE B 41 -40.41 -5.41 11.95
CA ILE B 41 -41.03 -4.95 10.71
C ILE B 41 -42.52 -4.78 11.02
N GLN B 42 -43.01 -3.56 10.87
CA GLN B 42 -44.41 -3.26 11.08
C GLN B 42 -45.07 -3.10 9.72
N ILE B 43 -45.89 -4.08 9.36
CA ILE B 43 -46.63 -4.05 8.10
C ILE B 43 -47.80 -3.06 8.28
N GLY B 44 -48.08 -2.28 7.24
CA GLY B 44 -49.15 -1.27 7.29
C GLY B 44 -50.53 -1.86 7.53
N ASP B 45 -51.43 -1.05 8.10
CA ASP B 45 -52.79 -1.51 8.43
C ASP B 45 -53.67 -1.79 7.21
N ASN B 46 -53.41 -1.09 6.10
CA ASN B 46 -54.15 -1.30 4.86
C ASN B 46 -53.57 -2.41 3.98
N VAL B 47 -52.46 -3.03 4.40
CA VAL B 47 -51.86 -4.11 3.64
C VAL B 47 -52.64 -5.39 3.89
N ASP B 48 -52.85 -6.17 2.83
CA ASP B 48 -53.51 -7.46 2.91
C ASP B 48 -52.43 -8.48 3.28
N LEU B 49 -52.44 -8.90 4.55
CA LEU B 49 -51.44 -9.84 5.08
C LEU B 49 -51.43 -11.21 4.39
N SER B 50 -52.59 -11.67 3.94
CA SER B 50 -52.69 -12.97 3.26
C SER B 50 -51.94 -13.08 1.92
N ASP B 51 -51.55 -11.95 1.31
CA ASP B 51 -50.71 -11.97 0.10
C ASP B 51 -49.22 -12.22 0.37
N ILE B 52 -48.79 -12.11 1.64
CA ILE B 52 -47.38 -12.22 2.01
C ILE B 52 -47.00 -13.68 2.30
N GLN B 53 -46.07 -14.23 1.52
CA GLN B 53 -45.63 -15.60 1.75
C GLN B 53 -44.62 -15.66 2.89
N ALA B 54 -43.64 -14.75 2.86
CA ALA B 54 -42.57 -14.75 3.85
C ALA B 54 -41.82 -13.43 3.96
N ILE B 55 -41.18 -13.24 5.11
CA ILE B 55 -40.25 -12.15 5.35
C ILE B 55 -38.99 -12.79 5.94
N ARG B 56 -37.82 -12.36 5.45
CA ARG B 56 -36.54 -12.94 5.85
C ARG B 56 -35.50 -11.87 6.17
N LEU B 57 -34.61 -12.19 7.11
CA LEU B 57 -33.46 -11.36 7.43
C LEU B 57 -32.23 -12.08 6.91
N PHE B 58 -31.36 -11.33 6.25
CA PHE B 58 -30.12 -11.86 5.68
C PHE B 58 -28.92 -11.11 6.22
N TYR B 59 -27.80 -11.83 6.36
CA TYR B 59 -26.50 -11.23 6.69
C TYR B 59 -25.64 -11.40 5.47
N SER B 60 -24.97 -10.32 5.08
CA SER B 60 -24.17 -10.29 3.86
C SER B 60 -22.71 -9.91 4.10
N GLY B 61 -22.21 -10.15 5.32
CA GLY B 61 -20.81 -9.93 5.64
C GLY B 61 -20.42 -8.47 5.79
N VAL B 62 -19.19 -8.17 5.39
CA VAL B 62 -18.61 -6.84 5.57
C VAL B 62 -18.28 -6.19 4.24
N GLU B 63 -18.05 -4.89 4.28
CA GLU B 63 -17.62 -4.16 3.10
C GLU B 63 -16.10 -4.17 3.02
N ALA B 64 -15.59 -4.20 1.80
CA ALA B 64 -14.16 -4.09 1.53
C ALA B 64 -13.66 -2.69 1.91
N PRO B 65 -12.53 -2.59 2.64
CA PRO B 65 -11.91 -1.28 2.87
C PRO B 65 -11.62 -0.49 1.57
N SER B 66 -11.21 -1.20 0.52
CA SER B 66 -10.83 -0.61 -0.78
C SER B 66 -11.96 -0.04 -1.62
N ARG B 67 -13.22 -0.30 -1.27
CA ARG B 67 -14.32 0.18 -2.07
C ARG B 67 -14.51 1.69 -1.91
N LYS B 68 -14.69 2.37 -3.04
CA LYS B 68 -14.89 3.81 -3.06
C LYS B 68 -16.32 4.14 -2.66
N GLY B 69 -16.49 5.25 -1.94
CA GLY B 69 -17.81 5.73 -1.56
C GLY B 69 -18.50 4.90 -0.47
N GLU B 70 -19.70 5.32 -0.12
CA GLU B 70 -20.54 4.65 0.87
C GLU B 70 -21.67 3.94 0.13
N HIS B 71 -21.95 2.69 0.50
CA HIS B 71 -22.99 1.87 -0.18
C HIS B 71 -23.83 1.09 0.82
N PHE B 72 -24.94 0.52 0.35
CA PHE B 72 -25.88 -0.23 1.20
C PHE B 72 -25.84 -1.74 0.99
N SER B 73 -24.94 -2.20 0.13
CA SER B 73 -24.70 -3.63 -0.07
C SER B 73 -23.29 -3.82 -0.64
N PRO B 74 -22.71 -5.02 -0.45
CA PRO B 74 -21.41 -5.30 -1.08
C PRO B 74 -21.51 -5.81 -2.52
N VAL B 75 -22.70 -6.29 -2.91
CA VAL B 75 -23.00 -6.85 -4.23
C VAL B 75 -24.50 -6.65 -4.52
N THR B 76 -24.94 -6.97 -5.74
CA THR B 76 -26.37 -7.02 -6.02
C THR B 76 -26.85 -8.35 -5.45
N TYR B 77 -27.74 -8.29 -4.47
CA TYR B 77 -28.20 -9.49 -3.75
C TYR B 77 -29.03 -10.46 -4.55
N ILE B 78 -29.83 -9.93 -5.45
CA ILE B 78 -30.74 -10.72 -6.29
C ILE B 78 -30.46 -10.28 -7.73
N SER B 79 -29.95 -11.17 -8.55
CA SER B 79 -29.53 -10.80 -9.89
C SER B 79 -30.70 -10.67 -10.84
N SER B 80 -30.56 -9.80 -11.83
CA SER B 80 -31.46 -9.74 -12.98
C SER B 80 -30.65 -9.97 -14.27
N HIS B 81 -29.40 -10.42 -14.12
CA HIS B 81 -28.46 -10.65 -15.23
CA HIS B 81 -28.52 -10.68 -15.26
C HIS B 81 -28.01 -12.11 -15.36
N ILE B 82 -27.76 -12.79 -14.23
CA ILE B 82 -27.24 -14.16 -14.25
C ILE B 82 -28.29 -15.09 -14.86
N PRO B 83 -27.99 -15.71 -16.05
CA PRO B 83 -29.01 -16.53 -16.70
C PRO B 83 -29.51 -17.70 -15.85
N GLY B 84 -30.83 -17.77 -15.67
CA GLY B 84 -31.49 -18.80 -14.87
C GLY B 84 -31.40 -18.68 -13.36
N ASN B 85 -30.81 -17.59 -12.85
CA ASN B 85 -30.62 -17.42 -11.41
C ASN B 85 -30.93 -15.97 -11.01
N THR B 86 -32.18 -15.59 -11.22
CA THR B 86 -32.63 -14.21 -11.03
C THR B 86 -33.82 -14.03 -10.06
N ARG B 87 -34.31 -15.13 -9.47
CA ARG B 87 -35.53 -15.11 -8.65
C ARG B 87 -35.31 -15.22 -7.14
N LYS B 88 -34.25 -15.89 -6.73
CA LYS B 88 -33.93 -16.14 -5.32
C LYS B 88 -32.63 -15.43 -4.96
N ALA B 89 -32.48 -15.06 -3.68
CA ALA B 89 -31.25 -14.40 -3.22
C ALA B 89 -30.03 -15.28 -3.50
N LEU B 90 -28.99 -14.66 -4.05
CA LEU B 90 -27.75 -15.36 -4.37
C LEU B 90 -27.10 -15.87 -3.08
N GLU B 91 -27.04 -17.20 -2.92
CA GLU B 91 -26.54 -17.80 -1.69
C GLU B 91 -25.08 -17.46 -1.42
N SER B 92 -24.29 -17.22 -2.48
CA SER B 92 -22.89 -16.82 -2.33
C SER B 92 -22.68 -15.60 -1.43
N TYR B 93 -23.63 -14.68 -1.44
CA TYR B 93 -23.49 -13.37 -0.80
C TYR B 93 -24.40 -13.06 0.39
N SER B 94 -25.39 -13.92 0.65
CA SER B 94 -26.33 -13.70 1.77
C SER B 94 -26.59 -14.98 2.54
N VAL B 95 -26.59 -14.87 3.87
CA VAL B 95 -26.83 -16.01 4.77
C VAL B 95 -28.10 -15.69 5.57
N ARG B 96 -29.12 -16.55 5.45
CA ARG B 96 -30.40 -16.31 6.11
C ARG B 96 -30.25 -16.38 7.63
N GLN B 97 -30.68 -15.31 8.30
CA GLN B 97 -30.61 -15.20 9.76
C GLN B 97 -31.91 -15.66 10.41
N ASP B 98 -33.03 -15.27 9.83
CA ASP B 98 -34.34 -15.63 10.37
C ASP B 98 -35.38 -15.55 9.27
N GLU B 99 -36.53 -16.19 9.52
CA GLU B 99 -37.63 -16.25 8.58
C GLU B 99 -38.96 -16.36 9.32
N VAL B 100 -39.94 -15.59 8.86
CA VAL B 100 -41.34 -15.69 9.29
C VAL B 100 -42.12 -16.01 8.01
N THR B 101 -42.94 -17.06 8.05
CA THR B 101 -43.72 -17.48 6.88
C THR B 101 -45.20 -17.32 7.15
N ALA B 102 -46.00 -17.40 6.08
CA ALA B 102 -47.46 -17.25 6.14
C ALA B 102 -48.10 -18.27 7.10
N PRO B 103 -49.17 -17.88 7.82
CA PRO B 103 -49.80 -16.56 7.84
C PRO B 103 -49.02 -15.52 8.66
N LEU B 104 -48.76 -14.35 8.07
CA LEU B 104 -48.07 -13.27 8.77
C LEU B 104 -49.05 -12.42 9.58
N SER B 105 -48.61 -11.97 10.76
CA SER B 105 -49.36 -11.01 11.58
C SER B 105 -48.85 -9.61 11.24
N ARG B 106 -49.47 -8.59 11.85
CA ARG B 106 -49.14 -7.19 11.52
C ARG B 106 -47.71 -6.75 11.92
N THR B 107 -47.21 -7.27 13.05
CA THR B 107 -45.84 -7.00 13.53
C THR B 107 -45.00 -8.27 13.37
N VAL B 108 -43.85 -8.14 12.71
CA VAL B 108 -42.92 -9.26 12.50
C VAL B 108 -41.59 -8.92 13.16
N LYS B 109 -41.11 -9.82 14.02
CA LYS B 109 -39.80 -9.70 14.67
C LYS B 109 -38.83 -10.68 14.00
N LEU B 110 -37.68 -10.17 13.56
CA LEU B 110 -36.63 -10.97 12.91
C LEU B 110 -35.38 -10.90 13.79
N THR B 111 -34.71 -12.03 13.97
CA THR B 111 -33.58 -12.15 14.90
C THR B 111 -32.28 -12.67 14.25
N SER B 112 -31.16 -12.39 14.89
CA SER B 112 -29.84 -12.83 14.43
C SER B 112 -28.93 -13.09 15.62
N LYS B 113 -28.08 -14.09 15.51
CA LYS B 113 -27.04 -14.39 16.51
C LYS B 113 -25.65 -14.05 15.99
N GLN B 114 -25.57 -13.47 14.79
CA GLN B 114 -24.31 -13.27 14.09
C GLN B 114 -23.40 -12.25 14.79
N PRO B 115 -22.18 -12.67 15.17
CA PRO B 115 -21.22 -11.68 15.65
C PRO B 115 -20.63 -10.94 14.45
N MSE B 116 -20.83 -9.63 14.42
CA MSE B 116 -20.32 -8.80 13.32
C MSE B 116 -18.80 -8.67 13.38
O MSE B 116 -18.19 -8.95 14.40
CB MSE B 116 -20.98 -7.42 13.36
CG MSE B 116 -22.47 -7.44 13.08
SE MSE B 116 -23.29 -5.68 13.14
CE MSE B 116 -24.94 -6.15 14.07
N LEU B 117 -18.21 -8.27 12.25
CA LEU B 117 -16.78 -7.99 12.19
C LEU B 117 -16.59 -6.49 12.34
N LYS B 118 -15.37 -6.08 12.70
CA LYS B 118 -15.07 -4.65 12.84
C LYS B 118 -15.17 -3.98 11.48
N GLY B 119 -16.07 -3.01 11.37
CA GLY B 119 -16.28 -2.25 10.14
C GLY B 119 -17.75 -2.19 9.74
N ILE B 120 -17.97 -1.93 8.46
CA ILE B 120 -19.31 -1.77 7.90
C ILE B 120 -19.88 -3.16 7.60
N ASN B 121 -20.89 -3.55 8.37
CA ASN B 121 -21.58 -4.83 8.16
C ASN B 121 -22.90 -4.58 7.44
N TYR B 122 -23.32 -5.56 6.65
CA TYR B 122 -24.54 -5.46 5.86
C TYR B 122 -25.56 -6.54 6.22
N PHE B 123 -26.80 -6.09 6.46
CA PHE B 123 -27.95 -6.96 6.64
C PHE B 123 -29.02 -6.42 5.71
N TRP B 124 -29.94 -7.28 5.31
CA TRP B 124 -31.08 -6.86 4.50
C TRP B 124 -32.30 -7.72 4.76
N VAL B 125 -33.47 -7.15 4.46
CA VAL B 125 -34.74 -7.80 4.70
C VAL B 125 -35.39 -8.12 3.35
N SER B 126 -35.82 -9.37 3.21
CA SER B 126 -36.46 -9.84 2.01
C SER B 126 -37.94 -10.05 2.26
N ILE B 127 -38.75 -9.75 1.25
CA ILE B 127 -40.19 -10.04 1.28
C ILE B 127 -40.53 -10.93 0.07
N GLN B 128 -41.34 -11.94 0.33
CA GLN B 128 -41.82 -12.85 -0.69
C GLN B 128 -43.35 -12.78 -0.69
N MSE B 129 -43.91 -12.50 -1.85
CA MSE B 129 -45.36 -12.46 -2.05
C MSE B 129 -45.78 -13.80 -2.59
O MSE B 129 -44.98 -14.52 -3.18
CB MSE B 129 -45.72 -11.38 -3.07
CG MSE B 129 -45.17 -9.99 -2.76
SE MSE B 129 -45.72 -9.37 -0.99
CE MSE B 129 -47.65 -9.48 -1.24
N LYS B 130 -47.06 -14.13 -2.40
CA LYS B 130 -47.62 -15.34 -2.99
C LYS B 130 -47.78 -15.10 -4.48
N PRO B 131 -47.55 -16.14 -5.31
CA PRO B 131 -47.59 -15.96 -6.78
C PRO B 131 -48.92 -15.44 -7.35
N GLU B 132 -50.03 -15.70 -6.66
CA GLU B 132 -51.37 -15.29 -7.10
CA GLU B 132 -51.37 -15.29 -7.10
C GLU B 132 -51.74 -13.86 -6.66
N THR B 133 -50.82 -13.15 -5.99
CA THR B 133 -51.06 -11.79 -5.48
C THR B 133 -51.50 -10.79 -6.57
N SER B 134 -52.56 -10.04 -6.27
CA SER B 134 -53.06 -9.01 -7.17
C SER B 134 -51.97 -8.01 -7.55
N LEU B 135 -51.85 -7.73 -8.85
CA LEU B 135 -50.88 -6.74 -9.33
C LEU B 135 -51.17 -5.31 -8.83
N LEU B 136 -52.39 -5.06 -8.35
CA LEU B 136 -52.76 -3.77 -7.76
C LEU B 136 -52.47 -3.66 -6.26
N ALA B 137 -51.99 -4.74 -5.63
CA ALA B 137 -51.68 -4.74 -4.20
C ALA B 137 -50.48 -3.83 -3.90
N LYS B 138 -50.52 -3.15 -2.76
CA LYS B 138 -49.44 -2.25 -2.33
C LYS B 138 -48.94 -2.70 -0.97
N VAL B 139 -47.63 -2.57 -0.75
CA VAL B 139 -47.00 -3.01 0.50
C VAL B 139 -46.40 -1.81 1.24
N ALA B 140 -47.09 -1.38 2.28
CA ALA B 140 -46.63 -0.32 3.18
C ALA B 140 -46.03 -0.98 4.42
N THR B 141 -44.78 -0.65 4.73
CA THR B 141 -44.13 -1.14 5.96
C THR B 141 -43.24 -0.05 6.56
N THR B 142 -42.82 -0.32 7.79
CA THR B 142 -41.84 0.50 8.50
C THR B 142 -40.98 -0.44 9.33
N MSE B 143 -39.87 0.08 9.85
CA MSE B 143 -38.98 -0.67 10.73
C MSE B 143 -38.79 0.18 12.01
O MSE B 143 -37.77 0.85 12.14
CB MSE B 143 -37.65 -0.98 10.05
CG MSE B 143 -36.77 -1.94 10.84
SE MSE B 143 -34.99 -2.03 10.15
CE MSE B 143 -35.39 -3.03 8.52
N PRO B 144 -39.78 0.16 12.93
CA PRO B 144 -39.77 1.03 14.11
C PRO B 144 -38.73 0.74 15.20
N ASN B 145 -38.21 -0.48 15.25
CA ASN B 145 -37.24 -0.88 16.29
C ASN B 145 -36.13 -1.79 15.74
N ALA B 146 -34.93 -1.59 16.26
CA ALA B 146 -33.77 -2.45 15.98
C ALA B 146 -32.94 -2.51 17.27
N GLN B 147 -32.34 -3.67 17.54
CA GLN B 147 -31.55 -3.92 18.75
CA GLN B 147 -31.55 -3.89 18.75
C GLN B 147 -30.15 -4.39 18.41
N ILE B 148 -29.13 -3.77 19.03
CA ILE B 148 -27.73 -4.21 18.88
C ILE B 148 -27.22 -4.53 20.29
N ASN B 149 -26.74 -5.75 20.47
CA ASN B 149 -26.30 -6.27 21.78
C ASN B 149 -27.40 -6.09 22.85
N ASN B 150 -28.64 -6.37 22.42
CA ASN B 150 -29.87 -6.26 23.25
C ASN B 150 -30.22 -4.85 23.75
N LYS B 151 -29.65 -3.82 23.13
CA LYS B 151 -29.89 -2.41 23.47
C LYS B 151 -30.55 -1.73 22.28
N PRO B 152 -31.60 -0.90 22.50
CA PRO B 152 -32.25 -0.25 21.37
C PRO B 152 -31.35 0.80 20.67
N ILE B 153 -31.30 0.74 19.35
CA ILE B 153 -30.53 1.69 18.53
C ILE B 153 -31.50 2.43 17.63
N ASN B 154 -31.47 3.76 17.66
CA ASN B 154 -32.31 4.57 16.76
C ASN B 154 -31.77 4.45 15.33
N ILE B 155 -32.68 4.22 14.40
CA ILE B 155 -32.33 4.00 12.99
C ILE B 155 -32.18 5.33 12.27
N THR B 156 -31.08 5.47 11.51
CA THR B 156 -30.87 6.63 10.66
C THR B 156 -31.34 6.26 9.26
N TRP B 157 -32.44 6.87 8.82
CA TRP B 157 -33.03 6.59 7.51
C TRP B 157 -32.34 7.36 6.39
N LYS B 158 -31.95 6.64 5.34
CA LYS B 158 -31.32 7.25 4.15
C LYS B 158 -32.15 6.93 2.90
N GLY B 159 -33.47 6.87 3.07
CA GLY B 159 -34.40 6.60 1.99
C GLY B 159 -35.56 5.79 2.52
N LYS B 160 -36.78 6.28 2.31
CA LYS B 160 -38.00 5.60 2.74
C LYS B 160 -39.14 5.85 1.75
N VAL B 161 -39.95 4.81 1.55
CA VAL B 161 -41.08 4.81 0.63
C VAL B 161 -42.37 4.71 1.44
N ASP B 162 -43.42 5.37 0.94
CA ASP B 162 -44.75 5.34 1.57
C ASP B 162 -45.37 3.97 1.32
N GLU B 163 -45.44 3.59 0.05
CA GLU B 163 -46.03 2.31 -0.38
CA GLU B 163 -46.01 2.29 -0.37
C GLU B 163 -45.25 1.71 -1.55
N ARG B 164 -44.96 0.42 -1.47
CA ARG B 164 -44.28 -0.30 -2.53
C ARG B 164 -45.34 -0.88 -3.45
N HIS B 165 -44.98 -1.08 -4.71
CA HIS B 165 -45.85 -1.68 -5.70
C HIS B 165 -45.34 -3.07 -6.02
N VAL B 166 -46.24 -3.95 -6.44
CA VAL B 166 -45.85 -5.29 -6.88
C VAL B 166 -45.70 -5.26 -8.41
N GLY B 167 -45.29 -6.39 -8.97
CA GLY B 167 -45.12 -6.56 -10.41
C GLY B 167 -44.82 -8.01 -10.74
N ILE B 168 -44.62 -8.30 -12.03
CA ILE B 168 -44.30 -9.64 -12.48
C ILE B 168 -43.19 -9.57 -13.55
N GLY B 169 -42.15 -10.36 -13.34
CA GLY B 169 -41.02 -10.46 -14.25
C GLY B 169 -41.37 -11.43 -15.34
N VAL B 170 -42.11 -10.95 -16.35
CA VAL B 170 -42.58 -11.76 -17.47
C VAL B 170 -41.44 -12.49 -18.18
N ARG B 171 -40.31 -11.81 -18.35
CA ARG B 171 -39.11 -12.42 -18.90
C ARG B 171 -37.91 -12.02 -18.05
N GLN B 172 -37.06 -13.00 -17.78
CA GLN B 172 -35.87 -12.80 -16.96
C GLN B 172 -34.68 -13.45 -17.62
N ALA B 173 -33.49 -12.97 -17.27
CA ALA B 173 -32.23 -13.45 -17.82
C ALA B 173 -32.17 -14.99 -17.80
N GLY B 174 -32.00 -15.58 -18.99
CA GLY B 174 -31.87 -17.03 -19.12
C GLY B 174 -33.14 -17.78 -19.47
N ASP B 175 -34.30 -17.15 -19.32
CA ASP B 175 -35.60 -17.79 -19.59
C ASP B 175 -35.65 -18.35 -21.00
N ASP B 176 -36.13 -19.59 -21.12
CA ASP B 176 -36.21 -20.34 -22.38
C ASP B 176 -34.90 -20.34 -23.18
N GLY B 177 -33.78 -20.38 -22.48
CA GLY B 177 -32.46 -20.41 -23.10
C GLY B 177 -31.95 -19.10 -23.69
N SER B 178 -32.66 -18.00 -23.49
CA SER B 178 -32.24 -16.68 -23.98
C SER B 178 -31.54 -15.91 -22.87
N ALA B 179 -30.32 -15.46 -23.15
CA ALA B 179 -29.53 -14.70 -22.18
C ALA B 179 -30.20 -13.40 -21.76
N ALA B 180 -30.91 -12.76 -22.68
CA ALA B 180 -31.56 -11.50 -22.39
C ALA B 180 -32.83 -11.26 -23.19
N PHE B 181 -33.59 -10.27 -22.73
CA PHE B 181 -34.80 -9.78 -23.36
C PHE B 181 -34.79 -8.26 -23.29
N ARG B 182 -35.05 -7.62 -24.41
CA ARG B 182 -35.06 -6.16 -24.49
C ARG B 182 -36.10 -5.61 -25.47
N ILE B 183 -36.31 -4.30 -25.39
CA ILE B 183 -37.12 -3.51 -26.34
C ILE B 183 -38.61 -3.86 -26.22
N PRO B 184 -39.26 -3.38 -25.14
CA PRO B 184 -40.65 -3.71 -24.85
C PRO B 184 -41.68 -2.98 -25.70
N GLY B 185 -42.73 -3.70 -26.08
CA GLY B 185 -43.92 -3.14 -26.72
C GLY B 185 -45.13 -3.79 -26.09
N LEU B 186 -46.20 -3.03 -25.90
CA LEU B 186 -47.41 -3.52 -25.22
C LEU B 186 -48.67 -2.91 -25.81
N VAL B 187 -49.67 -3.76 -26.07
CA VAL B 187 -51.01 -3.36 -26.49
C VAL B 187 -52.06 -4.21 -25.76
N THR B 188 -53.29 -3.71 -25.73
CA THR B 188 -54.42 -4.43 -25.17
C THR B 188 -55.38 -4.65 -26.33
N THR B 189 -55.65 -5.90 -26.68
CA THR B 189 -56.51 -6.22 -27.84
C THR B 189 -57.97 -5.87 -27.55
N ASN B 190 -58.81 -5.92 -28.58
CA ASN B 190 -60.26 -5.66 -28.41
C ASN B 190 -60.97 -6.63 -27.47
N ASN B 191 -60.35 -7.78 -27.20
CA ASN B 191 -60.86 -8.75 -26.21
C ASN B 191 -60.25 -8.61 -24.81
N GLY B 192 -59.49 -7.54 -24.58
CA GLY B 192 -58.86 -7.28 -23.28
C GLY B 192 -57.58 -8.05 -23.03
N THR B 193 -57.05 -8.70 -24.06
CA THR B 193 -55.84 -9.49 -23.96
C THR B 193 -54.64 -8.57 -24.03
N LEU B 194 -53.66 -8.83 -23.17
CA LEU B 194 -52.41 -8.07 -23.17
C LEU B 194 -51.39 -8.83 -23.99
N LEU B 195 -50.77 -8.15 -24.95
CA LEU B 195 -49.73 -8.71 -25.78
C LEU B 195 -48.45 -7.90 -25.59
N GLY B 196 -47.44 -8.54 -25.03
CA GLY B 196 -46.13 -7.93 -24.81
C GLY B 196 -45.14 -8.46 -25.82
N VAL B 197 -44.47 -7.57 -26.55
CA VAL B 197 -43.49 -7.92 -27.58
C VAL B 197 -42.08 -7.46 -27.18
N TYR B 198 -41.05 -8.15 -27.68
CA TYR B 198 -39.67 -7.88 -27.29
C TYR B 198 -38.66 -8.64 -28.17
N ASP B 199 -37.42 -8.17 -28.12
CA ASP B 199 -36.29 -8.91 -28.72
C ASP B 199 -36.02 -10.11 -27.82
N ILE B 200 -35.83 -11.28 -28.43
CA ILE B 200 -35.33 -12.46 -27.73
C ILE B 200 -33.83 -12.38 -28.08
N ARG B 201 -33.04 -11.85 -27.15
CA ARG B 201 -31.59 -11.67 -27.36
C ARG B 201 -30.85 -12.88 -26.76
N TYR B 202 -30.79 -13.93 -27.55
CA TYR B 202 -30.29 -15.24 -27.12
C TYR B 202 -28.88 -15.25 -26.53
N ASN B 203 -27.94 -14.60 -27.19
CA ASN B 203 -26.51 -14.69 -26.85
C ASN B 203 -25.95 -13.65 -25.87
N SER B 204 -26.46 -12.43 -25.93
CA SER B 204 -26.01 -11.35 -25.06
C SER B 204 -27.06 -10.25 -25.15
N SER B 205 -26.86 -9.17 -24.40
CA SER B 205 -27.83 -8.08 -24.40
C SER B 205 -27.60 -7.06 -25.53
N VAL B 206 -26.60 -7.27 -26.39
CA VAL B 206 -26.29 -6.32 -27.48
C VAL B 206 -27.38 -6.22 -28.55
N ASP B 207 -27.40 -5.09 -29.24
CA ASP B 207 -28.32 -4.85 -30.33
C ASP B 207 -27.90 -5.65 -31.56
N LEU B 208 -28.78 -5.67 -32.56
CA LEU B 208 -28.47 -6.26 -33.87
C LEU B 208 -27.15 -5.65 -34.36
N GLN B 209 -26.28 -6.36 -35.10
CA GLN B 209 -26.50 -7.72 -35.54
C GLN B 209 -26.18 -8.76 -34.46
N GLU B 210 -27.04 -9.78 -34.40
CA GLU B 210 -26.90 -10.94 -33.51
C GLU B 210 -28.08 -11.87 -33.70
N LYS B 211 -28.00 -13.06 -33.14
CA LYS B 211 -29.11 -14.01 -33.16
C LYS B 211 -30.20 -13.43 -32.26
N ILE B 212 -31.16 -12.75 -32.89
CA ILE B 212 -32.28 -12.13 -32.20
C ILE B 212 -33.57 -12.45 -32.95
N ASP B 213 -34.60 -12.88 -32.22
CA ASP B 213 -35.95 -13.11 -32.76
C ASP B 213 -36.90 -12.14 -32.07
N ILE B 214 -38.12 -12.05 -32.59
CA ILE B 214 -39.18 -11.28 -31.92
C ILE B 214 -40.05 -12.29 -31.17
N GLY B 215 -40.19 -12.09 -29.87
CA GLY B 215 -41.03 -12.93 -29.01
C GLY B 215 -42.26 -12.18 -28.57
N VAL B 216 -43.30 -12.92 -28.18
CA VAL B 216 -44.55 -12.34 -27.69
C VAL B 216 -45.09 -13.13 -26.49
N SER B 217 -45.35 -12.44 -25.38
CA SER B 217 -45.99 -13.03 -24.19
C SER B 217 -47.41 -12.51 -24.15
N ARG B 218 -48.37 -13.43 -23.96
CA ARG B 218 -49.81 -13.15 -24.01
C ARG B 218 -50.48 -13.48 -22.67
N SER B 219 -51.27 -12.53 -22.17
CA SER B 219 -52.02 -12.70 -20.91
C SER B 219 -53.50 -12.48 -21.15
N THR B 220 -54.33 -13.39 -20.65
CA THR B 220 -55.79 -13.28 -20.75
C THR B 220 -56.40 -12.96 -19.38
N ASP B 221 -55.58 -12.58 -18.39
CA ASP B 221 -56.06 -12.24 -17.03
C ASP B 221 -55.40 -10.94 -16.50
N LYS B 222 -55.20 -9.99 -17.39
CA LYS B 222 -54.68 -8.66 -17.05
C LYS B 222 -53.28 -8.66 -16.42
N GLY B 223 -52.42 -9.58 -16.87
CA GLY B 223 -51.03 -9.64 -16.42
C GLY B 223 -50.71 -10.53 -15.24
N GLN B 224 -51.72 -11.13 -14.63
CA GLN B 224 -51.52 -12.05 -13.50
C GLN B 224 -50.73 -13.29 -13.92
N THR B 225 -51.08 -13.85 -15.08
CA THR B 225 -50.38 -15.00 -15.67
C THR B 225 -50.12 -14.72 -17.14
N TRP B 226 -49.00 -15.24 -17.63
CA TRP B 226 -48.59 -15.06 -19.02
C TRP B 226 -48.36 -16.42 -19.66
N GLU B 227 -48.91 -16.60 -20.86
CA GLU B 227 -48.79 -17.85 -21.60
C GLU B 227 -47.33 -18.06 -22.05
N PRO B 228 -46.92 -19.32 -22.32
CA PRO B 228 -45.56 -19.55 -22.79
C PRO B 228 -45.20 -18.65 -23.98
N MSE B 229 -43.95 -18.18 -24.00
CA MSE B 229 -43.49 -17.28 -25.04
C MSE B 229 -43.67 -17.90 -26.44
O MSE B 229 -43.37 -19.08 -26.65
CB MSE B 229 -42.02 -16.95 -24.84
CG MSE B 229 -41.40 -16.10 -25.94
SE MSE B 229 -39.54 -15.87 -25.63
CE MSE B 229 -38.96 -17.71 -25.96
N ARG B 230 -44.16 -17.08 -27.36
CA ARG B 230 -44.29 -17.44 -28.77
C ARG B 230 -43.27 -16.64 -29.56
N VAL B 231 -42.60 -17.28 -30.52
CA VAL B 231 -41.71 -16.59 -31.43
C VAL B 231 -42.59 -16.01 -32.53
N ALA B 232 -42.77 -14.69 -32.53
CA ALA B 232 -43.62 -14.00 -33.51
C ALA B 232 -42.90 -13.77 -34.84
N MSE B 233 -41.57 -13.60 -34.78
CA MSE B 233 -40.80 -13.46 -36.00
C MSE B 233 -39.38 -14.01 -35.85
O MSE B 233 -38.73 -13.82 -34.82
CB MSE B 233 -40.76 -11.98 -36.44
CG MSE B 233 -40.74 -11.83 -37.95
SE MSE B 233 -40.65 -10.02 -38.64
CE MSE B 233 -41.85 -9.08 -37.45
N THR B 234 -38.93 -14.73 -36.88
CA THR B 234 -37.56 -15.23 -36.93
C THR B 234 -37.12 -15.45 -38.37
N PHE B 235 -35.81 -15.29 -38.63
CA PHE B 235 -35.23 -15.55 -39.95
C PHE B 235 -34.22 -16.68 -39.99
N LYS B 236 -33.99 -17.33 -38.85
CA LYS B 236 -33.15 -18.53 -38.74
C LYS B 236 -31.93 -18.48 -39.68
N GLN B 237 -31.79 -19.41 -40.62
CA GLN B 237 -30.64 -19.45 -41.54
C GLN B 237 -31.02 -19.04 -42.99
N THR B 238 -31.72 -17.91 -43.10
CA THR B 238 -32.15 -17.38 -44.39
C THR B 238 -30.96 -17.20 -45.33
N ASP B 239 -31.10 -17.68 -46.57
CA ASP B 239 -30.05 -17.65 -47.59
C ASP B 239 -28.78 -18.45 -47.21
N GLY B 240 -28.88 -19.32 -46.20
CA GLY B 240 -27.74 -20.10 -45.71
C GLY B 240 -26.81 -19.42 -44.72
N LEU B 241 -27.06 -18.15 -44.39
CA LEU B 241 -26.24 -17.45 -43.39
C LEU B 241 -26.58 -17.93 -41.99
N PRO B 242 -25.60 -17.92 -41.05
CA PRO B 242 -25.93 -18.30 -39.67
C PRO B 242 -27.02 -17.39 -39.08
N HIS B 243 -27.77 -17.94 -38.13
CA HIS B 243 -28.84 -17.20 -37.43
C HIS B 243 -28.31 -15.92 -36.76
N GLY B 244 -27.08 -15.98 -36.27
CA GLY B 244 -26.39 -14.81 -35.72
C GLY B 244 -26.21 -13.65 -36.70
N GLN B 245 -26.22 -13.94 -38.00
CA GLN B 245 -26.22 -12.91 -39.06
C GLN B 245 -27.57 -12.85 -39.80
N ASN B 246 -28.65 -13.07 -39.03
CA ASN B 246 -30.02 -13.04 -39.53
C ASN B 246 -30.99 -12.55 -38.45
N GLY B 247 -30.54 -11.62 -37.63
CA GLY B 247 -31.35 -11.12 -36.53
C GLY B 247 -32.51 -10.26 -36.96
N VAL B 248 -33.59 -10.30 -36.17
CA VAL B 248 -34.72 -9.38 -36.32
C VAL B 248 -35.01 -8.79 -34.95
N GLY B 249 -35.19 -7.48 -34.89
CA GLY B 249 -35.34 -6.80 -33.61
C GLY B 249 -36.01 -5.44 -33.60
N ASP B 250 -36.04 -4.86 -32.40
CA ASP B 250 -36.68 -3.58 -32.10
C ASP B 250 -38.16 -3.54 -32.53
N PRO B 251 -38.99 -4.44 -31.97
CA PRO B 251 -40.37 -4.56 -32.41
C PRO B 251 -41.24 -3.37 -32.03
N SER B 252 -42.25 -3.10 -32.86
CA SER B 252 -43.34 -2.19 -32.51
C SER B 252 -44.66 -2.91 -32.81
N ILE B 253 -45.57 -2.90 -31.85
CA ILE B 253 -46.83 -3.65 -31.96
C ILE B 253 -48.05 -2.72 -31.96
N LEU B 254 -49.03 -2.98 -32.83
CA LEU B 254 -50.29 -2.21 -32.80
C LEU B 254 -51.48 -3.13 -33.00
N VAL B 255 -52.62 -2.69 -32.45
CA VAL B 255 -53.89 -3.38 -32.63
C VAL B 255 -54.66 -2.57 -33.65
N ASP B 256 -55.09 -3.21 -34.73
CA ASP B 256 -56.03 -2.60 -35.67
C ASP B 256 -57.35 -2.73 -34.92
N GLU B 257 -57.77 -1.63 -34.30
CA GLU B 257 -58.96 -1.63 -33.43
C GLU B 257 -60.29 -1.82 -34.17
N LYS B 258 -60.29 -1.67 -35.49
CA LYS B 258 -61.51 -1.89 -36.28
C LYS B 258 -61.76 -3.38 -36.53
N THR B 259 -60.70 -4.17 -36.61
CA THR B 259 -60.78 -5.62 -36.90
C THR B 259 -60.21 -6.55 -35.82
N ASN B 260 -59.48 -6.00 -34.85
CA ASN B 260 -58.70 -6.74 -33.84
C ASN B 260 -57.47 -7.48 -34.41
N THR B 261 -57.07 -7.15 -35.63
CA THR B 261 -55.86 -7.72 -36.21
C THR B 261 -54.67 -7.05 -35.53
N ILE B 262 -53.70 -7.86 -35.09
CA ILE B 262 -52.53 -7.35 -34.41
C ILE B 262 -51.39 -7.34 -35.41
N TRP B 263 -50.66 -6.23 -35.45
CA TRP B 263 -49.53 -6.07 -36.36
C TRP B 263 -48.27 -5.83 -35.55
N VAL B 264 -47.19 -6.52 -35.90
CA VAL B 264 -45.87 -6.29 -35.31
C VAL B 264 -44.92 -5.98 -36.45
N VAL B 265 -44.17 -4.89 -36.32
CA VAL B 265 -43.15 -4.50 -37.29
C VAL B 265 -41.78 -4.58 -36.61
N ALA B 266 -40.79 -5.08 -37.34
CA ALA B 266 -39.42 -5.26 -36.84
C ALA B 266 -38.42 -5.11 -37.99
N ALA B 267 -37.15 -4.91 -37.63
CA ALA B 267 -36.06 -4.74 -38.60
C ALA B 267 -35.24 -6.02 -38.74
N TRP B 268 -35.26 -6.63 -39.93
CA TRP B 268 -34.40 -7.80 -40.22
C TRP B 268 -33.05 -7.34 -40.81
N THR B 269 -31.97 -7.71 -40.13
CA THR B 269 -30.60 -7.40 -40.57
C THR B 269 -29.93 -8.71 -41.01
N HIS B 270 -29.33 -8.68 -42.20
CA HIS B 270 -28.79 -9.86 -42.86
C HIS B 270 -27.30 -9.64 -43.13
N GLY B 271 -26.47 -10.56 -42.64
CA GLY B 271 -25.01 -10.46 -42.78
C GLY B 271 -24.49 -9.52 -41.70
N MSE B 272 -23.57 -8.64 -42.10
CA MSE B 272 -23.04 -7.56 -41.22
CA MSE B 272 -23.04 -7.57 -41.24
C MSE B 272 -22.28 -8.06 -39.98
O MSE B 272 -22.34 -7.43 -38.90
CB MSE B 272 -24.16 -6.62 -40.77
CB MSE B 272 -24.17 -6.55 -40.93
CG MSE B 272 -25.07 -6.11 -41.86
CG MSE B 272 -24.81 -5.94 -42.21
SE MSE B 272 -26.43 -4.94 -41.05
SE MSE B 272 -26.62 -5.18 -42.08
CE MSE B 272 -27.54 -4.63 -42.61
CE MSE B 272 -26.37 -3.99 -40.58
N GLY B 273 -21.53 -9.16 -40.12
CA GLY B 273 -20.71 -9.71 -39.03
C GLY B 273 -21.38 -9.80 -37.67
N ASN B 274 -20.63 -9.46 -36.62
CA ASN B 274 -21.12 -9.45 -35.24
C ASN B 274 -21.02 -8.04 -34.64
N GLU B 275 -21.08 -7.03 -35.50
CA GLU B 275 -21.03 -5.64 -35.08
C GLU B 275 -22.44 -5.09 -35.08
N ARG B 276 -22.60 -3.85 -34.62
CA ARG B 276 -23.94 -3.24 -34.51
C ARG B 276 -24.45 -2.78 -35.89
N ALA B 277 -25.69 -3.14 -36.19
CA ALA B 277 -26.32 -2.84 -37.47
C ALA B 277 -26.48 -1.34 -37.75
N TRP B 278 -26.59 -0.55 -36.69
CA TRP B 278 -26.65 0.91 -36.82
C TRP B 278 -25.47 1.45 -37.67
N TRP B 279 -24.29 0.82 -37.55
CA TRP B 279 -23.08 1.19 -38.30
C TRP B 279 -22.82 0.36 -39.57
N ASN B 280 -23.70 -0.58 -39.92
CA ASN B 280 -23.48 -1.46 -41.08
C ASN B 280 -24.61 -1.55 -42.11
N SER B 281 -25.82 -1.11 -41.76
CA SER B 281 -26.90 -0.99 -42.75
C SER B 281 -26.50 0.15 -43.68
N MSE B 282 -26.50 -0.11 -44.99
CA MSE B 282 -26.01 0.85 -45.98
C MSE B 282 -27.11 1.23 -46.97
O MSE B 282 -28.17 0.62 -46.96
CB MSE B 282 -24.84 0.22 -46.75
CG MSE B 282 -23.61 -0.06 -45.92
SE MSE B 282 -22.80 1.56 -45.21
CE MSE B 282 -21.50 0.76 -44.00
N PRO B 283 -26.86 2.26 -47.81
CA PRO B 283 -27.81 2.59 -48.86
C PRO B 283 -28.08 1.39 -49.77
N GLY B 284 -29.25 1.42 -50.41
CA GLY B 284 -29.71 0.32 -51.24
C GLY B 284 -31.06 -0.13 -50.74
N MSE B 285 -31.47 -1.32 -51.20
CA MSE B 285 -32.78 -1.89 -50.90
CA MSE B 285 -32.78 -1.88 -50.89
C MSE B 285 -32.76 -3.39 -50.56
O MSE B 285 -33.63 -3.85 -49.81
CB MSE B 285 -33.70 -1.66 -52.11
CB MSE B 285 -33.74 -1.64 -52.06
CG MSE B 285 -35.07 -1.21 -51.72
CG MSE B 285 -33.98 -0.17 -52.42
SE MSE B 285 -35.06 0.59 -50.99
SE MSE B 285 -34.76 0.89 -50.95
CE MSE B 285 -36.88 1.00 -51.52
CE MSE B 285 -36.43 -0.09 -50.75
N THR B 286 -31.80 -4.13 -51.10
CA THR B 286 -31.76 -5.58 -50.87
C THR B 286 -31.36 -5.92 -49.43
N PRO B 287 -31.69 -7.14 -48.96
CA PRO B 287 -31.24 -7.57 -47.62
C PRO B 287 -29.72 -7.58 -47.45
N ASP B 288 -28.95 -7.89 -48.50
CA ASP B 288 -27.48 -7.84 -48.43
C ASP B 288 -26.96 -6.43 -48.14
N GLU B 289 -27.68 -5.42 -48.65
CA GLU B 289 -27.28 -4.01 -48.52
C GLU B 289 -27.79 -3.29 -47.28
N THR B 290 -29.04 -3.52 -46.92
CA THR B 290 -29.70 -2.68 -45.91
C THR B 290 -30.70 -3.45 -45.04
N ALA B 291 -31.03 -2.86 -43.90
CA ALA B 291 -32.00 -3.44 -42.97
C ALA B 291 -33.36 -3.53 -43.64
N GLN B 292 -34.06 -4.63 -43.43
CA GLN B 292 -35.36 -4.88 -44.06
C GLN B 292 -36.50 -4.65 -43.07
N LEU B 293 -37.51 -3.89 -43.50
CA LEU B 293 -38.67 -3.61 -42.65
C LEU B 293 -39.67 -4.75 -42.86
N MSE B 294 -39.96 -5.49 -41.79
CA MSE B 294 -40.78 -6.70 -41.86
C MSE B 294 -42.02 -6.61 -40.99
O MSE B 294 -41.94 -6.14 -39.86
CB MSE B 294 -39.94 -7.90 -41.41
CG MSE B 294 -38.57 -8.01 -42.07
SE MSE B 294 -38.67 -8.16 -43.99
CE MSE B 294 -39.65 -9.85 -44.15
N LEU B 295 -43.15 -7.08 -41.53
CA LEU B 295 -44.43 -7.11 -40.81
C LEU B 295 -44.95 -8.54 -40.63
N VAL B 296 -45.51 -8.81 -39.46
CA VAL B 296 -46.29 -10.02 -39.22
C VAL B 296 -47.63 -9.57 -38.64
N LYS B 297 -48.67 -10.34 -38.93
CA LYS B 297 -49.99 -10.09 -38.36
C LYS B 297 -50.55 -11.32 -37.66
N SER B 298 -51.40 -11.09 -36.67
CA SER B 298 -52.15 -12.15 -36.01
C SER B 298 -53.62 -11.83 -36.16
N GLU B 299 -54.39 -12.80 -36.65
CA GLU B 299 -55.85 -12.66 -36.78
C GLU B 299 -56.59 -13.48 -35.72
N ASP B 300 -55.87 -14.04 -34.74
CA ASP B 300 -56.50 -14.83 -33.67
C ASP B 300 -56.08 -14.34 -32.27
N ASP B 301 -56.12 -13.02 -32.10
CA ASP B 301 -55.87 -12.37 -30.81
C ASP B 301 -54.44 -12.58 -30.26
N GLY B 302 -53.47 -12.72 -31.16
CA GLY B 302 -52.06 -12.91 -30.80
C GLY B 302 -51.55 -14.34 -30.62
N LYS B 303 -52.41 -15.34 -30.83
CA LYS B 303 -52.03 -16.74 -30.63
CA LYS B 303 -52.04 -16.75 -30.64
C LYS B 303 -51.09 -17.27 -31.72
N THR B 304 -51.39 -16.94 -32.98
CA THR B 304 -50.57 -17.38 -34.11
C THR B 304 -50.26 -16.17 -35.01
N TRP B 305 -49.12 -16.25 -35.70
CA TRP B 305 -48.60 -15.14 -36.49
C TRP B 305 -48.29 -15.57 -37.91
N SER B 306 -48.57 -14.67 -38.85
CA SER B 306 -48.30 -14.91 -40.26
C SER B 306 -46.80 -14.96 -40.53
N GLU B 307 -46.46 -15.44 -41.72
CA GLU B 307 -45.08 -15.39 -42.19
C GLU B 307 -44.72 -13.91 -42.41
N PRO B 308 -43.42 -13.55 -42.31
CA PRO B 308 -43.06 -12.14 -42.47
C PRO B 308 -43.40 -11.54 -43.83
N ILE B 309 -43.88 -10.29 -43.82
CA ILE B 309 -44.22 -9.52 -45.02
C ILE B 309 -43.23 -8.36 -45.16
N ASN B 310 -42.45 -8.34 -46.24
CA ASN B 310 -41.40 -7.34 -46.46
C ASN B 310 -41.97 -6.07 -47.08
N ILE B 311 -42.05 -4.99 -46.30
CA ILE B 311 -42.58 -3.70 -46.78
C ILE B 311 -41.52 -2.61 -47.03
N THR B 312 -40.24 -2.99 -47.03
CA THR B 312 -39.14 -2.06 -47.30
C THR B 312 -39.39 -1.22 -48.56
N SER B 313 -39.68 -1.92 -49.67
CA SER B 313 -39.86 -1.28 -50.99
C SER B 313 -41.01 -0.26 -51.05
N GLN B 314 -41.97 -0.37 -50.13
CA GLN B 314 -43.09 0.57 -50.05
C GLN B 314 -42.72 1.91 -49.39
N VAL B 315 -41.74 1.93 -48.48
CA VAL B 315 -41.44 3.13 -47.67
C VAL B 315 -39.99 3.60 -47.57
N LYS B 316 -39.00 2.75 -47.87
CA LYS B 316 -37.59 3.16 -47.75
C LYS B 316 -37.12 3.86 -49.02
N ASP B 317 -36.51 5.03 -48.87
CA ASP B 317 -35.77 5.67 -49.97
C ASP B 317 -34.43 4.92 -50.13
N PRO B 318 -34.02 4.59 -51.37
CA PRO B 318 -32.72 3.93 -51.62
C PRO B 318 -31.48 4.61 -51.02
N SER B 319 -31.49 5.95 -50.95
CA SER B 319 -30.37 6.72 -50.39
C SER B 319 -30.16 6.60 -48.88
N TRP B 320 -31.19 6.16 -48.15
CA TRP B 320 -31.09 6.00 -46.69
C TRP B 320 -30.23 4.81 -46.27
N TYR B 321 -29.43 5.00 -45.23
CA TYR B 321 -28.57 3.93 -44.68
C TYR B 321 -29.40 2.86 -43.96
N PHE B 322 -30.44 3.31 -43.24
CA PHE B 322 -31.19 2.45 -42.33
C PHE B 322 -32.60 3.01 -42.15
N LEU B 323 -33.62 2.22 -42.46
CA LEU B 323 -35.01 2.57 -42.10
C LEU B 323 -35.54 1.51 -41.16
N LEU B 324 -35.98 1.94 -39.98
CA LEU B 324 -36.67 1.03 -39.08
C LEU B 324 -37.76 1.71 -38.29
N GLN B 325 -38.63 0.89 -37.73
CA GLN B 325 -39.67 1.30 -36.82
C GLN B 325 -39.10 1.92 -35.56
N GLY B 326 -39.92 2.73 -34.90
CA GLY B 326 -39.63 3.21 -33.56
C GLY B 326 -40.17 2.11 -32.66
N PRO B 327 -39.34 1.56 -31.76
CA PRO B 327 -39.80 0.45 -30.92
C PRO B 327 -40.91 0.83 -29.92
N GLY B 328 -41.71 -0.16 -29.52
CA GLY B 328 -42.79 0.04 -28.58
C GLY B 328 -44.12 -0.32 -29.23
N ARG B 329 -44.94 0.69 -29.49
CA ARG B 329 -46.22 0.47 -30.16
C ARG B 329 -46.54 1.45 -31.28
N GLY B 330 -47.57 1.10 -32.04
CA GLY B 330 -48.21 1.97 -33.04
C GLY B 330 -49.64 2.14 -32.57
N ILE B 331 -50.49 2.71 -33.44
CA ILE B 331 -51.89 2.99 -33.09
C ILE B 331 -52.85 2.82 -34.26
N THR B 332 -54.14 2.80 -33.92
CA THR B 332 -55.22 2.96 -34.90
C THR B 332 -55.78 4.35 -34.61
N MSE B 333 -55.82 5.21 -35.63
CA MSE B 333 -56.43 6.53 -35.49
C MSE B 333 -57.96 6.39 -35.42
O MSE B 333 -58.52 5.33 -35.73
CB MSE B 333 -56.04 7.43 -36.65
CG MSE B 333 -54.56 7.73 -36.71
SE MSE B 333 -54.12 8.96 -38.12
CE MSE B 333 -54.78 10.64 -37.34
N GLN B 334 -58.62 7.47 -35.01
CA GLN B 334 -60.08 7.49 -34.88
C GLN B 334 -60.77 7.15 -36.21
N ASP B 335 -60.18 7.61 -37.32
CA ASP B 335 -60.71 7.33 -38.66
C ASP B 335 -60.32 5.96 -39.24
N GLY B 336 -59.63 5.14 -38.45
CA GLY B 336 -59.23 3.78 -38.84
C GLY B 336 -57.87 3.64 -39.47
N THR B 337 -57.11 4.74 -39.57
CA THR B 337 -55.77 4.72 -40.17
C THR B 337 -54.78 4.10 -39.18
N LEU B 338 -54.03 3.12 -39.65
CA LEU B 338 -53.01 2.46 -38.82
C LEU B 338 -51.71 3.25 -38.94
N VAL B 339 -51.01 3.45 -37.83
CA VAL B 339 -49.82 4.28 -37.82
C VAL B 339 -48.72 3.69 -36.94
N PHE B 340 -47.51 3.60 -37.50
CA PHE B 340 -46.32 3.19 -36.74
C PHE B 340 -45.28 4.32 -36.82
N PRO B 341 -44.63 4.63 -35.70
CA PRO B 341 -43.50 5.55 -35.79
C PRO B 341 -42.32 4.87 -36.48
N ILE B 342 -41.52 5.67 -37.18
CA ILE B 342 -40.34 5.17 -37.87
C ILE B 342 -39.14 6.09 -37.60
N GLN B 343 -37.98 5.64 -38.05
CA GLN B 343 -36.76 6.42 -37.96
C GLN B 343 -35.86 5.99 -39.11
N PHE B 344 -35.19 6.96 -39.73
CA PHE B 344 -34.28 6.67 -40.81
C PHE B 344 -33.00 7.50 -40.77
N ILE B 345 -31.91 6.85 -41.13
CA ILE B 345 -30.62 7.51 -41.27
C ILE B 345 -30.53 7.92 -42.74
N ASP B 346 -30.57 9.22 -42.98
CA ASP B 346 -30.60 9.75 -44.36
C ASP B 346 -29.22 9.68 -45.05
N ALA B 347 -29.20 10.12 -46.30
CA ALA B 347 -27.96 10.16 -47.10
C ALA B 347 -26.84 10.98 -46.49
N THR B 348 -27.17 11.94 -45.62
CA THR B 348 -26.16 12.73 -44.89
C THR B 348 -25.81 12.12 -43.53
N ARG B 349 -26.17 10.84 -43.33
CA ARG B 349 -25.86 10.06 -42.11
C ARG B 349 -26.51 10.60 -40.83
N VAL B 350 -27.59 11.36 -40.97
CA VAL B 350 -28.29 11.94 -39.82
C VAL B 350 -29.59 11.15 -39.58
N PRO B 351 -29.83 10.64 -38.34
CA PRO B 351 -31.06 9.92 -38.06
C PRO B 351 -32.22 10.90 -37.89
N ASN B 352 -33.43 10.49 -38.28
CA ASN B 352 -34.62 11.36 -38.19
C ASN B 352 -35.87 10.56 -37.84
N ALA B 353 -36.69 11.09 -36.94
CA ALA B 353 -37.95 10.44 -36.59
C ALA B 353 -39.08 10.88 -37.54
N GLY B 354 -40.06 9.99 -37.70
CA GLY B 354 -41.24 10.26 -38.52
C GLY B 354 -42.32 9.23 -38.26
N ILE B 355 -43.27 9.11 -39.19
CA ILE B 355 -44.33 8.12 -39.10
C ILE B 355 -44.65 7.52 -40.48
N MSE B 356 -45.10 6.27 -40.47
CA MSE B 356 -45.63 5.64 -41.64
C MSE B 356 -47.04 5.21 -41.31
O MSE B 356 -47.33 4.97 -40.14
CB MSE B 356 -44.76 4.45 -42.09
CG MSE B 356 -44.67 3.32 -41.12
SE MSE B 356 -43.91 1.82 -42.06
CE MSE B 356 -44.19 0.49 -40.66
N TYR B 357 -47.90 5.11 -42.32
CA TYR B 357 -49.30 4.78 -42.10
C TYR B 357 -49.88 3.94 -43.22
N SER B 358 -51.04 3.36 -42.93
CA SER B 358 -51.79 2.54 -43.89
C SER B 358 -53.26 2.88 -43.77
N LYS B 359 -53.86 3.27 -44.89
CA LYS B 359 -55.31 3.52 -44.94
C LYS B 359 -56.12 2.30 -45.43
N ASP B 360 -55.46 1.15 -45.63
CA ASP B 360 -56.12 -0.05 -46.12
C ASP B 360 -55.86 -1.29 -45.24
N ARG B 361 -55.92 -1.07 -43.93
CA ARG B 361 -55.81 -2.14 -42.91
C ARG B 361 -54.43 -2.84 -42.92
N GLY B 362 -53.38 -2.12 -43.32
CA GLY B 362 -52.00 -2.64 -43.29
C GLY B 362 -51.48 -3.36 -44.53
N LYS B 363 -52.23 -3.30 -45.64
CA LYS B 363 -51.80 -3.92 -46.90
C LYS B 363 -50.73 -3.07 -47.58
N THR B 364 -50.93 -1.75 -47.62
CA THR B 364 -50.00 -0.81 -48.24
C THR B 364 -49.66 0.32 -47.25
N TRP B 365 -48.38 0.69 -47.22
CA TRP B 365 -47.85 1.66 -46.26
C TRP B 365 -47.20 2.88 -46.93
N HIS B 366 -47.33 4.03 -46.28
CA HIS B 366 -46.86 5.31 -46.82
C HIS B 366 -46.08 6.09 -45.76
N LEU B 367 -44.99 6.73 -46.20
CA LEU B 367 -44.11 7.51 -45.34
C LEU B 367 -43.75 8.79 -46.06
N HIS B 368 -44.01 9.94 -45.43
CA HIS B 368 -43.74 11.24 -46.05
C HIS B 368 -42.43 11.86 -45.58
N ASN B 369 -42.50 12.91 -44.74
CA ASN B 369 -41.32 13.69 -44.35
C ASN B 369 -40.97 13.54 -42.89
N LEU B 370 -39.68 13.74 -42.58
CA LEU B 370 -39.17 13.67 -41.22
C LEU B 370 -39.80 14.75 -40.32
N ALA B 371 -40.02 14.40 -39.06
CA ALA B 371 -40.61 15.31 -38.08
C ALA B 371 -39.57 16.27 -37.52
N ARG B 372 -38.35 15.77 -37.30
CA ARG B 372 -37.26 16.57 -36.74
C ARG B 372 -35.91 15.91 -37.00
N THR B 373 -34.89 16.72 -37.27
CA THR B 373 -33.56 16.18 -37.55
C THR B 373 -32.86 15.74 -36.28
N ASN B 374 -31.93 14.81 -36.46
CA ASN B 374 -31.12 14.24 -35.39
C ASN B 374 -31.95 13.66 -34.22
N THR B 375 -32.99 12.91 -34.60
CA THR B 375 -33.87 12.22 -33.65
C THR B 375 -33.94 10.75 -34.07
N THR B 376 -34.27 9.87 -33.12
CA THR B 376 -34.25 8.43 -33.38
C THR B 376 -35.59 7.79 -33.00
N GLU B 377 -35.64 7.14 -31.85
CA GLU B 377 -36.81 6.40 -31.40
C GLU B 377 -37.89 7.36 -30.98
N ALA B 378 -39.11 7.08 -31.43
CA ALA B 378 -40.25 7.92 -31.14
C ALA B 378 -41.51 7.10 -30.97
N GLN B 379 -42.48 7.69 -30.29
CA GLN B 379 -43.82 7.12 -30.16
C GLN B 379 -44.84 8.15 -30.57
N VAL B 380 -45.96 7.67 -31.11
CA VAL B 380 -47.01 8.50 -31.70
C VAL B 380 -48.33 8.28 -30.95
N ALA B 381 -49.06 9.38 -30.73
CA ALA B 381 -50.37 9.34 -30.09
C ALA B 381 -51.30 10.34 -30.79
N GLU B 382 -52.57 9.98 -30.91
CA GLU B 382 -53.56 10.87 -31.53
C GLU B 382 -54.10 11.79 -30.45
N VAL B 383 -53.40 12.90 -30.21
CA VAL B 383 -53.72 13.84 -29.12
C VAL B 383 -55.14 14.40 -29.25
N GLU B 384 -55.52 14.76 -30.48
CA GLU B 384 -56.89 15.14 -30.82
C GLU B 384 -57.22 14.47 -32.15
N PRO B 385 -58.53 14.27 -32.46
CA PRO B 385 -58.91 13.60 -33.71
C PRO B 385 -58.21 14.21 -34.93
N GLY B 386 -57.50 13.40 -35.70
CA GLY B 386 -56.77 13.86 -36.89
C GLY B 386 -55.45 14.57 -36.66
N VAL B 387 -55.01 14.66 -35.39
CA VAL B 387 -53.74 15.28 -35.02
C VAL B 387 -52.86 14.22 -34.36
N LEU B 388 -51.78 13.83 -35.04
CA LEU B 388 -50.83 12.88 -34.49
C LEU B 388 -49.71 13.66 -33.80
N MSE B 389 -49.38 13.25 -32.58
CA MSE B 389 -48.30 13.85 -31.80
C MSE B 389 -47.15 12.83 -31.75
O MSE B 389 -47.37 11.71 -31.30
CB MSE B 389 -48.77 14.17 -30.39
CG MSE B 389 -47.67 14.55 -29.40
SE MSE B 389 -48.41 15.01 -27.66
CE MSE B 389 -49.12 16.76 -28.14
N LEU B 390 -45.96 13.25 -32.20
CA LEU B 390 -44.76 12.40 -32.18
C LEU B 390 -43.83 12.87 -31.07
N ASN B 391 -43.49 11.96 -30.16
CA ASN B 391 -42.63 12.21 -29.00
C ASN B 391 -41.31 11.46 -29.26
N MSE B 392 -40.21 12.19 -29.32
CA MSE B 392 -38.94 11.69 -29.89
C MSE B 392 -37.73 11.71 -28.99
O MSE B 392 -37.53 12.63 -28.20
CB MSE B 392 -38.58 12.55 -31.11
CG MSE B 392 -39.54 12.44 -32.27
SE MSE B 392 -39.40 13.98 -33.45
CE MSE B 392 -40.34 15.28 -32.28
N ARG B 393 -36.91 10.67 -29.16
CA ARG B 393 -35.58 10.57 -28.57
C ARG B 393 -34.74 11.55 -29.37
N ASP B 394 -34.14 12.50 -28.69
CA ASP B 394 -33.38 13.57 -29.35
C ASP B 394 -31.90 13.50 -28.95
N ASN B 395 -31.04 13.26 -29.95
CA ASN B 395 -29.59 13.15 -29.76
C ASN B 395 -28.90 14.42 -29.21
N ARG B 396 -29.58 15.57 -29.27
CA ARG B 396 -29.07 16.81 -28.63
C ARG B 396 -28.97 16.64 -27.10
N GLY B 397 -29.76 15.72 -26.52
CA GLY B 397 -29.68 15.36 -25.11
C GLY B 397 -30.52 16.24 -24.21
N GLY B 398 -30.90 15.69 -23.04
CA GLY B 398 -31.62 16.43 -22.01
C GLY B 398 -33.13 16.40 -21.99
N SER B 399 -33.77 16.24 -23.15
CA SER B 399 -35.24 16.35 -23.22
C SER B 399 -35.86 15.81 -24.51
N ARG B 400 -37.08 15.30 -24.35
CA ARG B 400 -37.86 14.74 -25.46
C ARG B 400 -38.25 15.86 -26.43
N ALA B 401 -38.11 15.60 -27.73
CA ALA B 401 -38.61 16.51 -28.76
C ALA B 401 -40.03 16.07 -29.09
N VAL B 402 -40.91 17.06 -29.35
CA VAL B 402 -42.32 16.83 -29.59
C VAL B 402 -42.79 17.64 -30.80
N ALA B 403 -43.55 17.01 -31.69
CA ALA B 403 -44.13 17.68 -32.86
C ALA B 403 -45.45 17.03 -33.22
N THR B 404 -46.26 17.77 -33.99
CA THR B 404 -47.55 17.27 -34.46
C THR B 404 -47.71 17.47 -35.95
N THR B 405 -48.60 16.67 -36.53
CA THR B 405 -48.93 16.75 -37.95
C THR B 405 -50.42 16.46 -38.11
N LYS B 406 -51.05 17.23 -39.01
CA LYS B 406 -52.45 17.05 -39.36
C LYS B 406 -52.63 16.44 -40.76
N ASP B 407 -51.51 16.12 -41.43
CA ASP B 407 -51.53 15.54 -42.78
C ASP B 407 -50.66 14.28 -42.87
N LEU B 408 -50.67 13.49 -41.80
CA LEU B 408 -49.95 12.22 -41.73
C LEU B 408 -48.46 12.35 -42.03
N GLY B 409 -47.84 13.42 -41.55
CA GLY B 409 -46.40 13.63 -41.68
C GLY B 409 -45.83 14.27 -42.94
N LYS B 410 -46.68 14.93 -43.75
CA LYS B 410 -46.17 15.74 -44.86
C LYS B 410 -45.55 17.02 -44.28
N THR B 411 -46.26 17.64 -43.33
CA THR B 411 -45.78 18.83 -42.63
C THR B 411 -45.91 18.62 -41.13
N TRP B 412 -44.94 19.15 -40.40
CA TRP B 412 -44.89 19.04 -38.94
C TRP B 412 -44.81 20.42 -38.28
N THR B 413 -45.26 20.47 -37.03
CA THR B 413 -45.24 21.67 -36.22
C THR B 413 -44.63 21.32 -34.87
N GLU B 414 -43.56 22.01 -34.45
CA GLU B 414 -43.00 21.80 -33.12
C GLU B 414 -44.05 22.17 -32.06
N HIS B 415 -44.15 21.35 -31.02
CA HIS B 415 -45.12 21.54 -29.96
C HIS B 415 -44.46 22.39 -28.87
N PRO B 416 -45.25 23.24 -28.15
CA PRO B 416 -44.72 24.03 -27.03
C PRO B 416 -43.90 23.27 -25.99
N SER B 417 -44.29 22.02 -25.73
CA SER B 417 -43.64 21.15 -24.75
C SER B 417 -42.30 20.56 -25.20
N SER B 418 -42.00 20.68 -26.50
CA SER B 418 -40.77 20.12 -27.07
C SER B 418 -39.54 20.73 -26.40
N ARG B 419 -38.58 19.87 -26.11
CA ARG B 419 -37.29 20.27 -25.55
C ARG B 419 -37.40 21.11 -24.25
N SER B 420 -38.37 20.79 -23.40
CA SER B 420 -38.59 21.54 -22.16
C SER B 420 -39.43 20.81 -21.10
N ALA B 421 -40.59 20.28 -21.50
CA ALA B 421 -41.51 19.65 -20.55
C ALA B 421 -41.08 18.26 -20.06
N LEU B 422 -40.46 17.45 -20.91
CA LEU B 422 -40.11 16.07 -20.57
C LEU B 422 -38.61 15.76 -20.69
N GLN B 423 -37.94 15.66 -19.54
CA GLN B 423 -36.50 15.41 -19.50
C GLN B 423 -36.18 13.96 -19.85
N GLU B 424 -34.99 13.74 -20.39
CA GLU B 424 -34.52 12.39 -20.71
C GLU B 424 -32.99 12.35 -20.81
N SER B 425 -32.47 11.13 -20.76
CA SER B 425 -31.03 10.88 -20.92
C SER B 425 -30.71 10.32 -22.32
N VAL B 426 -31.63 10.54 -23.29
CA VAL B 426 -31.56 9.95 -24.64
C VAL B 426 -31.85 8.44 -24.53
N CYS B 427 -33.15 8.14 -24.48
CA CYS B 427 -33.64 6.79 -24.27
C CYS B 427 -35.04 6.67 -24.87
N MSE B 428 -35.48 5.44 -25.10
CA MSE B 428 -36.85 5.20 -25.55
C MSE B 428 -37.84 5.70 -24.47
O MSE B 428 -37.51 5.72 -23.29
CB MSE B 428 -37.08 3.72 -25.82
CG MSE B 428 -38.39 3.38 -26.48
SE MSE B 428 -39.71 2.88 -25.16
CE MSE B 428 -41.24 2.65 -26.35
N ALA B 429 -38.99 6.20 -24.91
CA ALA B 429 -40.07 6.62 -24.03
C ALA B 429 -41.40 6.23 -24.66
N SER B 430 -42.42 6.03 -23.84
CA SER B 430 -43.74 5.64 -24.28
C SER B 430 -44.73 6.77 -24.11
N LEU B 431 -45.67 6.89 -25.04
CA LEU B 431 -46.76 7.86 -25.00
C LEU B 431 -48.04 7.23 -25.55
N ILE B 432 -49.14 7.36 -24.80
CA ILE B 432 -50.46 6.89 -25.26
C ILE B 432 -51.53 7.93 -24.96
N LYS B 433 -52.56 7.96 -25.80
CA LYS B 433 -53.75 8.79 -25.60
C LYS B 433 -54.84 7.92 -25.00
N VAL B 434 -55.55 8.44 -24.01
CA VAL B 434 -56.70 7.76 -23.39
C VAL B 434 -57.87 8.72 -23.50
N ASN B 435 -58.93 8.32 -24.20
CA ASN B 435 -60.14 9.14 -24.36
C ASN B 435 -60.96 9.18 -23.08
N ALA B 436 -61.64 10.30 -22.84
CA ALA B 436 -62.48 10.50 -21.65
C ALA B 436 -63.55 9.42 -21.48
N LYS B 437 -64.16 9.03 -22.60
CA LYS B 437 -65.19 7.97 -22.63
C LYS B 437 -64.65 6.61 -22.15
N ASP B 438 -63.37 6.34 -22.44
CA ASP B 438 -62.75 5.04 -22.16
C ASP B 438 -61.99 4.94 -20.85
N ASN B 439 -62.12 5.93 -19.96
CA ASN B 439 -61.47 5.84 -18.65
C ASN B 439 -62.27 6.44 -17.50
N ILE B 440 -61.88 6.03 -16.30
CA ILE B 440 -62.59 6.32 -15.06
C ILE B 440 -62.58 7.82 -14.68
N THR B 441 -61.54 8.56 -15.10
CA THR B 441 -61.47 10.01 -14.77
C THR B 441 -62.51 10.82 -15.56
N GLY B 442 -63.00 10.28 -16.67
CA GLY B 442 -63.97 10.96 -17.52
C GLY B 442 -63.35 12.13 -18.28
N LYS B 443 -62.03 12.11 -18.45
CA LYS B 443 -61.29 13.19 -19.09
C LYS B 443 -60.24 12.62 -20.03
N ASP B 444 -59.93 13.35 -21.11
CA ASP B 444 -58.90 12.93 -22.06
C ASP B 444 -57.55 12.97 -21.33
N LEU B 445 -56.70 11.99 -21.61
CA LEU B 445 -55.40 11.90 -20.97
C LEU B 445 -54.32 11.53 -21.96
N LEU B 446 -53.13 12.06 -21.72
CA LEU B 446 -51.93 11.53 -22.33
C LEU B 446 -51.19 10.87 -21.18
N LEU B 447 -50.66 9.67 -21.41
CA LEU B 447 -49.85 8.98 -20.42
C LEU B 447 -48.48 8.76 -21.05
N PHE B 448 -47.43 9.10 -20.31
CA PHE B 448 -46.05 9.04 -20.78
C PHE B 448 -45.24 8.24 -19.78
N SER B 449 -44.23 7.51 -20.25
CA SER B 449 -43.31 6.82 -19.34
C SER B 449 -41.89 6.83 -19.87
N ASN B 450 -40.93 7.11 -18.97
CA ASN B 450 -39.50 7.04 -19.28
C ASN B 450 -38.62 7.05 -18.01
N PRO B 451 -37.31 6.86 -18.17
CA PRO B 451 -36.42 7.15 -17.04
C PRO B 451 -36.43 8.68 -16.81
N ASN B 452 -37.06 9.10 -15.72
CA ASN B 452 -37.27 10.52 -15.40
C ASN B 452 -36.00 11.17 -14.80
N THR B 453 -35.02 11.37 -15.68
CA THR B 453 -33.72 11.92 -15.30
C THR B 453 -32.93 12.29 -16.55
N THR B 454 -31.88 13.09 -16.36
CA THR B 454 -30.94 13.44 -17.44
C THR B 454 -29.63 12.66 -17.29
N LYS B 455 -29.43 11.99 -16.15
CA LYS B 455 -28.23 11.19 -15.86
C LYS B 455 -28.60 9.71 -15.73
N GLY B 456 -28.12 8.91 -16.68
CA GLY B 456 -28.34 7.47 -16.66
C GLY B 456 -29.77 7.06 -16.98
N ARG B 457 -30.11 5.81 -16.68
CA ARG B 457 -31.47 5.30 -16.89
C ARG B 457 -31.98 4.71 -15.60
N ASN B 458 -32.74 5.53 -14.88
CA ASN B 458 -33.31 5.17 -13.59
C ASN B 458 -34.54 6.04 -13.35
N HIS B 459 -35.23 5.83 -12.25
CA HIS B 459 -36.46 6.57 -11.91
C HIS B 459 -37.51 6.44 -13.02
N ILE B 460 -37.85 5.19 -13.33
CA ILE B 460 -38.86 4.88 -14.35
C ILE B 460 -40.18 5.34 -13.75
N THR B 461 -40.81 6.30 -14.45
CA THR B 461 -41.98 7.01 -13.91
C THR B 461 -43.05 7.14 -14.98
N ILE B 462 -44.32 6.96 -14.57
CA ILE B 462 -45.46 7.22 -15.43
C ILE B 462 -45.94 8.64 -15.15
N LYS B 463 -46.10 9.45 -16.19
CA LYS B 463 -46.58 10.83 -16.07
C LYS B 463 -47.89 10.98 -16.85
N ALA B 464 -48.85 11.72 -16.28
CA ALA B 464 -50.13 12.01 -16.91
C ALA B 464 -50.25 13.51 -17.22
N SER B 465 -50.85 13.83 -18.37
CA SER B 465 -51.17 15.21 -18.76
C SER B 465 -52.66 15.32 -19.03
N LEU B 466 -53.27 16.38 -18.50
CA LEU B 466 -54.70 16.69 -18.71
C LEU B 466 -54.92 17.82 -19.74
N ASP B 467 -53.85 18.31 -20.38
CA ASP B 467 -53.93 19.42 -21.34
C ASP B 467 -53.20 19.13 -22.67
N GLY B 468 -53.39 17.92 -23.20
CA GLY B 468 -52.79 17.53 -24.47
C GLY B 468 -51.26 17.58 -24.53
N GLY B 469 -50.61 17.31 -23.40
CA GLY B 469 -49.15 17.29 -23.34
C GLY B 469 -48.46 18.64 -23.17
N LEU B 470 -49.22 19.71 -22.94
CA LEU B 470 -48.61 21.04 -22.69
C LEU B 470 -47.85 21.03 -21.36
N THR B 471 -48.47 20.46 -20.32
CA THR B 471 -47.85 20.34 -18.99
C THR B 471 -48.01 18.92 -18.46
N TRP B 472 -47.06 18.53 -17.60
CA TRP B 472 -47.02 17.22 -16.95
C TRP B 472 -46.79 17.47 -15.45
N PRO B 473 -47.87 17.79 -14.69
CA PRO B 473 -47.77 18.09 -13.25
C PRO B 473 -47.13 16.99 -12.43
N THR B 474 -46.28 17.36 -11.47
CA THR B 474 -45.60 16.38 -10.60
C THR B 474 -46.60 15.56 -9.78
N GLU B 475 -47.69 16.19 -9.34
CA GLU B 475 -48.78 15.53 -8.61
C GLU B 475 -49.34 14.31 -9.37
N HIS B 476 -49.36 14.37 -10.70
CA HIS B 476 -49.92 13.31 -11.54
C HIS B 476 -48.87 12.36 -12.13
N GLN B 477 -47.88 11.99 -11.31
CA GLN B 477 -46.80 11.11 -11.70
C GLN B 477 -46.64 9.99 -10.68
N VAL B 478 -46.13 8.84 -11.12
CA VAL B 478 -45.87 7.70 -10.23
C VAL B 478 -44.52 7.09 -10.55
N LEU B 479 -43.61 7.13 -9.58
CA LEU B 479 -42.30 6.48 -9.65
C LEU B 479 -42.52 4.98 -9.42
N LEU B 480 -41.98 4.16 -10.32
CA LEU B 480 -42.08 2.72 -10.19
C LEU B 480 -40.73 2.02 -9.98
N ASP B 481 -39.65 2.58 -10.49
CA ASP B 481 -38.35 1.92 -10.36
C ASP B 481 -37.25 2.95 -10.18
N GLU B 482 -36.80 3.06 -8.93
CA GLU B 482 -35.79 4.02 -8.54
C GLU B 482 -34.39 3.66 -9.04
N ALA B 483 -34.11 2.35 -9.16
CA ALA B 483 -32.77 1.83 -9.49
C ALA B 483 -32.43 1.92 -10.98
N GLU B 484 -31.21 1.51 -11.31
CA GLU B 484 -30.71 1.59 -12.68
C GLU B 484 -31.19 0.39 -13.50
N GLY B 485 -31.54 0.65 -14.76
CA GLY B 485 -31.95 -0.42 -15.68
C GLY B 485 -31.69 -0.03 -17.12
N TRP B 486 -32.14 -0.85 -18.06
CA TRP B 486 -31.94 -0.55 -19.48
C TRP B 486 -32.88 0.55 -19.98
N GLY B 487 -33.98 0.79 -19.26
CA GLY B 487 -34.77 2.01 -19.43
C GLY B 487 -35.99 2.05 -20.31
N TYR B 488 -36.09 1.16 -21.30
CA TYR B 488 -37.22 1.19 -22.24
C TYR B 488 -38.51 0.72 -21.55
N SER B 489 -39.64 1.32 -21.96
CA SER B 489 -40.94 1.04 -21.38
C SER B 489 -42.04 1.19 -22.43
N CYS B 490 -43.17 0.55 -22.22
CA CYS B 490 -44.32 0.72 -23.11
C CYS B 490 -45.62 0.64 -22.32
N LEU B 491 -46.52 1.58 -22.57
CA LEU B 491 -47.77 1.70 -21.84
C LEU B 491 -48.95 1.19 -22.66
N SER B 492 -49.95 0.67 -21.96
CA SER B 492 -51.24 0.36 -22.57
C SER B 492 -52.27 0.25 -21.48
N MSE B 493 -53.46 0.79 -21.74
CA MSE B 493 -54.55 0.73 -20.77
C MSE B 493 -55.01 -0.72 -20.71
O MSE B 493 -55.22 -1.36 -21.75
CB MSE B 493 -55.71 1.65 -21.18
CG MSE B 493 -55.39 3.14 -21.10
SE MSE B 493 -55.19 3.76 -19.24
CE MSE B 493 -57.02 3.66 -18.66
N ILE B 494 -55.10 -1.24 -19.49
CA ILE B 494 -55.59 -2.61 -19.26
C ILE B 494 -57.12 -2.61 -19.37
N ASP B 495 -57.74 -1.65 -18.69
CA ASP B 495 -59.19 -1.45 -18.74
C ASP B 495 -59.48 0.04 -18.53
N LYS B 496 -60.69 0.42 -18.11
CA LYS B 496 -61.01 1.83 -17.85
C LYS B 496 -60.33 2.42 -16.61
N GLU B 497 -59.87 1.56 -15.70
CA GLU B 497 -59.36 2.01 -14.40
C GLU B 497 -57.86 1.84 -14.18
N THR B 498 -57.17 1.07 -15.04
CA THR B 498 -55.77 0.72 -14.83
CA THR B 498 -55.74 0.82 -14.82
C THR B 498 -54.91 0.86 -16.09
N VAL B 499 -53.70 1.40 -15.94
CA VAL B 499 -52.71 1.49 -17.01
C VAL B 499 -51.68 0.39 -16.75
N GLY B 500 -51.28 -0.29 -17.82
CA GLY B 500 -50.25 -1.33 -17.73
C GLY B 500 -48.96 -0.78 -18.29
N ILE B 501 -47.84 -1.15 -17.66
CA ILE B 501 -46.52 -0.77 -18.15
C ILE B 501 -45.70 -2.04 -18.29
N PHE B 502 -45.05 -2.18 -19.43
CA PHE B 502 -44.22 -3.34 -19.77
C PHE B 502 -42.86 -2.70 -20.02
N TYR B 503 -41.91 -2.93 -19.12
CA TYR B 503 -40.63 -2.23 -19.18
C TYR B 503 -39.40 -2.98 -18.67
N GLU B 504 -38.24 -2.46 -19.04
CA GLU B 504 -36.94 -2.96 -18.62
C GLU B 504 -36.66 -2.31 -17.27
N SER B 505 -36.65 -3.11 -16.20
CA SER B 505 -36.48 -2.60 -14.84
C SER B 505 -35.16 -3.06 -14.23
N SER B 506 -34.90 -2.55 -13.04
CA SER B 506 -33.75 -2.96 -12.23
C SER B 506 -33.89 -4.39 -11.69
N VAL B 507 -35.11 -4.92 -11.70
CA VAL B 507 -35.40 -6.27 -11.18
C VAL B 507 -35.71 -7.34 -12.24
N ALA B 508 -36.06 -6.95 -13.47
CA ALA B 508 -36.33 -7.93 -14.54
C ALA B 508 -36.28 -7.30 -15.93
N HIS B 509 -35.80 -8.09 -16.89
CA HIS B 509 -35.64 -7.68 -18.29
C HIS B 509 -36.97 -7.22 -18.90
N MSE B 510 -38.03 -8.01 -18.69
CA MSE B 510 -39.40 -7.61 -19.03
C MSE B 510 -40.21 -7.69 -17.76
O MSE B 510 -40.43 -8.79 -17.23
CB MSE B 510 -40.02 -8.48 -20.12
CG MSE B 510 -39.32 -8.35 -21.44
SE MSE B 510 -39.70 -6.63 -22.25
CE MSE B 510 -37.91 -6.23 -22.92
N THR B 511 -40.61 -6.52 -17.28
CA THR B 511 -41.34 -6.35 -16.05
C THR B 511 -42.70 -5.77 -16.38
N PHE B 512 -43.76 -6.35 -15.83
CA PHE B 512 -45.10 -5.83 -16.03
C PHE B 512 -45.67 -5.34 -14.71
N GLN B 513 -46.24 -4.13 -14.76
CA GLN B 513 -46.88 -3.54 -13.59
C GLN B 513 -48.23 -2.91 -14.00
N ALA B 514 -49.16 -2.87 -13.04
CA ALA B 514 -50.46 -2.27 -13.22
C ALA B 514 -50.61 -1.17 -12.18
N VAL B 515 -51.04 0.01 -12.61
CA VAL B 515 -51.24 1.17 -11.73
C VAL B 515 -52.63 1.74 -11.98
N LYS B 516 -53.42 1.90 -10.92
CA LYS B 516 -54.75 2.51 -11.02
C LYS B 516 -54.61 3.97 -11.49
N LEU B 517 -55.54 4.43 -12.34
CA LEU B 517 -55.56 5.83 -12.79
C LEU B 517 -55.87 6.79 -11.64
N GLN B 518 -56.68 6.33 -10.69
CA GLN B 518 -56.99 7.09 -9.46
C GLN B 518 -55.74 7.46 -8.64
N ASP B 519 -54.70 6.63 -8.70
CA ASP B 519 -53.42 6.95 -8.08
C ASP B 519 -52.70 8.06 -8.84
N LEU B 520 -52.73 7.99 -10.17
CA LEU B 520 -52.12 9.04 -11.01
C LEU B 520 -52.86 10.36 -10.86
N ILE B 521 -54.16 10.36 -11.19
CA ILE B 521 -55.02 11.54 -11.06
C ILE B 521 -55.90 11.35 -9.82
N HIS B 522 -55.61 12.15 -8.78
CA HIS B 522 -56.25 12.12 -7.44
C HIS B 522 -55.40 11.29 -6.47
N ASP C 3 53.53 25.80 -0.48
CA ASP C 3 52.49 25.87 0.58
C ASP C 3 51.28 26.65 0.05
N SER C 4 50.14 25.94 -0.11
CA SER C 4 48.92 26.52 -0.68
C SER C 4 47.87 26.86 0.38
N ILE C 5 47.09 27.91 0.11
CA ILE C 5 45.94 28.31 0.94
C ILE C 5 44.69 28.25 0.07
N TYR C 6 43.80 27.30 0.38
CA TYR C 6 42.54 27.14 -0.31
C TYR C 6 41.45 27.76 0.54
N VAL C 7 40.64 28.63 -0.05
CA VAL C 7 39.55 29.31 0.65
C VAL C 7 38.25 29.17 -0.14
N ARG C 8 37.18 28.82 0.58
CA ARG C 8 35.83 28.70 0.02
C ARG C 8 34.87 29.63 0.74
N GLU C 9 34.07 30.36 -0.03
CA GLU C 9 32.95 31.13 0.48
C GLU C 9 31.72 30.52 -0.15
N GLN C 10 30.69 30.30 0.67
CA GLN C 10 29.41 29.76 0.20
C GLN C 10 28.31 30.79 0.39
N GLN C 11 27.29 30.70 -0.47
CA GLN C 11 26.13 31.58 -0.38
C GLN C 11 25.19 30.96 0.66
N ILE C 12 25.51 31.19 1.94
CA ILE C 12 24.73 30.71 3.07
C ILE C 12 24.30 31.91 3.93
N PRO C 13 23.08 31.84 4.50
CA PRO C 13 22.54 33.02 5.20
C PRO C 13 23.37 33.45 6.41
N ILE C 14 23.63 34.75 6.52
CA ILE C 14 24.28 35.31 7.70
C ILE C 14 23.15 35.73 8.63
N LEU C 15 22.95 34.99 9.71
CA LEU C 15 21.84 35.25 10.61
C LEU C 15 22.11 36.43 11.55
N ILE C 16 21.22 37.43 11.54
CA ILE C 16 21.35 38.59 12.45
C ILE C 16 21.22 38.20 13.94
N ASP C 17 20.54 37.09 14.22
CA ASP C 17 20.33 36.59 15.60
C ASP C 17 21.33 35.50 16.06
N ARG C 18 22.42 35.32 15.31
CA ARG C 18 23.51 34.40 15.70
C ARG C 18 24.68 35.19 16.28
N ILE C 19 25.55 34.49 17.03
CA ILE C 19 26.78 35.05 17.58
C ILE C 19 27.92 34.84 16.58
N ASP C 20 27.94 33.67 15.93
CA ASP C 20 28.89 33.37 14.86
C ASP C 20 28.16 32.94 13.58
N ASN C 21 28.75 33.27 12.44
CA ASN C 21 28.26 32.88 11.11
C ASN C 21 29.50 32.64 10.28
N VAL C 22 29.58 31.51 9.56
CA VAL C 22 30.79 31.20 8.78
C VAL C 22 30.86 32.11 7.54
N LEU C 23 31.85 33.00 7.51
CA LEU C 23 32.05 33.93 6.40
C LEU C 23 32.88 33.24 5.32
N TYR C 24 34.04 32.71 5.73
CA TYR C 24 34.97 31.97 4.87
C TYR C 24 35.49 30.75 5.63
N GLU C 25 35.73 29.65 4.91
CA GLU C 25 36.43 28.49 5.47
C GLU C 25 37.72 28.30 4.68
N MSE C 26 38.80 28.01 5.39
CA MSE C 26 40.14 27.86 4.80
C MSE C 26 40.71 26.49 5.12
O MSE C 26 40.54 25.99 6.26
CB MSE C 26 41.10 28.90 5.37
CG MSE C 26 40.56 30.33 5.38
SE MSE C 26 41.77 31.54 6.31
CE MSE C 26 43.24 31.49 5.03
N ARG C 27 41.36 25.87 4.14
CA ARG C 27 42.11 24.62 4.33
C ARG C 27 43.55 24.86 3.83
N ILE C 28 44.54 24.45 4.64
CA ILE C 28 45.95 24.70 4.34
C ILE C 28 46.79 23.41 4.51
N PRO C 29 47.22 22.78 3.38
CA PRO C 29 48.20 21.68 3.52
C PRO C 29 49.53 22.32 3.91
N ALA C 30 49.94 22.09 5.16
CA ALA C 30 51.07 22.78 5.77
C ALA C 30 52.17 21.85 6.23
N GLN C 31 53.29 22.47 6.62
CA GLN C 31 54.40 21.80 7.28
C GLN C 31 54.30 22.15 8.77
N LYS C 32 54.87 21.29 9.61
CA LYS C 32 54.85 21.50 11.06
C LYS C 32 55.50 22.84 11.40
N GLY C 33 54.81 23.63 12.21
CA GLY C 33 55.32 24.94 12.65
C GLY C 33 54.88 26.14 11.81
N ASP C 34 54.29 25.91 10.65
CA ASP C 34 53.81 27.01 9.79
C ASP C 34 52.79 27.88 10.54
N VAL C 35 52.80 29.19 10.29
CA VAL C 35 51.93 30.14 10.97
C VAL C 35 51.21 31.07 10.00
N LEU C 36 49.88 31.05 10.03
CA LEU C 36 49.05 31.99 9.30
C LEU C 36 49.08 33.28 10.12
N ASN C 37 50.17 34.04 9.98
CA ASN C 37 50.37 35.22 10.83
C ASN C 37 49.33 36.34 10.63
N GLU C 38 48.88 36.52 9.39
CA GLU C 38 47.88 37.54 9.09
C GLU C 38 46.98 37.16 7.92
N ILE C 39 45.74 37.64 7.97
CA ILE C 39 44.83 37.66 6.84
C ILE C 39 44.17 39.04 6.83
N THR C 40 43.71 39.46 5.66
CA THR C 40 43.02 40.74 5.51
C THR C 40 41.64 40.47 4.97
N ILE C 41 40.62 40.99 5.66
CA ILE C 41 39.23 40.92 5.20
C ILE C 41 38.86 42.36 4.80
N GLN C 42 38.61 42.56 3.51
CA GLN C 42 38.26 43.85 2.96
C GLN C 42 36.75 43.91 2.79
N ILE C 43 36.09 44.72 3.62
CA ILE C 43 34.64 44.86 3.58
C ILE C 43 34.29 45.75 2.39
N GLY C 44 33.20 45.42 1.70
CA GLY C 44 32.77 46.14 0.50
C GLY C 44 32.43 47.59 0.77
N ASP C 45 32.65 48.45 -0.23
CA ASP C 45 32.42 49.89 -0.07
C ASP C 45 30.95 50.25 0.18
N ASN C 46 30.04 49.45 -0.37
CA ASN C 46 28.60 49.65 -0.17
C ASN C 46 28.04 49.04 1.13
N VAL C 47 28.87 48.29 1.86
CA VAL C 47 28.44 47.64 3.09
C VAL C 47 28.27 48.66 4.22
N ASP C 48 27.18 48.54 4.97
CA ASP C 48 26.91 49.41 6.12
C ASP C 48 27.73 48.84 7.28
N LEU C 49 28.89 49.44 7.53
CA LEU C 49 29.81 48.98 8.59
C LEU C 49 29.18 49.01 9.99
N SER C 50 28.25 49.94 10.22
CA SER C 50 27.58 50.07 11.52
C SER C 50 26.66 48.89 11.89
N ASP C 51 26.29 48.04 10.92
CA ASP C 51 25.54 46.80 11.19
C ASP C 51 26.41 45.62 11.66
N ILE C 52 27.73 45.71 11.49
CA ILE C 52 28.64 44.60 11.85
C ILE C 52 29.06 44.71 13.31
N GLN C 53 28.77 43.66 14.10
CA GLN C 53 29.12 43.62 15.52
C GLN C 53 30.56 43.15 15.74
N ALA C 54 30.96 42.11 15.01
CA ALA C 54 32.32 41.56 15.16
C ALA C 54 32.72 40.64 14.01
N ILE C 55 34.03 40.46 13.86
CA ILE C 55 34.62 39.52 12.91
C ILE C 55 35.74 38.77 13.65
N ARG C 56 35.74 37.43 13.54
CA ARG C 56 36.67 36.57 14.27
C ARG C 56 37.40 35.58 13.37
N LEU C 57 38.62 35.20 13.76
CA LEU C 57 39.39 34.14 13.12
C LEU C 57 39.49 32.99 14.11
N PHE C 58 39.19 31.79 13.64
CA PHE C 58 39.24 30.57 14.45
C PHE C 58 40.22 29.59 13.85
N TYR C 59 40.91 28.83 14.69
CA TYR C 59 41.73 27.69 14.26
C TYR C 59 40.99 26.43 14.69
N SER C 60 40.87 25.46 13.78
CA SER C 60 40.09 24.26 14.02
C SER C 60 40.87 22.95 13.85
N GLY C 61 42.17 23.01 14.04
CA GLY C 61 43.00 21.82 14.05
C GLY C 61 43.33 21.27 12.68
N VAL C 62 43.50 19.94 12.62
CA VAL C 62 43.97 19.25 11.42
C VAL C 62 43.00 18.17 11.00
N GLU C 63 43.02 17.80 9.71
CA GLU C 63 42.14 16.74 9.19
C GLU C 63 42.73 15.37 9.47
N ALA C 64 41.84 14.38 9.62
CA ALA C 64 42.22 12.97 9.74
C ALA C 64 42.62 12.44 8.37
N PRO C 65 43.79 11.78 8.25
CA PRO C 65 44.11 11.14 6.95
C PRO C 65 43.09 10.09 6.45
N SER C 66 42.34 9.47 7.37
CA SER C 66 41.37 8.42 7.00
C SER C 66 40.14 8.93 6.26
N ARG C 67 39.77 10.19 6.46
CA ARG C 67 38.56 10.76 5.85
C ARG C 67 38.72 10.87 4.34
N LYS C 68 37.72 10.40 3.60
CA LYS C 68 37.70 10.48 2.13
C LYS C 68 37.23 11.85 1.67
N GLY C 69 37.72 12.26 0.49
CA GLY C 69 37.37 13.54 -0.13
C GLY C 69 38.19 14.69 0.42
N GLU C 70 38.09 15.85 -0.23
CA GLU C 70 38.72 17.08 0.24
C GLU C 70 37.61 17.91 0.90
N HIS C 71 37.91 18.52 2.05
CA HIS C 71 36.88 19.27 2.79
C HIS C 71 37.40 20.58 3.34
N PHE C 72 36.48 21.47 3.68
CA PHE C 72 36.83 22.78 4.24
C PHE C 72 36.63 22.91 5.73
N SER C 73 36.19 21.82 6.38
CA SER C 73 36.10 21.76 7.83
C SER C 73 36.17 20.31 8.29
N PRO C 74 36.64 20.08 9.53
CA PRO C 74 36.62 18.73 10.11
C PRO C 74 35.25 18.34 10.72
N VAL C 75 34.45 19.35 11.07
CA VAL C 75 33.10 19.20 11.66
C VAL C 75 32.26 20.41 11.22
N THR C 76 30.97 20.43 11.55
CA THR C 76 30.13 21.62 11.33
C THR C 76 30.44 22.58 12.49
N TYR C 77 31.05 23.72 12.18
CA TYR C 77 31.50 24.65 13.22
C TYR C 77 30.39 25.27 14.06
N ILE C 78 29.26 25.58 13.43
CA ILE C 78 28.11 26.15 14.13
C ILE C 78 26.96 25.21 13.85
N SER C 79 26.43 24.62 14.91
CA SER C 79 25.38 23.62 14.76
C SER C 79 24.04 24.26 14.46
N SER C 80 23.20 23.54 13.72
CA SER C 80 21.79 23.86 13.54
C SER C 80 20.92 22.70 14.07
N HIS C 81 21.57 21.77 14.80
CA HIS C 81 20.95 20.52 15.28
CA HIS C 81 20.91 20.55 15.30
C HIS C 81 20.93 20.41 16.81
N ILE C 82 22.06 20.71 17.46
CA ILE C 82 22.22 20.54 18.92
C ILE C 82 21.24 21.42 19.71
N PRO C 83 20.27 20.80 20.43
CA PRO C 83 19.27 21.61 21.14
C PRO C 83 19.85 22.67 22.07
N GLY C 84 19.47 23.93 21.88
CA GLY C 84 19.95 25.03 22.71
C GLY C 84 21.39 25.45 22.51
N ASN C 85 22.02 25.02 21.40
CA ASN C 85 23.41 25.34 21.14
C ASN C 85 23.62 25.49 19.62
N THR C 86 22.98 26.51 19.05
CA THR C 86 23.00 26.75 17.60
C THR C 86 23.39 28.16 17.17
N ARG C 87 23.79 29.02 18.12
CA ARG C 87 24.07 30.42 17.81
C ARG C 87 25.54 30.83 17.86
N LYS C 88 26.34 30.11 18.65
CA LYS C 88 27.75 30.40 18.86
C LYS C 88 28.59 29.24 18.32
N ALA C 89 29.74 29.56 17.75
CA ALA C 89 30.68 28.55 17.25
C ALA C 89 30.96 27.54 18.35
N LEU C 90 30.99 26.25 18.00
CA LEU C 90 31.22 25.19 18.99
C LEU C 90 32.66 25.24 19.48
N GLU C 91 32.82 25.55 20.76
CA GLU C 91 34.16 25.66 21.38
C GLU C 91 34.98 24.37 21.37
N SER C 92 34.33 23.21 21.25
CA SER C 92 35.04 21.93 21.16
C SER C 92 35.96 21.82 19.95
N TYR C 93 35.57 22.46 18.83
CA TYR C 93 36.27 22.29 17.55
C TYR C 93 36.87 23.59 16.96
N SER C 94 36.79 24.72 17.68
CA SER C 94 37.33 25.99 17.17
C SER C 94 37.92 26.83 18.30
N VAL C 95 39.19 27.25 18.12
CA VAL C 95 39.91 28.07 19.10
C VAL C 95 40.07 29.46 18.49
N ARG C 96 39.52 30.48 19.14
CA ARG C 96 39.58 31.85 18.63
C ARG C 96 41.03 32.34 18.60
N GLN C 97 41.43 32.89 17.45
CA GLN C 97 42.78 33.43 17.26
C GLN C 97 42.80 34.94 17.42
N ASP C 98 41.86 35.63 16.78
CA ASP C 98 41.77 37.09 16.86
C ASP C 98 40.31 37.52 16.72
N GLU C 99 40.05 38.79 17.03
CA GLU C 99 38.71 39.35 16.96
C GLU C 99 38.79 40.87 16.81
N VAL C 100 37.91 41.42 15.98
CA VAL C 100 37.72 42.86 15.91
C VAL C 100 36.24 43.10 16.20
N THR C 101 35.93 44.05 17.09
CA THR C 101 34.56 44.36 17.47
C THR C 101 34.18 45.76 17.02
N ALA C 102 32.88 46.03 16.99
CA ALA C 102 32.33 47.32 16.55
C ALA C 102 32.88 48.50 17.36
N PRO C 103 33.15 49.65 16.71
CA PRO C 103 33.03 49.93 15.27
C PRO C 103 34.10 49.25 14.42
N LEU C 104 33.68 48.57 13.35
CA LEU C 104 34.63 47.98 12.40
C LEU C 104 34.97 49.00 11.32
N SER C 105 36.22 48.95 10.83
CA SER C 105 36.65 49.76 9.70
C SER C 105 36.54 48.90 8.45
N ARG C 106 36.69 49.55 7.29
CA ARG C 106 36.56 48.89 5.98
C ARG C 106 37.57 47.76 5.75
N THR C 107 38.80 47.94 6.26
CA THR C 107 39.86 46.93 6.16
C THR C 107 40.05 46.31 7.54
N VAL C 108 39.92 44.99 7.61
CA VAL C 108 40.08 44.25 8.86
C VAL C 108 41.27 43.29 8.74
N LYS C 109 42.19 43.38 9.70
CA LYS C 109 43.36 42.52 9.77
C LYS C 109 43.14 41.56 10.94
N LEU C 110 43.26 40.26 10.69
CA LEU C 110 43.12 39.23 11.74
C LEU C 110 44.42 38.44 11.79
N THR C 111 44.92 38.20 13.00
CA THR C 111 46.21 37.52 13.19
C THR C 111 46.11 36.21 13.95
N SER C 112 47.18 35.42 13.87
CA SER C 112 47.31 34.15 14.59
C SER C 112 48.80 33.85 14.84
N LYS C 113 49.06 33.23 15.99
CA LYS C 113 50.40 32.78 16.38
C LYS C 113 50.44 31.24 16.46
N GLN C 114 49.43 30.56 15.93
CA GLN C 114 49.33 29.11 16.02
C GLN C 114 50.33 28.39 15.11
N PRO C 115 51.19 27.53 15.69
CA PRO C 115 52.00 26.69 14.82
C PRO C 115 51.16 25.51 14.32
N MSE C 116 51.12 25.32 13.02
CA MSE C 116 50.36 24.23 12.40
C MSE C 116 51.07 22.87 12.55
O MSE C 116 52.26 22.82 12.88
CB MSE C 116 50.14 24.53 10.91
CG MSE C 116 49.28 25.77 10.64
SE MSE C 116 48.83 26.04 8.76
CE MSE C 116 48.92 28.00 8.69
N LEU C 117 50.32 21.80 12.34
CA LEU C 117 50.87 20.44 12.25
C LEU C 117 51.08 20.13 10.79
N LYS C 118 51.89 19.10 10.51
CA LYS C 118 52.06 18.59 9.16
C LYS C 118 50.75 17.91 8.75
N GLY C 119 50.17 18.37 7.64
CA GLY C 119 48.90 17.88 7.11
C GLY C 119 47.97 19.02 6.78
N ILE C 120 46.69 18.70 6.55
CA ILE C 120 45.67 19.71 6.24
C ILE C 120 45.28 20.39 7.55
N ASN C 121 45.48 21.72 7.63
CA ASN C 121 45.06 22.52 8.78
C ASN C 121 43.88 23.40 8.39
N TYR C 122 42.99 23.66 9.34
CA TYR C 122 41.77 24.40 9.12
C TYR C 122 41.67 25.70 9.93
N PHE C 123 41.37 26.80 9.24
CA PHE C 123 41.02 28.09 9.84
C PHE C 123 39.72 28.59 9.21
N TRP C 124 38.94 29.38 9.94
CA TRP C 124 37.73 30.00 9.35
C TRP C 124 37.47 31.38 9.92
N VAL C 125 36.69 32.16 9.18
CA VAL C 125 36.38 33.53 9.54
C VAL C 125 34.90 33.63 9.86
N SER C 126 34.59 34.20 11.02
CA SER C 126 33.23 34.38 11.49
C SER C 126 32.84 35.85 11.44
N ILE C 127 31.57 36.12 11.14
CA ILE C 127 31.03 37.49 11.15
C ILE C 127 29.79 37.51 12.01
N GLN C 128 29.70 38.52 12.86
CA GLN C 128 28.54 38.71 13.72
C GLN C 128 27.94 40.07 13.40
N MSE C 129 26.64 40.06 13.11
CA MSE C 129 25.90 41.30 12.83
C MSE C 129 25.17 41.67 14.11
O MSE C 129 24.99 40.83 14.98
CB MSE C 129 24.84 41.06 11.73
CG MSE C 129 25.31 40.28 10.51
SE MSE C 129 26.78 41.13 9.58
CE MSE C 129 25.85 42.75 8.98
N LYS C 130 24.74 42.92 14.20
CA LYS C 130 23.91 43.37 15.32
CA LYS C 130 23.90 43.38 15.32
C LYS C 130 22.48 42.84 15.07
N PRO C 131 21.74 42.48 16.14
CA PRO C 131 20.41 41.89 15.92
C PRO C 131 19.32 42.81 15.32
N GLU C 132 19.59 44.11 15.22
CA GLU C 132 18.65 45.07 14.63
CA GLU C 132 18.66 45.08 14.63
C GLU C 132 18.92 45.29 13.14
N THR C 133 19.95 44.61 12.62
CA THR C 133 20.34 44.74 11.20
C THR C 133 19.17 44.51 10.25
N SER C 134 19.02 45.41 9.28
CA SER C 134 17.98 45.30 8.28
C SER C 134 18.12 43.98 7.52
N LEU C 135 17.02 43.25 7.37
CA LEU C 135 17.04 41.99 6.61
C LEU C 135 17.44 42.18 5.14
N LEU C 136 17.22 43.38 4.59
CA LEU C 136 17.66 43.70 3.22
C LEU C 136 19.16 44.03 3.10
N ALA C 137 19.89 44.11 4.23
CA ALA C 137 21.34 44.42 4.19
C ALA C 137 22.13 43.32 3.48
N LYS C 138 22.99 43.73 2.54
CA LYS C 138 23.85 42.80 1.77
C LYS C 138 25.28 42.96 2.29
N VAL C 139 25.97 41.83 2.51
CA VAL C 139 27.35 41.82 3.03
C VAL C 139 28.34 41.34 1.96
N ALA C 140 28.98 42.29 1.30
CA ALA C 140 30.03 42.01 0.33
C ALA C 140 31.37 42.10 1.04
N THR C 141 32.22 41.08 0.87
CA THR C 141 33.60 41.09 1.38
C THR C 141 34.53 40.36 0.43
N THR C 142 35.83 40.58 0.61
CA THR C 142 36.88 39.84 -0.09
C THR C 142 38.00 39.58 0.91
N MSE C 143 38.83 38.59 0.63
CA MSE C 143 40.03 38.30 1.42
C MSE C 143 41.23 38.46 0.47
O MSE C 143 41.74 37.47 -0.05
CB MSE C 143 40.00 36.90 2.03
CG MSE C 143 41.17 36.63 2.97
SE MSE C 143 41.36 34.74 3.40
CE MSE C 143 39.62 34.45 4.23
N PRO C 144 41.66 39.72 0.25
CA PRO C 144 42.72 39.96 -0.74
C PRO C 144 44.12 39.51 -0.34
N ASN C 145 44.40 39.43 0.96
CA ASN C 145 45.74 39.07 1.44
C ASN C 145 45.75 38.03 2.56
N ALA C 146 46.69 37.10 2.47
CA ALA C 146 46.96 36.10 3.50
C ALA C 146 48.47 35.94 3.56
N GLN C 147 48.99 35.67 4.76
CA GLN C 147 50.43 35.46 4.96
C GLN C 147 50.71 34.22 5.78
N ILE C 148 51.65 33.40 5.32
CA ILE C 148 52.15 32.24 6.06
C ILE C 148 53.65 32.45 6.29
N ASN C 149 54.08 32.37 7.55
CA ASN C 149 55.49 32.61 7.93
C ASN C 149 55.95 34.02 7.51
N ASN C 150 55.06 34.99 7.76
CA ASN C 150 55.28 36.42 7.46
C ASN C 150 55.53 36.76 5.98
N LYS C 151 55.04 35.91 5.06
CA LYS C 151 55.18 36.16 3.62
CA LYS C 151 55.19 36.11 3.62
C LYS C 151 53.87 35.93 2.87
N PRO C 152 53.63 36.69 1.77
CA PRO C 152 52.34 36.54 1.10
C PRO C 152 52.19 35.24 0.28
N ILE C 153 51.05 34.59 0.42
CA ILE C 153 50.68 33.43 -0.39
C ILE C 153 49.44 33.77 -1.23
N ASN C 154 49.46 33.42 -2.51
CA ASN C 154 48.35 33.67 -3.43
C ASN C 154 47.26 32.66 -3.15
N ILE C 155 46.12 33.14 -2.64
CA ILE C 155 45.00 32.29 -2.23
C ILE C 155 44.38 31.59 -3.43
N THR C 156 44.11 30.29 -3.29
CA THR C 156 43.43 29.52 -4.33
C THR C 156 41.96 29.48 -3.97
N TRP C 157 41.13 30.17 -4.74
CA TRP C 157 39.69 30.24 -4.44
C TRP C 157 38.92 29.03 -4.97
N LYS C 158 38.14 28.41 -4.09
CA LYS C 158 37.26 27.28 -4.44
C LYS C 158 35.79 27.65 -4.21
N GLY C 159 35.44 28.91 -4.50
CA GLY C 159 34.09 29.42 -4.34
C GLY C 159 34.11 30.83 -3.78
N LYS C 160 33.43 31.75 -4.46
CA LYS C 160 33.33 33.13 -4.01
C LYS C 160 31.94 33.67 -4.32
N VAL C 161 31.37 34.39 -3.35
CA VAL C 161 30.07 35.04 -3.50
C VAL C 161 30.29 36.54 -3.72
N ASP C 162 29.51 37.14 -4.61
CA ASP C 162 29.58 38.58 -4.87
C ASP C 162 29.06 39.35 -3.66
N GLU C 163 27.88 38.96 -3.18
CA GLU C 163 27.30 39.56 -1.99
C GLU C 163 26.48 38.54 -1.22
N ARG C 164 26.66 38.50 0.10
CA ARG C 164 25.96 37.59 0.99
C ARG C 164 24.68 38.25 1.49
N HIS C 165 23.66 37.45 1.79
CA HIS C 165 22.40 37.96 2.34
C HIS C 165 22.34 37.69 3.84
N VAL C 166 21.59 38.52 4.56
CA VAL C 166 21.32 38.26 5.97
C VAL C 166 19.96 37.57 6.10
N GLY C 167 19.67 37.13 7.32
CA GLY C 167 18.40 36.48 7.64
C GLY C 167 18.23 36.36 9.15
N ILE C 168 17.14 35.73 9.57
CA ILE C 168 16.86 35.56 11.00
C ILE C 168 16.40 34.11 11.25
N GLY C 169 17.10 33.42 12.15
CA GLY C 169 16.75 32.07 12.58
C GLY C 169 15.57 32.11 13.53
N VAL C 170 14.37 32.21 12.95
CA VAL C 170 13.10 32.36 13.69
C VAL C 170 12.84 31.20 14.68
N ARG C 171 13.22 29.99 14.29
CA ARG C 171 13.17 28.81 15.18
C ARG C 171 14.44 28.03 14.96
N GLN C 172 15.09 27.64 16.05
CA GLN C 172 16.33 26.89 15.98
C GLN C 172 16.22 25.71 16.93
N ALA C 173 17.00 24.67 16.68
CA ALA C 173 16.96 23.43 17.47
C ALA C 173 17.00 23.72 18.96
N GLY C 174 16.01 23.19 19.70
CA GLY C 174 15.93 23.36 21.15
C GLY C 174 15.12 24.55 21.67
N ASP C 175 14.75 25.49 20.78
CA ASP C 175 13.98 26.68 21.19
C ASP C 175 12.66 26.28 21.85
N ASP C 176 12.37 26.88 23.01
CA ASP C 176 11.16 26.61 23.77
C ASP C 176 10.99 25.11 24.12
N GLY C 177 12.11 24.43 24.35
CA GLY C 177 12.12 23.02 24.71
C GLY C 177 11.85 21.99 23.60
N SER C 178 11.68 22.43 22.35
CA SER C 178 11.41 21.51 21.23
C SER C 178 12.72 21.22 20.50
N ALA C 179 13.02 19.94 20.27
CA ALA C 179 14.25 19.51 19.57
C ALA C 179 14.35 20.01 18.14
N ALA C 180 13.24 19.99 17.41
CA ALA C 180 13.24 20.41 16.01
C ALA C 180 11.95 21.11 15.59
N PHE C 181 12.06 21.83 14.48
CA PHE C 181 10.96 22.50 13.83
C PHE C 181 11.08 22.21 12.34
N ARG C 182 9.95 21.90 11.72
CA ARG C 182 9.92 21.55 10.32
C ARG C 182 8.61 21.96 9.64
N ILE C 183 8.65 21.98 8.30
CA ILE C 183 7.47 22.18 7.45
C ILE C 183 6.93 23.61 7.50
N PRO C 184 7.66 24.56 6.86
CA PRO C 184 7.28 25.96 6.87
C PRO C 184 6.10 26.31 5.99
N GLY C 185 5.26 27.21 6.48
CA GLY C 185 4.17 27.85 5.72
C GLY C 185 4.22 29.34 6.01
N LEU C 186 3.96 30.18 5.00
CA LEU C 186 4.06 31.64 5.18
C LEU C 186 2.96 32.39 4.46
N VAL C 187 2.33 33.33 5.17
CA VAL C 187 1.35 34.25 4.58
C VAL C 187 1.55 35.67 5.10
N THR C 188 1.07 36.64 4.33
CA THR C 188 1.06 38.04 4.72
C THR C 188 -0.40 38.41 4.84
N THR C 189 -0.80 38.92 6.00
CA THR C 189 -2.23 39.23 6.24
C THR C 189 -2.61 40.52 5.50
N ASN C 190 -3.91 40.87 5.55
CA ASN C 190 -4.38 42.13 4.95
C ASN C 190 -3.87 43.39 5.68
N ASN C 191 -3.36 43.22 6.90
CA ASN C 191 -2.72 44.30 7.66
C ASN C 191 -1.18 44.28 7.54
N GLY C 192 -0.66 43.46 6.62
CA GLY C 192 0.78 43.33 6.43
C GLY C 192 1.51 42.45 7.43
N THR C 193 0.78 41.74 8.30
CA THR C 193 1.40 40.86 9.30
C THR C 193 1.90 39.57 8.67
N LEU C 194 3.12 39.16 9.03
CA LEU C 194 3.72 37.92 8.55
C LEU C 194 3.42 36.81 9.55
N LEU C 195 2.84 35.72 9.08
CA LEU C 195 2.54 34.56 9.90
C LEU C 195 3.26 33.36 9.32
N GLY C 196 4.25 32.85 10.06
CA GLY C 196 5.01 31.68 9.68
C GLY C 196 4.57 30.51 10.51
N VAL C 197 4.08 29.44 9.86
CA VAL C 197 3.59 28.23 10.53
CA VAL C 197 3.62 28.23 10.55
C VAL C 197 4.59 27.08 10.36
N TYR C 198 4.59 26.13 11.29
CA TYR C 198 5.51 25.01 11.27
C TYR C 198 5.09 23.93 12.27
N ASP C 199 5.65 22.73 12.09
CA ASP C 199 5.56 21.66 13.08
C ASP C 199 6.49 21.99 14.23
N ILE C 200 6.02 21.77 15.46
CA ILE C 200 6.85 21.84 16.65
C ILE C 200 7.16 20.37 16.95
N ARG C 201 8.32 19.90 16.51
CA ARG C 201 8.72 18.50 16.66
C ARG C 201 9.58 18.36 17.91
N TYR C 202 8.88 18.19 19.03
CA TYR C 202 9.47 18.24 20.38
C TYR C 202 10.59 17.25 20.68
N ASN C 203 10.43 16.00 20.25
CA ASN C 203 11.34 14.92 20.64
C ASN C 203 12.46 14.59 19.64
N SER C 204 12.22 14.82 18.36
CA SER C 204 13.19 14.56 17.29
C SER C 204 12.69 15.19 16.01
N SER C 205 13.47 15.05 14.93
CA SER C 205 13.07 15.60 13.63
C SER C 205 12.12 14.69 12.83
N VAL C 206 11.72 13.53 13.36
CA VAL C 206 10.90 12.58 12.59
C VAL C 206 9.49 13.10 12.33
N ASP C 207 8.90 12.66 11.23
CA ASP C 207 7.55 13.00 10.85
C ASP C 207 6.58 12.31 11.83
N LEU C 208 5.29 12.63 11.70
CA LEU C 208 4.22 11.93 12.42
C LEU C 208 4.37 10.42 12.14
N GLN C 209 4.07 9.52 13.08
CA GLN C 209 3.55 9.82 14.43
C GLN C 209 4.66 10.18 15.44
N GLU C 210 4.36 11.18 16.27
CA GLU C 210 5.21 11.64 17.39
C GLU C 210 4.48 12.78 18.14
N LYS C 211 5.12 13.31 19.19
CA LYS C 211 4.60 14.47 19.91
C LYS C 211 4.91 15.70 19.04
N ILE C 212 3.91 16.11 18.25
CA ILE C 212 4.04 17.24 17.33
C ILE C 212 2.82 18.16 17.47
N ASP C 213 3.08 19.47 17.58
CA ASP C 213 2.04 20.50 17.59
C ASP C 213 2.28 21.45 16.41
N ILE C 214 1.27 22.27 16.11
CA ILE C 214 1.38 23.31 15.08
C ILE C 214 1.70 24.60 15.82
N GLY C 215 2.81 25.21 15.44
CA GLY C 215 3.27 26.47 16.02
C GLY C 215 3.14 27.59 15.00
N VAL C 216 2.96 28.81 15.49
CA VAL C 216 2.91 30.00 14.64
C VAL C 216 3.80 31.09 15.24
N SER C 217 4.63 31.70 14.39
CA SER C 217 5.43 32.86 14.75
C SER C 217 4.84 34.06 13.98
N ARG C 218 4.59 35.16 14.69
CA ARG C 218 3.93 36.35 14.14
C ARG C 218 4.88 37.54 14.11
N SER C 219 4.87 38.31 13.02
CA SER C 219 5.69 39.53 12.89
C SER C 219 4.92 40.66 12.24
N THR C 220 4.93 41.83 12.90
CA THR C 220 4.27 43.03 12.38
C THR C 220 5.28 44.08 11.89
N ASP C 221 6.58 43.72 11.87
CA ASP C 221 7.64 44.61 11.39
C ASP C 221 8.45 43.99 10.22
N LYS C 222 7.74 43.36 9.29
CA LYS C 222 8.33 42.79 8.08
C LYS C 222 9.47 41.77 8.32
N GLY C 223 9.36 41.02 9.42
CA GLY C 223 10.32 39.96 9.76
C GLY C 223 11.55 40.32 10.60
N GLN C 224 11.69 41.58 10.98
CA GLN C 224 12.83 42.02 11.83
C GLN C 224 12.74 41.40 13.22
N THR C 225 11.54 41.31 13.77
CA THR C 225 11.30 40.64 15.06
C THR C 225 10.05 39.77 14.97
N TRP C 226 10.01 38.72 15.79
CA TRP C 226 8.91 37.76 15.82
C TRP C 226 8.38 37.64 17.24
N GLU C 227 7.05 37.65 17.39
CA GLU C 227 6.42 37.53 18.70
C GLU C 227 6.65 36.11 19.22
N PRO C 228 6.48 35.88 20.54
CA PRO C 228 6.66 34.52 21.06
C PRO C 228 5.81 33.47 20.34
N MSE C 229 6.31 32.24 20.32
CA MSE C 229 5.62 31.15 19.62
C MSE C 229 4.23 30.93 20.19
O MSE C 229 4.06 30.84 21.41
CB MSE C 229 6.42 29.86 19.75
CG MSE C 229 5.74 28.66 19.11
SE MSE C 229 6.92 27.14 18.93
CE MSE C 229 7.05 26.47 20.74
N ARG C 230 3.24 30.84 19.31
CA ARG C 230 1.88 30.44 19.67
C ARG C 230 1.65 29.01 19.17
N VAL C 231 0.99 28.18 19.98
CA VAL C 231 0.59 26.85 19.57
C VAL C 231 -0.79 27.03 18.95
N ALA C 232 -0.86 26.95 17.62
CA ALA C 232 -2.13 27.11 16.90
C ALA C 232 -2.97 25.86 16.98
N MSE C 233 -2.35 24.70 17.13
CA MSE C 233 -3.09 23.44 17.22
C MSE C 233 -2.33 22.34 17.97
O MSE C 233 -1.15 22.08 17.71
CB MSE C 233 -3.51 22.96 15.83
CG MSE C 233 -4.80 22.22 15.80
SE MSE C 233 -5.22 21.54 14.05
CE MSE C 233 -4.78 23.05 12.90
N THR C 234 -3.03 21.71 18.91
CA THR C 234 -2.51 20.59 19.68
C THR C 234 -3.66 19.65 20.01
N PHE C 235 -3.34 18.37 20.18
CA PHE C 235 -4.32 17.39 20.63
C PHE C 235 -3.90 16.71 21.93
N LYS C 236 -2.85 17.22 22.59
CA LYS C 236 -2.37 16.76 23.91
C LYS C 236 -2.64 15.26 24.19
N GLN C 237 -3.50 14.93 25.17
CA GLN C 237 -3.82 13.56 25.51
C GLN C 237 -5.29 13.27 25.16
N THR C 238 -5.64 13.45 23.88
CA THR C 238 -7.01 13.22 23.38
C THR C 238 -7.35 11.74 23.53
N ASP C 239 -8.54 11.48 24.11
CA ASP C 239 -9.02 10.12 24.41
C ASP C 239 -8.11 9.34 25.37
N GLY C 240 -7.29 10.06 26.15
CA GLY C 240 -6.35 9.46 27.10
C GLY C 240 -5.06 8.88 26.54
N LEU C 241 -4.87 8.92 25.22
CA LEU C 241 -3.62 8.41 24.62
C LEU C 241 -2.49 9.42 24.85
N PRO C 242 -1.23 8.95 24.90
CA PRO C 242 -0.14 9.90 25.12
C PRO C 242 -0.06 10.97 24.02
N HIS C 243 0.54 12.12 24.33
CA HIS C 243 0.76 13.19 23.34
C HIS C 243 1.63 12.67 22.19
N GLY C 244 2.56 11.77 22.49
CA GLY C 244 3.39 11.09 21.49
C GLY C 244 2.62 10.28 20.45
N GLN C 245 1.37 9.91 20.78
CA GLN C 245 0.46 9.27 19.84
C GLN C 245 -0.76 10.15 19.55
N ASN C 246 -0.51 11.47 19.53
CA ASN C 246 -1.53 12.49 19.25
C ASN C 246 -0.96 13.68 18.48
N GLY C 247 0.03 13.43 17.63
CA GLY C 247 0.64 14.51 16.87
C GLY C 247 -0.26 15.11 15.83
N VAL C 248 -0.07 16.41 15.58
CA VAL C 248 -0.70 17.10 14.47
C VAL C 248 0.45 17.80 13.73
N GLY C 249 0.52 17.62 12.41
CA GLY C 249 1.63 18.14 11.61
C GLY C 249 1.38 18.45 10.15
N ASP C 250 2.45 18.87 9.48
CA ASP C 250 2.47 19.26 8.06
C ASP C 250 1.47 20.38 7.75
N PRO C 251 1.58 21.52 8.45
CA PRO C 251 0.56 22.55 8.29
C PRO C 251 0.58 23.27 6.96
N SER C 252 -0.58 23.80 6.57
CA SER C 252 -0.69 24.69 5.43
C SER C 252 -1.56 25.85 5.91
N ILE C 253 -1.13 27.06 5.60
CA ILE C 253 -1.78 28.30 6.08
C ILE C 253 -2.27 29.14 4.90
N LEU C 254 -3.46 29.73 5.05
CA LEU C 254 -3.95 30.68 4.04
C LEU C 254 -4.65 31.86 4.69
N VAL C 255 -4.68 32.98 3.97
CA VAL C 255 -5.39 34.18 4.40
C VAL C 255 -6.63 34.32 3.54
N ASP C 256 -7.81 34.35 4.18
CA ASP C 256 -9.04 34.71 3.50
C ASP C 256 -8.94 36.20 3.22
N GLU C 257 -8.48 36.55 2.02
CA GLU C 257 -8.24 37.95 1.65
C GLU C 257 -9.50 38.84 1.60
N LYS C 258 -10.69 38.24 1.57
CA LYS C 258 -11.95 39.00 1.57
C LYS C 258 -12.39 39.44 2.97
N THR C 259 -11.99 38.70 4.01
CA THR C 259 -12.33 38.99 5.42
C THR C 259 -11.13 39.07 6.39
N ASN C 260 -9.92 38.78 5.90
CA ASN C 260 -8.70 38.64 6.73
C ASN C 260 -8.69 37.48 7.74
N THR C 261 -9.63 36.54 7.63
CA THR C 261 -9.61 35.36 8.48
C THR C 261 -8.45 34.50 7.98
N ILE C 262 -7.62 34.06 8.92
CA ILE C 262 -6.45 33.23 8.61
CA ILE C 262 -6.45 33.23 8.61
C ILE C 262 -6.81 31.77 8.92
N TRP C 263 -6.57 30.88 7.97
CA TRP C 263 -6.88 29.45 8.14
C TRP C 263 -5.62 28.59 8.09
N VAL C 264 -5.51 27.65 9.03
CA VAL C 264 -4.42 26.67 9.05
C VAL C 264 -5.04 25.27 8.99
N VAL C 265 -4.52 24.43 8.10
CA VAL C 265 -4.95 23.04 7.96
C VAL C 265 -3.76 22.15 8.33
N ALA C 266 -4.02 21.11 9.12
CA ALA C 266 -3.01 20.14 9.52
C ALA C 266 -3.62 18.74 9.58
N ALA C 267 -2.76 17.73 9.69
CA ALA C 267 -3.19 16.33 9.81
C ALA C 267 -2.95 15.83 11.23
N TRP C 268 -4.01 15.41 11.91
CA TRP C 268 -3.92 14.83 13.25
C TRP C 268 -3.88 13.30 13.15
N THR C 269 -2.84 12.71 13.74
CA THR C 269 -2.66 11.26 13.78
C THR C 269 -2.82 10.81 15.22
N HIS C 270 -3.61 9.76 15.42
CA HIS C 270 -4.00 9.24 16.74
C HIS C 270 -3.62 7.76 16.83
N GLY C 271 -2.89 7.38 17.87
CA GLY C 271 -2.40 6.00 18.02
C GLY C 271 -1.17 5.79 17.16
N MSE C 272 -1.13 4.71 16.38
CA MSE C 272 -0.07 4.44 15.39
C MSE C 272 1.34 4.28 15.96
O MSE C 272 2.32 4.52 15.25
CB MSE C 272 -0.06 5.52 14.29
CG MSE C 272 -1.43 5.82 13.70
SE MSE C 272 -1.30 7.01 12.18
CE MSE C 272 -3.20 7.21 11.85
N GLY C 273 1.45 3.86 17.22
CA GLY C 273 2.76 3.64 17.85
C GLY C 273 3.72 4.82 17.72
N ASN C 274 4.99 4.49 17.44
CA ASN C 274 6.04 5.45 17.22
C ASN C 274 6.63 5.32 15.80
N GLU C 275 5.80 4.87 14.86
CA GLU C 275 6.21 4.71 13.45
C GLU C 275 5.62 5.85 12.62
N ARG C 276 5.95 5.88 11.34
CA ARG C 276 5.54 6.97 10.46
C ARG C 276 4.10 6.80 9.93
N ALA C 277 3.33 7.89 10.00
CA ALA C 277 1.93 7.92 9.58
C ALA C 277 1.73 7.53 8.13
N TRP C 278 2.70 7.85 7.28
CA TRP C 278 2.70 7.46 5.86
C TRP C 278 2.46 5.97 5.66
N TRP C 279 2.97 5.15 6.58
CA TRP C 279 2.79 3.68 6.56
C TRP C 279 1.71 3.16 7.53
N ASN C 280 1.12 4.01 8.36
CA ASN C 280 0.16 3.55 9.38
C ASN C 280 -1.23 4.18 9.36
N SER C 281 -1.45 5.24 8.59
CA SER C 281 -2.80 5.77 8.40
C SER C 281 -3.48 4.77 7.48
N MSE C 282 -4.64 4.25 7.89
CA MSE C 282 -5.34 3.18 7.15
C MSE C 282 -6.66 3.65 6.53
O MSE C 282 -7.08 4.78 6.78
CB MSE C 282 -5.59 2.00 8.10
CG MSE C 282 -4.31 1.32 8.56
SE MSE C 282 -3.52 0.35 7.07
CE MSE C 282 -1.62 0.55 7.48
N PRO C 283 -7.30 2.81 5.68
CA PRO C 283 -8.63 3.19 5.18
C PRO C 283 -9.66 3.31 6.31
N GLY C 284 -10.67 4.14 6.10
CA GLY C 284 -11.69 4.41 7.12
C GLY C 284 -11.88 5.91 7.27
N MSE C 285 -12.56 6.30 8.34
CA MSE C 285 -12.88 7.71 8.59
C MSE C 285 -12.68 8.22 10.02
O MSE C 285 -12.62 9.43 10.22
CB MSE C 285 -14.34 7.97 8.16
CG MSE C 285 -14.49 9.18 7.28
SE MSE C 285 -13.86 8.76 5.47
CE MSE C 285 -15.37 7.64 4.94
N THR C 286 -12.56 7.32 11.01
CA THR C 286 -12.43 7.69 12.41
C THR C 286 -10.97 7.97 12.78
N PRO C 287 -10.73 8.70 13.90
CA PRO C 287 -9.38 8.94 14.40
C PRO C 287 -8.54 7.70 14.73
N ASP C 288 -9.18 6.59 15.10
CA ASP C 288 -8.47 5.33 15.37
C ASP C 288 -7.95 4.67 14.10
N GLU C 289 -8.60 4.93 12.97
CA GLU C 289 -8.26 4.28 11.70
C GLU C 289 -7.33 5.10 10.81
N THR C 290 -7.60 6.40 10.71
CA THR C 290 -6.97 7.23 9.67
C THR C 290 -6.66 8.65 10.14
N ALA C 291 -5.70 9.30 9.49
CA ALA C 291 -5.32 10.68 9.78
C ALA C 291 -6.52 11.60 9.56
N GLN C 292 -6.66 12.59 10.45
CA GLN C 292 -7.81 13.50 10.44
C GLN C 292 -7.40 14.86 9.90
N LEU C 293 -8.20 15.39 8.96
CA LEU C 293 -7.90 16.69 8.36
C LEU C 293 -8.53 17.74 9.26
N MSE C 294 -7.71 18.57 9.90
CA MSE C 294 -8.18 19.54 10.90
C MSE C 294 -7.91 21.00 10.49
O MSE C 294 -6.84 21.30 9.94
CB MSE C 294 -7.49 19.28 12.25
CG MSE C 294 -7.50 17.82 12.69
SE MSE C 294 -9.27 17.13 12.99
CE MSE C 294 -9.59 17.84 14.79
N LEU C 295 -8.87 21.87 10.78
CA LEU C 295 -8.76 23.31 10.53
C LEU C 295 -8.87 24.08 11.83
N VAL C 296 -8.08 25.14 11.95
CA VAL C 296 -8.26 26.18 12.98
C VAL C 296 -8.24 27.52 12.25
N LYS C 297 -8.97 28.49 12.81
CA LYS C 297 -9.03 29.84 12.23
CA LYS C 297 -9.07 29.84 12.24
C LYS C 297 -8.66 30.89 13.24
N SER C 298 -8.20 32.03 12.74
CA SER C 298 -7.90 33.21 13.54
C SER C 298 -8.68 34.37 12.94
N GLU C 299 -9.53 35.00 13.75
CA GLU C 299 -10.29 36.17 13.34
C GLU C 299 -9.68 37.46 13.92
N ASP C 300 -8.46 37.37 14.47
CA ASP C 300 -7.74 38.52 15.03
C ASP C 300 -6.28 38.59 14.53
N ASP C 301 -6.10 38.40 13.22
CA ASP C 301 -4.79 38.58 12.57
C ASP C 301 -3.69 37.64 13.10
N GLY C 302 -4.07 36.42 13.47
CA GLY C 302 -3.14 35.38 13.93
C GLY C 302 -2.75 35.38 15.40
N LYS C 303 -3.40 36.20 16.23
CA LYS C 303 -3.08 36.29 17.65
C LYS C 303 -3.69 35.15 18.49
N THR C 304 -4.93 34.77 18.16
CA THR C 304 -5.66 33.69 18.84
C THR C 304 -6.27 32.77 17.79
N TRP C 305 -6.37 31.49 18.14
CA TRP C 305 -6.83 30.47 17.21
C TRP C 305 -8.02 29.69 17.80
N SER C 306 -8.96 29.30 16.92
CA SER C 306 -10.15 28.56 17.33
C SER C 306 -9.77 27.14 17.73
N GLU C 307 -10.72 26.45 18.35
CA GLU C 307 -10.56 25.03 18.63
C GLU C 307 -10.54 24.30 17.27
N PRO C 308 -9.90 23.12 17.19
CA PRO C 308 -9.83 22.42 15.91
C PRO C 308 -11.19 22.04 15.34
N ILE C 309 -11.33 22.15 14.01
CA ILE C 309 -12.54 21.80 13.30
C ILE C 309 -12.18 20.61 12.41
N ASN C 310 -12.85 19.48 12.62
CA ASN C 310 -12.59 18.27 11.86
C ASN C 310 -13.42 18.28 10.57
N ILE C 311 -12.73 18.35 9.43
CA ILE C 311 -13.38 18.39 8.12
C ILE C 311 -13.18 17.09 7.32
N THR C 312 -12.68 16.02 7.96
CA THR C 312 -12.39 14.76 7.26
C THR C 312 -13.60 14.19 6.51
N SER C 313 -14.78 14.27 7.12
CA SER C 313 -16.01 13.73 6.49
C SER C 313 -16.46 14.49 5.23
N GLN C 314 -16.09 15.76 5.12
CA GLN C 314 -16.49 16.59 3.98
C GLN C 314 -15.69 16.31 2.71
N VAL C 315 -14.46 15.77 2.83
CA VAL C 315 -13.57 15.59 1.67
C VAL C 315 -12.89 14.23 1.49
N LYS C 316 -12.76 13.43 2.55
CA LYS C 316 -12.05 12.13 2.44
C LYS C 316 -12.96 10.98 2.00
N ASP C 317 -12.56 10.28 0.94
CA ASP C 317 -13.21 9.02 0.57
C ASP C 317 -12.73 7.94 1.54
N PRO C 318 -13.63 7.01 1.96
CA PRO C 318 -13.23 5.93 2.90
C PRO C 318 -12.09 5.05 2.43
N SER C 319 -12.04 4.78 1.11
CA SER C 319 -11.02 3.94 0.51
C SER C 319 -9.58 4.46 0.65
N TRP C 320 -9.40 5.76 0.90
CA TRP C 320 -8.04 6.33 0.96
C TRP C 320 -7.34 6.02 2.27
N TYR C 321 -6.08 5.62 2.16
CA TYR C 321 -5.27 5.31 3.34
C TYR C 321 -5.00 6.56 4.15
N PHE C 322 -4.69 7.66 3.45
CA PHE C 322 -4.20 8.89 4.06
C PHE C 322 -4.66 10.08 3.21
N LEU C 323 -5.36 11.04 3.82
CA LEU C 323 -5.67 12.33 3.17
C LEU C 323 -5.10 13.43 4.04
N LEU C 324 -4.29 14.29 3.42
CA LEU C 324 -3.74 15.47 4.09
C LEU C 324 -3.51 16.63 3.14
N GLN C 325 -3.33 17.79 3.75
CA GLN C 325 -2.97 19.03 3.06
C GLN C 325 -1.59 18.95 2.41
N GLY C 326 -1.40 19.75 1.36
CA GLY C 326 -0.08 19.94 0.76
C GLY C 326 0.55 21.01 1.63
N PRO C 327 1.68 20.70 2.31
CA PRO C 327 2.25 21.67 3.27
C PRO C 327 2.72 22.96 2.63
N GLY C 328 2.71 24.05 3.41
CA GLY C 328 3.09 25.36 2.91
C GLY C 328 1.94 26.33 3.06
N ARG C 329 1.37 26.76 1.95
CA ARG C 329 0.25 27.70 1.97
C ARG C 329 -0.86 27.38 0.97
N GLY C 330 -2.00 28.03 1.20
CA GLY C 330 -3.16 28.01 0.32
C GLY C 330 -3.33 29.41 -0.25
N ILE C 331 -4.46 29.64 -0.92
CA ILE C 331 -4.75 30.93 -1.54
C ILE C 331 -6.23 31.29 -1.45
N THR C 332 -6.50 32.58 -1.63
CA THR C 332 -7.84 33.07 -1.89
C THR C 332 -7.83 33.40 -3.38
N MSE C 333 -8.79 32.84 -4.13
CA MSE C 333 -8.90 33.13 -5.55
C MSE C 333 -9.47 34.53 -5.70
O MSE C 333 -10.02 35.08 -4.75
CB MSE C 333 -9.78 32.12 -6.27
CG MSE C 333 -9.21 30.71 -6.23
SE MSE C 333 -10.22 29.45 -7.33
CE MSE C 333 -9.91 30.24 -9.09
N GLN C 334 -9.32 35.09 -6.90
CA GLN C 334 -9.85 36.44 -7.19
C GLN C 334 -11.35 36.54 -6.91
N ASP C 335 -12.08 35.46 -7.22
CA ASP C 335 -13.53 35.39 -6.99
C ASP C 335 -13.95 35.07 -5.54
N GLY C 336 -12.99 34.93 -4.62
CA GLY C 336 -13.29 34.64 -3.21
C GLY C 336 -13.12 33.19 -2.76
N THR C 337 -13.00 32.26 -3.70
CA THR C 337 -12.84 30.84 -3.34
C THR C 337 -11.52 30.62 -2.59
N LEU C 338 -11.60 29.92 -1.45
CA LEU C 338 -10.42 29.55 -0.67
C LEU C 338 -9.94 28.20 -1.19
N VAL C 339 -8.64 28.03 -1.38
CA VAL C 339 -8.10 26.78 -1.93
C VAL C 339 -6.86 26.31 -1.17
N PHE C 340 -6.87 25.04 -0.78
CA PHE C 340 -5.73 24.37 -0.17
C PHE C 340 -5.33 23.24 -1.08
N PRO C 341 -4.02 23.14 -1.41
CA PRO C 341 -3.58 21.93 -2.09
C PRO C 341 -3.70 20.73 -1.12
N ILE C 342 -3.97 19.56 -1.68
CA ILE C 342 -4.10 18.33 -0.90
C ILE C 342 -3.42 17.18 -1.61
N GLN C 343 -3.35 16.06 -0.90
CA GLN C 343 -2.74 14.84 -1.41
C GLN C 343 -3.38 13.67 -0.68
N PHE C 344 -3.53 12.54 -1.38
CA PHE C 344 -4.11 11.34 -0.79
C PHE C 344 -3.52 10.06 -1.36
N ILE C 345 -3.35 9.06 -0.49
CA ILE C 345 -2.91 7.72 -0.87
C ILE C 345 -4.20 6.97 -1.17
N ASP C 346 -4.42 6.61 -2.44
CA ASP C 346 -5.66 5.94 -2.84
C ASP C 346 -5.67 4.45 -2.48
N ALA C 347 -6.79 3.80 -2.79
CA ALA C 347 -6.99 2.36 -2.51
C ALA C 347 -5.99 1.44 -3.21
N THR C 348 -5.38 1.89 -4.31
CA THR C 348 -4.29 1.15 -4.97
C THR C 348 -2.90 1.55 -4.41
N ARG C 349 -2.87 2.21 -3.24
CA ARG C 349 -1.63 2.58 -2.50
C ARG C 349 -0.69 3.56 -3.24
N VAL C 350 -1.27 4.36 -4.13
CA VAL C 350 -0.55 5.35 -4.92
C VAL C 350 -0.94 6.74 -4.40
N PRO C 351 0.06 7.59 -4.09
CA PRO C 351 -0.29 8.94 -3.66
C PRO C 351 -0.59 9.83 -4.87
N ASN C 352 -1.54 10.76 -4.73
CA ASN C 352 -1.93 11.68 -5.78
C ASN C 352 -2.21 13.04 -5.20
N ALA C 353 -1.72 14.10 -5.86
CA ALA C 353 -2.01 15.45 -5.41
C ALA C 353 -3.27 16.01 -6.08
N GLY C 354 -3.84 17.03 -5.47
CA GLY C 354 -5.02 17.72 -5.99
C GLY C 354 -5.25 18.98 -5.18
N ILE C 355 -6.46 19.51 -5.26
CA ILE C 355 -6.84 20.71 -4.47
C ILE C 355 -8.24 20.53 -3.89
N MSE C 356 -8.47 21.12 -2.73
CA MSE C 356 -9.81 21.21 -2.17
C MSE C 356 -10.11 22.69 -2.05
O MSE C 356 -9.20 23.52 -1.95
CB MSE C 356 -9.91 20.50 -0.80
CG MSE C 356 -9.20 21.19 0.35
SE MSE C 356 -9.60 20.36 2.07
CE MSE C 356 -8.65 21.63 3.21
N TYR C 357 -11.40 23.04 -2.06
CA TYR C 357 -11.81 24.44 -2.04
C TYR C 357 -13.07 24.67 -1.22
N SER C 358 -13.23 25.93 -0.80
CA SER C 358 -14.43 26.38 -0.13
C SER C 358 -14.95 27.64 -0.84
N LYS C 359 -16.24 27.60 -1.19
CA LYS C 359 -16.94 28.74 -1.80
C LYS C 359 -17.72 29.54 -0.75
N ASP C 360 -17.69 29.10 0.52
CA ASP C 360 -18.47 29.75 1.59
C ASP C 360 -17.62 30.17 2.80
N ARG C 361 -16.47 30.79 2.52
CA ARG C 361 -15.57 31.37 3.54
C ARG C 361 -15.00 30.33 4.52
N GLY C 362 -14.80 29.09 4.05
CA GLY C 362 -14.21 28.02 4.87
C GLY C 362 -15.15 27.14 5.68
N LYS C 363 -16.45 27.37 5.57
CA LYS C 363 -17.46 26.58 6.30
C LYS C 363 -17.59 25.16 5.75
N THR C 364 -17.54 25.01 4.43
CA THR C 364 -17.71 23.71 3.78
C THR C 364 -16.65 23.54 2.68
N TRP C 365 -16.10 22.33 2.59
CA TRP C 365 -15.01 22.04 1.67
C TRP C 365 -15.36 20.93 0.70
N HIS C 366 -14.76 21.01 -0.49
CA HIS C 366 -15.05 20.08 -1.59
C HIS C 366 -13.75 19.65 -2.27
N LEU C 367 -13.71 18.40 -2.72
CA LEU C 367 -12.55 17.85 -3.40
C LEU C 367 -13.04 16.97 -4.56
N HIS C 368 -12.51 17.21 -5.75
CA HIS C 368 -12.90 16.46 -6.94
C HIS C 368 -11.86 15.41 -7.32
N ASN C 369 -11.10 15.61 -8.40
CA ASN C 369 -10.22 14.57 -8.96
C ASN C 369 -8.73 14.89 -8.84
N LEU C 370 -7.92 13.83 -8.78
CA LEU C 370 -6.47 13.96 -8.73
C LEU C 370 -5.95 14.70 -9.97
N ALA C 371 -4.85 15.42 -9.81
CA ALA C 371 -4.27 16.17 -10.92
C ALA C 371 -3.32 15.28 -11.72
N ARG C 372 -2.56 14.45 -11.01
CA ARG C 372 -1.60 13.52 -11.59
C ARG C 372 -1.33 12.41 -10.60
N THR C 373 -1.14 11.19 -11.13
CA THR C 373 -0.87 10.03 -10.28
C THR C 373 0.59 10.00 -9.82
N ASN C 374 0.82 9.35 -8.68
CA ASN C 374 2.16 9.20 -8.10
C ASN C 374 2.87 10.55 -7.86
N THR C 375 2.09 11.50 -7.31
CA THR C 375 2.58 12.81 -6.89
C THR C 375 2.11 13.03 -5.45
N THR C 376 2.79 13.90 -4.70
CA THR C 376 2.46 14.12 -3.29
C THR C 376 2.26 15.62 -2.97
N GLU C 377 3.27 16.28 -2.43
CA GLU C 377 3.15 17.67 -1.97
C GLU C 377 3.09 18.62 -3.16
N ALA C 378 2.09 19.49 -3.15
CA ALA C 378 1.88 20.46 -4.21
C ALA C 378 1.50 21.82 -3.65
N GLN C 379 1.70 22.86 -4.46
CA GLN C 379 1.29 24.21 -4.12
C GLN C 379 0.58 24.78 -5.33
N VAL C 380 -0.44 25.60 -5.05
CA VAL C 380 -1.32 26.14 -6.07
C VAL C 380 -1.25 27.67 -6.13
N ALA C 381 -1.25 28.20 -7.34
CA ALA C 381 -1.27 29.63 -7.61
C ALA C 381 -2.29 29.88 -8.72
N GLU C 382 -3.01 31.00 -8.64
CA GLU C 382 -3.98 31.35 -9.67
C GLU C 382 -3.22 32.08 -10.78
N VAL C 383 -2.57 31.32 -11.65
CA VAL C 383 -1.75 31.86 -12.75
C VAL C 383 -2.46 32.96 -13.58
N GLU C 384 -3.75 32.78 -13.83
CA GLU C 384 -4.61 33.75 -14.51
C GLU C 384 -6.00 33.64 -13.87
N PRO C 385 -6.82 34.72 -13.91
CA PRO C 385 -8.17 34.69 -13.33
C PRO C 385 -8.99 33.44 -13.70
N GLY C 386 -9.36 32.67 -12.67
CA GLY C 386 -10.09 31.41 -12.85
C GLY C 386 -9.29 30.20 -13.32
N VAL C 387 -7.97 30.33 -13.45
CA VAL C 387 -7.08 29.24 -13.85
C VAL C 387 -6.09 28.95 -12.72
N LEU C 388 -6.31 27.83 -12.02
CA LEU C 388 -5.42 27.38 -10.94
C LEU C 388 -4.31 26.53 -11.50
N MSE C 389 -3.07 26.80 -11.08
CA MSE C 389 -1.89 26.04 -11.49
C MSE C 389 -1.37 25.26 -10.29
O MSE C 389 -0.98 25.87 -9.28
CB MSE C 389 -0.82 27.00 -12.01
CG MSE C 389 0.60 26.45 -12.04
SE MSE C 389 1.78 27.62 -13.04
CE MSE C 389 1.14 27.32 -14.87
N LEU C 390 -1.30 23.94 -10.41
CA LEU C 390 -0.79 23.07 -9.34
C LEU C 390 0.62 22.59 -9.69
N ASN C 391 1.60 22.92 -8.83
CA ASN C 391 3.01 22.59 -9.00
C ASN C 391 3.27 21.44 -8.02
N MSE C 392 3.72 20.28 -8.53
CA MSE C 392 3.71 19.02 -7.77
CA MSE C 392 3.73 19.02 -7.77
C MSE C 392 5.07 18.31 -7.57
O MSE C 392 5.92 18.28 -8.48
CB MSE C 392 2.76 18.05 -8.47
CB MSE C 392 2.82 18.04 -8.49
CG MSE C 392 1.30 18.48 -8.48
CG MSE C 392 1.35 18.33 -8.36
SE MSE C 392 0.23 17.48 -9.77
SE MSE C 392 0.41 17.19 -9.61
CE MSE C 392 0.87 18.33 -11.41
CE MSE C 392 -1.13 16.77 -8.49
N ARG C 393 5.20 17.70 -6.39
CA ARG C 393 6.34 16.85 -6.01
C ARG C 393 6.05 15.51 -6.67
N ASP C 394 6.91 15.09 -7.59
CA ASP C 394 6.65 13.92 -8.41
C ASP C 394 7.61 12.80 -8.05
N ASN C 395 7.06 11.69 -7.58
CA ASN C 395 7.85 10.50 -7.22
C ASN C 395 8.69 9.90 -8.35
N ARG C 396 8.36 10.19 -9.60
CA ARG C 396 9.19 9.75 -10.74
C ARG C 396 10.59 10.38 -10.70
N GLY C 397 10.73 11.52 -10.01
CA GLY C 397 12.05 12.11 -9.73
C GLY C 397 12.60 13.03 -10.79
N GLY C 398 13.45 13.96 -10.36
CA GLY C 398 14.16 14.87 -11.27
C GLY C 398 13.51 16.20 -11.61
N SER C 399 12.17 16.28 -11.65
CA SER C 399 11.49 17.53 -12.01
C SER C 399 10.04 17.62 -11.54
N ARG C 400 9.60 18.86 -11.32
CA ARG C 400 8.23 19.15 -10.86
C ARG C 400 7.20 18.85 -11.94
N ALA C 401 6.07 18.27 -11.54
CA ALA C 401 4.92 18.11 -12.43
C ALA C 401 4.05 19.37 -12.29
N VAL C 402 3.48 19.82 -13.41
CA VAL C 402 2.67 21.04 -13.44
C VAL C 402 1.40 20.82 -14.25
N ALA C 403 0.25 21.17 -13.66
CA ALA C 403 -1.05 21.03 -14.33
C ALA C 403 -1.91 22.23 -14.00
N THR C 404 -2.87 22.53 -14.88
CA THR C 404 -3.81 23.61 -14.65
C THR C 404 -5.23 23.10 -14.67
N THR C 405 -6.09 23.76 -13.90
CA THR C 405 -7.52 23.47 -13.90
C THR C 405 -8.32 24.77 -13.94
N LYS C 406 -9.40 24.77 -14.71
CA LYS C 406 -10.36 25.90 -14.77
C LYS C 406 -11.70 25.55 -14.10
N ASP C 407 -11.83 24.34 -13.56
CA ASP C 407 -13.09 23.88 -12.94
C ASP C 407 -12.88 23.31 -11.53
N LEU C 408 -11.93 23.90 -10.80
CA LEU C 408 -11.60 23.53 -9.42
C LEU C 408 -11.28 22.05 -9.22
N GLY C 409 -10.54 21.48 -10.17
CA GLY C 409 -10.03 20.11 -10.04
C GLY C 409 -10.88 18.98 -10.58
N LYS C 410 -11.96 19.28 -11.29
CA LYS C 410 -12.76 18.23 -11.93
C LYS C 410 -11.96 17.66 -13.10
N THR C 411 -11.34 18.55 -13.90
CA THR C 411 -10.48 18.17 -15.01
C THR C 411 -9.17 18.95 -14.95
N TRP C 412 -8.08 18.32 -15.41
CA TRP C 412 -6.76 18.93 -15.39
C TRP C 412 -6.09 18.84 -16.75
N THR C 413 -5.21 19.80 -17.03
CA THR C 413 -4.48 19.86 -18.29
C THR C 413 -3.00 19.95 -17.97
N GLU C 414 -2.19 19.08 -18.57
CA GLU C 414 -0.74 19.11 -18.39
C GLU C 414 -0.20 20.43 -18.97
N HIS C 415 0.67 21.09 -18.21
CA HIS C 415 1.26 22.37 -18.63
C HIS C 415 2.55 22.05 -19.39
N PRO C 416 2.89 22.86 -20.42
CA PRO C 416 4.16 22.62 -21.14
C PRO C 416 5.43 22.63 -20.29
N SER C 417 5.44 23.37 -19.18
CA SER C 417 6.57 23.43 -18.24
C SER C 417 6.75 22.15 -17.42
N SER C 418 5.70 21.35 -17.31
CA SER C 418 5.69 20.14 -16.47
C SER C 418 6.81 19.18 -16.84
N ARG C 419 7.45 18.65 -15.81
CA ARG C 419 8.51 17.65 -15.96
C ARG C 419 9.65 18.07 -16.88
N SER C 420 10.08 19.33 -16.75
CA SER C 420 11.15 19.88 -17.59
C SER C 420 11.72 21.20 -17.06
N ALA C 421 10.83 22.17 -16.85
CA ALA C 421 11.21 23.53 -16.45
C ALA C 421 11.85 23.65 -15.06
N LEU C 422 11.32 22.94 -14.06
CA LEU C 422 11.79 23.09 -12.68
C LEU C 422 12.34 21.77 -12.17
N GLN C 423 13.67 21.67 -12.09
CA GLN C 423 14.30 20.45 -11.57
C GLN C 423 14.07 20.34 -10.06
N GLU C 424 14.11 19.11 -9.57
CA GLU C 424 14.00 18.84 -8.14
C GLU C 424 14.57 17.46 -7.81
N SER C 425 14.74 17.21 -6.52
CA SER C 425 15.20 15.92 -6.02
C SER C 425 14.08 15.17 -5.27
N VAL C 426 12.82 15.58 -5.50
CA VAL C 426 11.62 15.05 -4.80
C VAL C 426 11.57 15.71 -3.41
N CYS C 427 11.06 16.92 -3.40
CA CYS C 427 11.00 17.74 -2.20
C CYS C 427 9.87 18.72 -2.34
N MSE C 428 9.48 19.34 -1.23
CA MSE C 428 8.43 20.34 -1.21
C MSE C 428 8.94 21.57 -1.97
O MSE C 428 10.14 21.83 -1.98
CB MSE C 428 8.08 20.69 0.24
CG MSE C 428 6.88 21.64 0.47
SE MSE C 428 7.46 23.49 0.49
CE MSE C 428 5.76 24.41 0.58
N ALA C 429 8.03 22.27 -2.65
CA ALA C 429 8.34 23.53 -3.35
C ALA C 429 7.23 24.52 -3.13
N SER C 430 7.55 25.81 -3.22
CA SER C 430 6.57 26.88 -3.04
C SER C 430 6.35 27.59 -4.37
N LEU C 431 5.10 27.92 -4.65
CA LEU C 431 4.70 28.70 -5.83
C LEU C 431 3.72 29.78 -5.39
N ILE C 432 3.89 31.01 -5.89
CA ILE C 432 2.93 32.09 -5.65
C ILE C 432 2.74 32.97 -6.88
N LYS C 433 1.54 33.53 -6.98
CA LYS C 433 1.18 34.48 -8.04
CA LYS C 433 1.18 34.48 -8.04
C LYS C 433 1.27 35.88 -7.43
N VAL C 434 1.83 36.82 -8.19
CA VAL C 434 1.93 38.21 -7.78
C VAL C 434 1.43 39.06 -8.96
N ASN C 435 0.29 39.72 -8.77
CA ASN C 435 -0.32 40.53 -9.83
C ASN C 435 0.49 41.77 -10.18
N ALA C 436 0.37 42.21 -11.43
CA ALA C 436 1.04 43.42 -11.93
C ALA C 436 0.82 44.63 -11.02
N LYS C 437 -0.43 44.86 -10.65
CA LYS C 437 -0.81 45.98 -9.79
C LYS C 437 -0.24 45.92 -8.36
N ASP C 438 0.03 44.72 -7.87
CA ASP C 438 0.50 44.51 -6.49
C ASP C 438 2.01 44.42 -6.31
N ASN C 439 2.81 44.70 -7.34
CA ASN C 439 4.26 44.70 -7.18
C ASN C 439 4.99 45.76 -7.99
N ILE C 440 6.20 46.08 -7.55
CA ILE C 440 7.03 47.17 -8.09
C ILE C 440 7.38 47.02 -9.58
N THR C 441 7.49 45.79 -10.07
CA THR C 441 7.82 45.56 -11.49
C THR C 441 6.68 45.92 -12.45
N GLY C 442 5.44 45.99 -11.95
CA GLY C 442 4.28 46.31 -12.77
C GLY C 442 3.89 45.21 -13.75
N LYS C 443 4.36 43.98 -13.48
CA LYS C 443 4.16 42.83 -14.34
C LYS C 443 3.68 41.65 -13.51
N ASP C 444 2.88 40.78 -14.13
CA ASP C 444 2.44 39.54 -13.48
C ASP C 444 3.65 38.63 -13.31
N LEU C 445 3.82 38.10 -12.11
CA LEU C 445 4.94 37.25 -11.77
C LEU C 445 4.45 35.98 -11.12
N LEU C 446 5.11 34.88 -11.42
CA LEU C 446 5.04 33.67 -10.62
C LEU C 446 6.42 33.59 -9.96
N LEU C 447 6.43 33.36 -8.64
CA LEU C 447 7.67 33.17 -7.89
C LEU C 447 7.67 31.74 -7.34
N PHE C 448 8.83 31.08 -7.44
CA PHE C 448 9.00 29.68 -7.07
C PHE C 448 10.25 29.51 -6.23
N SER C 449 10.17 28.63 -5.24
CA SER C 449 11.35 28.31 -4.43
C SER C 449 11.39 26.82 -4.11
N ASN C 450 12.59 26.25 -4.23
CA ASN C 450 12.86 24.86 -3.88
C ASN C 450 14.37 24.65 -3.80
N PRO C 451 14.81 23.43 -3.46
CA PRO C 451 16.24 23.11 -3.61
C PRO C 451 16.54 22.89 -5.10
N ASN C 452 17.27 23.83 -5.71
CA ASN C 452 17.52 23.85 -7.15
C ASN C 452 18.62 22.85 -7.54
N THR C 453 18.25 21.58 -7.53
CA THR C 453 19.17 20.48 -7.80
C THR C 453 18.35 19.20 -7.97
N THR C 454 18.95 18.20 -8.62
CA THR C 454 18.37 16.86 -8.70
C THR C 454 19.01 15.89 -7.70
N LYS C 455 20.07 16.32 -7.01
CA LYS C 455 20.82 15.48 -6.07
C LYS C 455 20.88 16.15 -4.70
N GLY C 456 20.21 15.54 -3.72
CA GLY C 456 20.15 16.09 -2.37
C GLY C 456 19.23 17.29 -2.27
N ARG C 457 19.26 17.95 -1.11
CA ARG C 457 18.48 19.16 -0.87
C ARG C 457 19.43 20.28 -0.48
N ASN C 458 19.72 21.13 -1.47
CA ASN C 458 20.66 22.23 -1.33
C ASN C 458 20.39 23.25 -2.44
N HIS C 459 21.11 24.37 -2.43
CA HIS C 459 20.91 25.45 -3.39
C HIS C 459 19.47 25.96 -3.39
N ILE C 460 19.00 26.35 -2.19
CA ILE C 460 17.66 26.90 -2.03
C ILE C 460 17.67 28.22 -2.81
N THR C 461 16.78 28.33 -3.80
CA THR C 461 16.76 29.46 -4.73
C THR C 461 15.34 29.93 -4.97
N ILE C 462 15.17 31.24 -5.13
CA ILE C 462 13.90 31.83 -5.55
C ILE C 462 14.02 32.10 -7.05
N LYS C 463 13.07 31.57 -7.82
CA LYS C 463 13.02 31.75 -9.28
C LYS C 463 11.77 32.54 -9.66
N ALA C 464 11.90 33.47 -10.61
CA ALA C 464 10.79 34.27 -11.10
C ALA C 464 10.47 33.93 -12.55
N SER C 465 9.18 33.91 -12.89
CA SER C 465 8.72 33.72 -14.27
C SER C 465 7.80 34.87 -14.67
N LEU C 466 8.07 35.42 -15.85
CA LEU C 466 7.28 36.52 -16.43
C LEU C 466 6.31 36.07 -17.53
N ASP C 467 6.34 34.78 -17.89
CA ASP C 467 5.50 34.25 -18.97
C ASP C 467 4.54 33.14 -18.49
N GLY C 468 3.98 33.34 -17.29
CA GLY C 468 3.02 32.41 -16.71
C GLY C 468 3.59 31.06 -16.32
N GLY C 469 4.85 31.03 -15.91
CA GLY C 469 5.48 29.77 -15.50
C GLY C 469 5.97 28.86 -16.61
N LEU C 470 6.05 29.36 -17.85
CA LEU C 470 6.62 28.55 -18.94
C LEU C 470 8.14 28.47 -18.81
N THR C 471 8.77 29.62 -18.58
CA THR C 471 10.21 29.69 -18.45
C THR C 471 10.61 30.37 -17.13
N TRP C 472 11.78 29.96 -16.63
CA TRP C 472 12.38 30.47 -15.41
C TRP C 472 13.84 30.78 -15.74
N PRO C 473 14.09 31.93 -16.42
CA PRO C 473 15.45 32.32 -16.81
C PRO C 473 16.40 32.44 -15.62
N THR C 474 17.65 31.99 -15.78
CA THR C 474 18.65 32.06 -14.72
C THR C 474 18.83 33.48 -14.20
N GLU C 475 18.80 34.46 -15.11
CA GLU C 475 18.95 35.87 -14.76
C GLU C 475 17.94 36.35 -13.70
N HIS C 476 16.75 35.75 -13.67
CA HIS C 476 15.71 36.12 -12.70
C HIS C 476 15.63 35.17 -11.50
N GLN C 477 16.80 34.79 -10.97
CA GLN C 477 16.87 33.88 -9.82
C GLN C 477 17.85 34.43 -8.79
N VAL C 478 17.62 34.06 -7.53
CA VAL C 478 18.50 34.42 -6.41
C VAL C 478 18.80 33.18 -5.59
N LEU C 479 20.08 32.80 -5.51
CA LEU C 479 20.54 31.68 -4.68
C LEU C 479 20.63 32.17 -3.24
N LEU C 480 20.00 31.45 -2.31
CA LEU C 480 19.97 31.85 -0.90
C LEU C 480 20.72 30.89 0.04
N ASP C 481 20.67 29.59 -0.22
CA ASP C 481 21.35 28.62 0.63
C ASP C 481 22.04 27.53 -0.17
N GLU C 482 23.36 27.66 -0.31
CA GLU C 482 24.16 26.73 -1.11
C GLU C 482 24.35 25.36 -0.45
N ALA C 483 24.30 25.32 0.88
CA ALA C 483 24.61 24.11 1.67
C ALA C 483 23.40 23.18 1.82
N GLU C 484 23.65 22.01 2.41
CA GLU C 484 22.62 20.97 2.58
C GLU C 484 21.65 21.29 3.73
N GLY C 485 20.39 20.91 3.57
CA GLY C 485 19.39 21.11 4.63
C GLY C 485 18.16 20.27 4.39
N TRP C 486 17.11 20.51 5.16
CA TRP C 486 15.87 19.74 5.00
C TRP C 486 15.03 20.16 3.78
N GLY C 487 15.28 21.35 3.23
CA GLY C 487 14.77 21.70 1.90
C GLY C 487 13.42 22.36 1.69
N TYR C 488 12.51 22.29 2.67
CA TYR C 488 11.18 22.89 2.53
C TYR C 488 11.24 24.43 2.66
N SER C 489 10.40 25.12 1.90
CA SER C 489 10.36 26.59 1.87
C SER C 489 8.96 27.10 1.52
N CYS C 490 8.63 28.31 1.95
CA CYS C 490 7.36 28.92 1.58
C CYS C 490 7.51 30.41 1.37
N LEU C 491 6.97 30.91 0.26
CA LEU C 491 7.10 32.32 -0.13
C LEU C 491 5.85 33.12 0.18
N SER C 492 6.03 34.40 0.47
CA SER C 492 4.93 35.35 0.62
C SER C 492 5.43 36.78 0.40
N MSE C 493 4.72 37.55 -0.43
CA MSE C 493 5.08 38.94 -0.65
C MSE C 493 4.92 39.71 0.67
O MSE C 493 3.85 39.68 1.28
CB MSE C 493 4.24 39.58 -1.76
CG MSE C 493 4.50 39.02 -3.16
SE MSE C 493 6.31 39.40 -3.80
CE MSE C 493 6.18 41.33 -3.95
N ILE C 494 5.99 40.37 1.10
CA ILE C 494 5.98 41.21 2.31
C ILE C 494 5.24 42.50 1.96
N ASP C 495 5.69 43.12 0.88
CA ASP C 495 5.10 44.36 0.39
C ASP C 495 5.24 44.41 -1.15
N LYS C 496 5.04 45.58 -1.74
CA LYS C 496 5.13 45.77 -3.20
C LYS C 496 6.53 45.51 -3.76
N GLU C 497 7.55 45.71 -2.93
CA GLU C 497 8.95 45.67 -3.35
C GLU C 497 9.73 44.42 -2.94
N THR C 498 9.21 43.67 -1.97
CA THR C 498 9.99 42.58 -1.36
C THR C 498 9.19 41.29 -1.24
N VAL C 499 9.89 40.16 -1.40
CA VAL C 499 9.32 38.83 -1.24
C VAL C 499 9.97 38.18 -0.01
N GLY C 500 9.14 37.58 0.83
CA GLY C 500 9.61 36.89 2.02
C GLY C 500 9.72 35.41 1.75
N ILE C 501 10.74 34.76 2.32
CA ILE C 501 10.89 33.31 2.24
C ILE C 501 11.10 32.78 3.66
N PHE C 502 10.34 31.75 4.02
CA PHE C 502 10.38 31.11 5.34
C PHE C 502 10.75 29.68 5.04
N TYR C 503 11.95 29.24 5.43
CA TYR C 503 12.42 27.91 5.01
C TYR C 503 13.36 27.21 5.95
N GLU C 504 13.51 25.90 5.71
CA GLU C 504 14.44 25.06 6.43
C GLU C 504 15.77 25.24 5.71
N SER C 505 16.74 25.87 6.39
CA SER C 505 18.05 26.16 5.79
C SER C 505 19.14 25.33 6.44
N SER C 506 20.36 25.48 5.94
CA SER C 506 21.53 24.85 6.53
C SER C 506 21.92 25.48 7.87
N VAL C 507 21.43 26.69 8.15
CA VAL C 507 21.78 27.44 9.35
C VAL C 507 20.68 27.55 10.42
N ALA C 508 19.43 27.24 10.07
CA ALA C 508 18.34 27.26 11.04
C ALA C 508 17.13 26.46 10.54
N HIS C 509 16.42 25.83 11.47
CA HIS C 509 15.21 25.04 11.19
C HIS C 509 14.10 25.88 10.53
N MSE C 510 13.91 27.10 11.04
CA MSE C 510 13.02 28.10 10.42
C MSE C 510 13.80 29.38 10.19
O MSE C 510 14.01 30.15 11.13
CB MSE C 510 11.79 28.39 11.27
CG MSE C 510 10.87 27.23 11.41
SE MSE C 510 9.99 26.76 9.72
CE MSE C 510 10.12 24.87 10.07
N THR C 511 14.21 29.59 8.94
CA THR C 511 14.96 30.76 8.51
C THR C 511 14.04 31.67 7.71
N PHE C 512 14.05 32.96 8.03
CA PHE C 512 13.32 33.98 7.26
C PHE C 512 14.30 34.93 6.58
N GLN C 513 14.08 35.16 5.29
CA GLN C 513 14.82 36.15 4.52
C GLN C 513 13.88 36.99 3.67
N ALA C 514 14.27 38.24 3.44
CA ALA C 514 13.54 39.17 2.58
C ALA C 514 14.46 39.51 1.41
N VAL C 515 13.91 39.43 0.20
CA VAL C 515 14.66 39.70 -1.04
C VAL C 515 13.91 40.76 -1.84
N LYS C 516 14.64 41.74 -2.37
CA LYS C 516 14.04 42.78 -3.20
C LYS C 516 13.72 42.19 -4.56
N LEU C 517 12.53 42.48 -5.10
CA LEU C 517 12.18 42.01 -6.45
C LEU C 517 13.17 42.54 -7.51
N GLN C 518 13.79 43.69 -7.22
CA GLN C 518 14.87 44.23 -8.06
C GLN C 518 16.07 43.29 -8.17
N ASP C 519 16.34 42.52 -7.12
CA ASP C 519 17.40 41.49 -7.16
C ASP C 519 17.06 40.32 -8.09
N LEU C 520 15.77 40.02 -8.25
CA LEU C 520 15.33 38.99 -9.20
C LEU C 520 15.25 39.57 -10.61
N ILE C 521 14.37 40.54 -10.82
CA ILE C 521 14.14 41.12 -12.15
C ILE C 521 14.98 42.38 -12.37
N ALA D 2 -11.03 -15.38 24.83
CA ALA D 2 -11.12 -14.28 23.84
C ALA D 2 -10.08 -13.19 24.12
N ASP D 3 -10.06 -12.71 25.36
CA ASP D 3 -9.17 -11.62 25.79
C ASP D 3 -7.88 -12.16 26.44
N SER D 4 -6.73 -11.95 25.79
CA SER D 4 -5.43 -12.39 26.30
C SER D 4 -4.63 -11.20 26.82
N ILE D 5 -3.81 -11.45 27.84
CA ILE D 5 -2.87 -10.46 28.40
C ILE D 5 -1.49 -11.10 28.45
N TYR D 6 -0.54 -10.53 27.70
CA TYR D 6 0.84 -10.99 27.68
C TYR D 6 1.65 -10.03 28.55
N VAL D 7 2.40 -10.57 29.51
CA VAL D 7 3.24 -9.79 30.40
C VAL D 7 4.67 -10.33 30.43
N ARG D 8 5.65 -9.42 30.48
CA ARG D 8 7.06 -9.79 30.58
C ARG D 8 7.75 -8.98 31.67
N GLU D 9 8.53 -9.69 32.48
CA GLU D 9 9.44 -9.08 33.43
C GLU D 9 10.83 -9.48 32.99
N GLN D 10 11.75 -8.52 33.00
CA GLN D 10 13.15 -8.75 32.64
C GLN D 10 14.01 -8.53 33.86
N GLN D 11 15.13 -9.24 33.94
CA GLN D 11 16.09 -9.09 35.03
C GLN D 11 16.91 -7.85 34.69
N ILE D 12 16.36 -6.69 35.01
CA ILE D 12 16.99 -5.40 34.71
C ILE D 12 17.08 -4.60 36.01
N PRO D 13 18.20 -3.87 36.25
CA PRO D 13 18.40 -3.20 37.55
C PRO D 13 17.37 -2.09 37.85
N ILE D 14 16.89 -2.06 39.09
CA ILE D 14 15.98 -1.04 39.60
C ILE D 14 16.87 0.01 40.26
N LEU D 15 16.99 1.18 39.64
CA LEU D 15 17.91 2.20 40.13
C LEU D 15 17.31 3.00 41.27
N ILE D 16 18.03 3.04 42.41
CA ILE D 16 17.59 3.77 43.60
C ILE D 16 17.52 5.29 43.40
N ASP D 17 18.25 5.79 42.40
CA ASP D 17 18.27 7.22 42.03
C ASP D 17 17.32 7.58 40.88
N ARG D 18 16.48 6.64 40.44
CA ARG D 18 15.49 6.91 39.40
C ARG D 18 14.12 7.20 40.02
N ILE D 19 13.30 7.93 39.27
CA ILE D 19 11.91 8.20 39.66
C ILE D 19 11.03 7.04 39.19
N ASP D 20 11.30 6.53 37.99
CA ASP D 20 10.62 5.34 37.46
C ASP D 20 11.61 4.23 37.07
N ASN D 21 11.14 2.99 37.17
CA ASN D 21 11.86 1.79 36.75
C ASN D 21 10.80 0.84 36.21
N VAL D 22 11.07 0.25 35.05
CA VAL D 22 10.11 -0.66 34.42
C VAL D 22 10.10 -1.99 35.16
N LEU D 23 9.05 -2.21 35.96
CA LEU D 23 8.87 -3.45 36.70
C LEU D 23 8.32 -4.53 35.74
N TYR D 24 7.16 -4.26 35.15
CA TYR D 24 6.49 -5.16 34.20
C TYR D 24 6.05 -4.40 32.96
N GLU D 25 6.17 -5.04 31.79
CA GLU D 25 5.59 -4.52 30.54
C GLU D 25 4.47 -5.47 30.10
N MSE D 26 3.37 -4.89 29.61
CA MSE D 26 2.17 -5.62 29.21
C MSE D 26 1.77 -5.25 27.79
O MSE D 26 1.81 -4.08 27.42
CB MSE D 26 1.00 -5.27 30.13
CG MSE D 26 1.31 -5.37 31.61
SE MSE D 26 -0.18 -4.79 32.71
CE MSE D 26 -1.44 -6.19 32.22
N ARG D 27 1.40 -6.27 26.99
CA ARG D 27 0.84 -6.07 25.65
C ARG D 27 -0.51 -6.80 25.61
N ILE D 28 -1.52 -6.07 25.19
CA ILE D 28 -2.90 -6.54 25.19
C ILE D 28 -3.52 -6.42 23.80
N PRO D 29 -3.72 -7.57 23.09
CA PRO D 29 -4.48 -7.49 21.84
C PRO D 29 -5.94 -7.30 22.23
N ALA D 30 -6.48 -6.11 21.96
CA ALA D 30 -7.82 -5.73 22.41
C ALA D 30 -8.70 -5.25 21.27
N GLN D 31 -10.00 -5.22 21.55
CA GLN D 31 -10.97 -4.63 20.62
C GLN D 31 -11.30 -3.27 21.23
N LYS D 32 -11.80 -2.34 20.41
CA LYS D 32 -12.07 -0.97 20.87
C LYS D 32 -13.01 -0.98 22.09
N GLY D 33 -12.68 -0.14 23.08
CA GLY D 33 -13.49 -0.03 24.30
C GLY D 33 -13.07 -0.90 25.48
N ASP D 34 -12.26 -1.93 25.24
CA ASP D 34 -11.77 -2.79 26.33
C ASP D 34 -11.02 -1.96 27.39
N VAL D 35 -11.28 -2.26 28.66
CA VAL D 35 -10.70 -1.54 29.79
C VAL D 35 -10.02 -2.49 30.77
N LEU D 36 -8.73 -2.26 31.02
CA LEU D 36 -7.97 -2.98 32.04
C LEU D 36 -8.33 -2.34 33.38
N ASN D 37 -9.50 -2.69 33.92
CA ASN D 37 -10.02 -2.05 35.14
C ASN D 37 -9.18 -2.24 36.39
N GLU D 38 -8.46 -3.35 36.49
CA GLU D 38 -7.64 -3.60 37.67
C GLU D 38 -6.54 -4.62 37.44
N ILE D 39 -5.37 -4.38 38.04
CA ILE D 39 -4.30 -5.37 38.15
C ILE D 39 -3.87 -5.39 39.61
N THR D 40 -3.33 -6.53 40.06
CA THR D 40 -2.80 -6.66 41.42
C THR D 40 -1.31 -6.95 41.36
N ILE D 41 -0.52 -6.23 42.16
CA ILE D 41 0.90 -6.52 42.33
C ILE D 41 1.06 -7.02 43.76
N GLN D 42 1.45 -8.28 43.90
CA GLN D 42 1.73 -8.87 45.21
C GLN D 42 3.23 -8.75 45.43
N ILE D 43 3.62 -7.95 46.43
CA ILE D 43 5.04 -7.77 46.75
C ILE D 43 5.47 -8.98 47.59
N GLY D 44 6.64 -9.54 47.28
CA GLY D 44 7.16 -10.73 47.95
C GLY D 44 7.31 -10.57 49.45
N ASP D 45 7.06 -11.67 50.18
CA ASP D 45 7.05 -11.66 51.66
C ASP D 45 8.33 -11.14 52.32
N ASN D 46 9.48 -11.33 51.68
CA ASN D 46 10.77 -10.90 52.25
C ASN D 46 11.20 -9.49 51.86
N VAL D 47 10.41 -8.80 51.02
CA VAL D 47 10.75 -7.44 50.59
C VAL D 47 10.47 -6.45 51.72
N ASP D 48 11.43 -5.56 51.95
CA ASP D 48 11.29 -4.48 52.93
C ASP D 48 10.43 -3.41 52.29
N LEU D 49 9.16 -3.35 52.69
CA LEU D 49 8.21 -2.39 52.12
C LEU D 49 8.63 -0.93 52.34
N SER D 50 9.37 -0.65 53.42
CA SER D 50 9.85 0.71 53.71
C SER D 50 10.88 1.27 52.72
N ASP D 51 11.45 0.43 51.85
CA ASP D 51 12.36 0.92 50.79
C ASP D 51 11.65 1.43 49.54
N ILE D 52 10.35 1.15 49.40
CA ILE D 52 9.61 1.50 48.19
C ILE D 52 8.92 2.85 48.34
N GLN D 53 9.21 3.76 47.42
CA GLN D 53 8.58 5.09 47.41
C GLN D 53 7.23 5.07 46.71
N ALA D 54 7.13 4.38 45.56
CA ALA D 54 5.87 4.32 44.82
C ALA D 54 5.82 3.25 43.73
N ILE D 55 4.60 2.83 43.41
CA ILE D 55 4.31 1.92 42.31
C ILE D 55 3.25 2.59 41.44
N ARG D 56 3.48 2.65 40.13
CA ARG D 56 2.56 3.30 39.19
C ARG D 56 2.17 2.40 38.03
N LEU D 57 0.95 2.60 37.51
CA LEU D 57 0.50 1.97 36.28
C LEU D 57 0.45 3.05 35.20
N PHE D 58 0.99 2.74 34.03
CA PHE D 58 1.01 3.65 32.89
C PHE D 58 0.31 3.03 31.68
N TYR D 59 -0.35 3.87 30.90
CA TYR D 59 -0.92 3.48 29.61
C TYR D 59 -0.04 4.11 28.54
N SER D 60 0.31 3.34 27.52
CA SER D 60 1.22 3.82 26.47
C SER D 60 0.67 3.70 25.05
N GLY D 61 -0.65 3.73 24.91
CA GLY D 61 -1.29 3.74 23.61
C GLY D 61 -1.26 2.40 22.92
N VAL D 62 -1.08 2.42 21.60
CA VAL D 62 -1.17 1.24 20.75
C VAL D 62 0.02 1.14 19.83
N GLU D 63 0.26 -0.08 19.34
CA GLU D 63 1.34 -0.32 18.40
C GLU D 63 0.94 0.09 16.98
N ALA D 64 1.93 0.53 16.20
CA ALA D 64 1.75 0.81 14.80
C ALA D 64 1.64 -0.51 14.03
N PRO D 65 0.64 -0.64 13.14
CA PRO D 65 0.53 -1.82 12.27
C PRO D 65 1.80 -2.12 11.47
N SER D 66 2.52 -1.09 11.05
CA SER D 66 3.73 -1.24 10.21
C SER D 66 4.95 -1.79 10.94
N ARG D 67 4.94 -1.83 12.27
CA ARG D 67 6.11 -2.28 13.00
C ARG D 67 6.30 -3.79 12.86
N LYS D 68 7.54 -4.19 12.57
CA LYS D 68 7.88 -5.59 12.34
C LYS D 68 8.00 -6.33 13.66
N GLY D 69 7.52 -7.56 13.70
CA GLY D 69 7.64 -8.44 14.86
C GLY D 69 6.62 -8.16 15.95
N GLU D 70 6.84 -8.75 17.13
CA GLU D 70 6.01 -8.55 18.32
C GLU D 70 6.87 -7.96 19.42
N HIS D 71 6.36 -6.92 20.08
CA HIS D 71 7.11 -6.19 21.09
C HIS D 71 6.26 -5.92 22.32
N PHE D 72 6.91 -5.53 23.41
CA PHE D 72 6.25 -5.23 24.68
C PHE D 72 6.12 -3.75 24.99
N SER D 73 6.57 -2.89 24.07
CA SER D 73 6.44 -1.44 24.21
C SER D 73 6.56 -0.76 22.84
N PRO D 74 5.95 0.43 22.67
CA PRO D 74 6.11 1.15 21.40
C PRO D 74 7.40 1.97 21.33
N VAL D 75 8.02 2.22 22.49
CA VAL D 75 9.21 3.04 22.63
C VAL D 75 9.95 2.58 23.90
N THR D 76 11.13 3.15 24.12
CA THR D 76 11.85 2.96 25.38
C THR D 76 11.24 3.98 26.34
N TYR D 77 10.56 3.47 27.36
CA TYR D 77 9.79 4.30 28.29
C TYR D 77 10.61 5.26 29.15
N ILE D 78 11.78 4.80 29.56
CA ILE D 78 12.68 5.55 30.42
C ILE D 78 14.02 5.59 29.68
N SER D 79 14.42 6.77 29.24
CA SER D 79 15.61 6.90 28.41
C SER D 79 16.88 6.75 29.24
N SER D 80 17.91 6.17 28.63
CA SER D 80 19.25 6.20 29.20
C SER D 80 20.20 6.94 28.23
N HIS D 81 19.62 7.66 27.25
CA HIS D 81 20.37 8.34 26.19
CA HIS D 81 20.40 8.37 26.24
C HIS D 81 20.09 9.86 26.11
N ILE D 82 18.84 10.27 26.34
CA ILE D 82 18.48 11.69 26.21
C ILE D 82 19.20 12.48 27.31
N PRO D 83 20.10 13.42 26.94
CA PRO D 83 20.84 14.11 28.00
C PRO D 83 19.99 14.88 29.01
N GLY D 84 20.17 14.55 30.29
CA GLY D 84 19.42 15.19 31.37
C GLY D 84 18.00 14.72 31.59
N ASN D 85 17.54 13.73 30.82
CA ASN D 85 16.16 13.23 30.93
C ASN D 85 16.17 11.71 30.91
N THR D 86 16.81 11.15 31.93
CA THR D 86 17.03 9.70 32.03
C THR D 86 16.52 9.05 33.33
N ARG D 87 15.78 9.80 34.15
CA ARG D 87 15.37 9.34 35.48
C ARG D 87 13.87 9.15 35.69
N LYS D 88 13.05 9.86 34.92
CA LYS D 88 11.59 9.80 35.01
C LYS D 88 11.04 9.27 33.69
N ALA D 89 9.93 8.54 33.77
CA ALA D 89 9.23 8.05 32.57
C ALA D 89 8.95 9.22 31.61
N LEU D 90 9.25 9.01 30.33
CA LEU D 90 9.02 10.05 29.32
C LEU D 90 7.51 10.32 29.17
N GLU D 91 7.09 11.51 29.59
CA GLU D 91 5.67 11.91 29.54
C GLU D 91 5.05 11.85 28.15
N SER D 92 5.86 12.01 27.12
CA SER D 92 5.40 11.92 25.72
C SER D 92 4.71 10.58 25.40
N TYR D 93 5.19 9.48 25.99
CA TYR D 93 4.79 8.13 25.61
C TYR D 93 4.04 7.30 26.67
N SER D 94 3.90 7.86 27.88
CA SER D 94 3.22 7.16 28.97
C SER D 94 2.30 8.11 29.73
N VAL D 95 1.05 7.66 29.95
CA VAL D 95 0.06 8.44 30.70
C VAL D 95 -0.23 7.66 31.97
N ARG D 96 -0.07 8.30 33.11
CA ARG D 96 -0.27 7.62 34.39
C ARG D 96 -1.74 7.29 34.62
N GLN D 97 -2.02 6.02 34.92
CA GLN D 97 -3.37 5.53 35.20
C GLN D 97 -3.67 5.54 36.69
N ASP D 98 -2.71 5.12 37.50
CA ASP D 98 -2.88 5.01 38.95
C ASP D 98 -1.50 4.99 39.61
N GLU D 99 -1.49 5.19 40.91
CA GLU D 99 -0.28 5.25 41.70
C GLU D 99 -0.60 4.96 43.16
N VAL D 100 0.29 4.25 43.84
CA VAL D 100 0.29 4.13 45.31
C VAL D 100 1.65 4.64 45.77
N THR D 101 1.67 5.40 46.88
CA THR D 101 2.92 5.97 47.42
C THR D 101 3.17 5.47 48.84
N ALA D 102 4.38 5.73 49.34
CA ALA D 102 4.82 5.26 50.67
C ALA D 102 4.00 5.87 51.81
N PRO D 103 3.71 5.07 52.86
CA PRO D 103 4.10 3.67 53.06
C PRO D 103 3.26 2.67 52.25
N LEU D 104 3.94 1.82 51.48
CA LEU D 104 3.30 0.79 50.66
C LEU D 104 2.81 -0.39 51.48
N SER D 105 1.75 -1.03 50.98
CA SER D 105 1.23 -2.27 51.55
C SER D 105 1.75 -3.45 50.74
N ARG D 106 1.61 -4.66 51.28
CA ARG D 106 2.10 -5.88 50.65
C ARG D 106 1.36 -6.21 49.35
N THR D 107 0.05 -5.96 49.32
CA THR D 107 -0.77 -6.15 48.14
C THR D 107 -1.14 -4.78 47.57
N VAL D 108 -0.88 -4.58 46.29
CA VAL D 108 -1.13 -3.30 45.62
C VAL D 108 -2.13 -3.49 44.48
N LYS D 109 -3.20 -2.69 44.50
CA LYS D 109 -4.20 -2.69 43.44
C LYS D 109 -4.03 -1.41 42.62
N LEU D 110 -3.97 -1.56 41.31
CA LEU D 110 -3.83 -0.43 40.39
C LEU D 110 -4.94 -0.52 39.36
N THR D 111 -5.61 0.59 39.10
CA THR D 111 -6.79 0.65 38.23
C THR D 111 -6.61 1.59 37.03
N SER D 112 -7.47 1.40 36.03
CA SER D 112 -7.51 2.24 34.85
C SER D 112 -8.96 2.30 34.34
N LYS D 113 -9.34 3.46 33.80
CA LYS D 113 -10.62 3.67 33.14
C LYS D 113 -10.39 3.90 31.63
N GLN D 114 -9.19 3.61 31.15
CA GLN D 114 -8.83 3.87 29.76
C GLN D 114 -9.50 2.92 28.78
N PRO D 115 -10.30 3.46 27.83
CA PRO D 115 -10.83 2.58 26.81
C PRO D 115 -9.75 2.34 25.75
N MSE D 116 -9.42 1.07 25.53
CA MSE D 116 -8.40 0.72 24.54
C MSE D 116 -8.88 0.91 23.10
O MSE D 116 -10.07 0.98 22.84
CB MSE D 116 -7.97 -0.73 24.75
CG MSE D 116 -7.18 -0.91 26.03
SE MSE D 116 -6.67 -2.75 26.33
CE MSE D 116 -7.36 -2.89 28.17
N LEU D 117 -7.91 1.01 22.20
CA LEU D 117 -8.18 1.06 20.76
C LEU D 117 -8.04 -0.38 20.24
N LYS D 118 -8.60 -0.65 19.08
CA LYS D 118 -8.47 -1.98 18.47
C LYS D 118 -7.02 -2.19 18.07
N GLY D 119 -6.46 -3.34 18.46
CA GLY D 119 -5.07 -3.68 18.17
C GLY D 119 -4.28 -3.92 19.44
N ILE D 120 -2.95 -3.87 19.30
CA ILE D 120 -2.04 -4.16 20.40
C ILE D 120 -1.91 -2.90 21.26
N ASN D 121 -2.46 -2.96 22.49
CA ASN D 121 -2.34 -1.86 23.45
C ASN D 121 -1.24 -2.16 24.46
N TYR D 122 -0.61 -1.10 24.94
CA TYR D 122 0.50 -1.21 25.85
C TYR D 122 0.20 -0.56 27.19
N PHE D 123 0.45 -1.31 28.26
CA PHE D 123 0.46 -0.82 29.64
C PHE D 123 1.77 -1.26 30.29
N TRP D 124 2.18 -0.53 31.33
CA TRP D 124 3.35 -0.96 32.11
C TRP D 124 3.28 -0.48 33.55
N VAL D 125 4.07 -1.16 34.40
CA VAL D 125 4.10 -0.88 35.83
C VAL D 125 5.48 -0.35 36.21
N SER D 126 5.50 0.78 36.91
CA SER D 126 6.74 1.39 37.36
C SER D 126 6.89 1.19 38.85
N ILE D 127 8.14 1.10 39.31
CA ILE D 127 8.45 1.05 40.72
C ILE D 127 9.55 2.07 41.04
N GLN D 128 9.34 2.85 42.10
CA GLN D 128 10.30 3.83 42.56
C GLN D 128 10.75 3.42 43.95
N MSE D 129 12.07 3.31 44.16
CA MSE D 129 12.64 3.04 45.48
C MSE D 129 13.02 4.36 46.11
O MSE D 129 13.15 5.38 45.43
CB MSE D 129 13.92 2.21 45.37
CG MSE D 129 13.79 0.95 44.54
SE MSE D 129 12.38 -0.23 45.15
CE MSE D 129 13.11 -0.87 46.82
N LYS D 130 13.24 4.34 47.41
CA LYS D 130 13.78 5.50 48.11
C LYS D 130 15.28 5.57 47.80
N PRO D 131 15.84 6.80 47.66
CA PRO D 131 17.25 6.96 47.33
C PRO D 131 18.25 6.41 48.36
N GLU D 132 17.83 6.28 49.62
CA GLU D 132 18.69 5.75 50.67
CA GLU D 132 18.66 5.76 50.69
C GLU D 132 18.68 4.21 50.72
N THR D 133 17.88 3.57 49.88
CA THR D 133 17.76 2.10 49.84
C THR D 133 19.11 1.40 49.71
N SER D 134 19.28 0.36 50.52
CA SER D 134 20.44 -0.51 50.48
C SER D 134 20.62 -1.15 49.13
N LEU D 135 21.86 -1.10 48.62
CA LEU D 135 22.21 -1.73 47.35
C LEU D 135 22.07 -3.26 47.34
N LEU D 136 21.98 -3.86 48.54
CA LEU D 136 21.76 -5.30 48.68
C LEU D 136 20.28 -5.73 48.76
N ALA D 137 19.35 -4.76 48.75
CA ALA D 137 17.92 -5.07 48.80
C ALA D 137 17.47 -5.85 47.57
N LYS D 138 16.62 -6.84 47.77
CA LYS D 138 16.05 -7.63 46.68
C LYS D 138 14.55 -7.38 46.58
N VAL D 139 14.05 -7.21 45.35
CA VAL D 139 12.64 -6.89 45.13
C VAL D 139 11.97 -8.01 44.32
N ALA D 140 11.32 -8.93 45.04
CA ALA D 140 10.55 -10.01 44.44
C ALA D 140 9.09 -9.58 44.39
N THR D 141 8.46 -9.72 43.22
CA THR D 141 7.02 -9.45 43.07
C THR D 141 6.39 -10.46 42.11
N THR D 142 5.06 -10.44 42.09
CA THR D 142 4.25 -11.22 41.16
C THR D 142 3.03 -10.38 40.79
N MSE D 143 2.40 -10.70 39.65
CA MSE D 143 1.13 -10.07 39.23
C MSE D 143 0.10 -11.19 39.12
O MSE D 143 -0.16 -11.70 38.04
CB MSE D 143 1.30 -9.31 37.90
CG MSE D 143 0.03 -8.55 37.43
SE MSE D 143 0.20 -7.83 35.63
CE MSE D 143 1.76 -6.69 35.94
N PRO D 144 -0.48 -11.60 40.27
CA PRO D 144 -1.37 -12.76 40.29
C PRO D 144 -2.78 -12.56 39.71
N ASN D 145 -3.23 -11.31 39.56
CA ASN D 145 -4.58 -11.00 39.07
CA ASN D 145 -4.58 -10.99 39.09
C ASN D 145 -4.61 -9.80 38.13
N ALA D 146 -5.44 -9.89 37.10
CA ALA D 146 -5.68 -8.81 36.14
C ALA D 146 -7.11 -8.95 35.64
N GLN D 147 -7.76 -7.83 35.36
CA GLN D 147 -9.15 -7.84 34.87
C GLN D 147 -9.32 -6.91 33.68
N ILE D 148 -10.04 -7.40 32.66
CA ILE D 148 -10.44 -6.59 31.51
C ILE D 148 -11.96 -6.64 31.43
N ASN D 149 -12.58 -5.46 31.43
CA ASN D 149 -14.03 -5.29 31.43
C ASN D 149 -14.70 -5.96 32.64
N ASN D 150 -14.07 -5.76 33.81
CA ASN D 150 -14.51 -6.31 35.11
C ASN D 150 -14.55 -7.83 35.21
N LYS D 151 -13.79 -8.53 34.37
CA LYS D 151 -13.73 -9.99 34.34
C LYS D 151 -12.27 -10.43 34.42
N PRO D 152 -11.96 -11.43 35.27
CA PRO D 152 -10.56 -11.86 35.43
C PRO D 152 -9.99 -12.59 34.20
N ILE D 153 -8.77 -12.22 33.81
CA ILE D 153 -8.09 -12.81 32.67
C ILE D 153 -6.82 -13.50 33.14
N ASN D 154 -6.59 -14.72 32.67
CA ASN D 154 -5.35 -15.45 33.00
C ASN D 154 -4.20 -14.87 32.19
N ILE D 155 -3.17 -14.39 32.89
CA ILE D 155 -2.02 -13.75 32.26
C ILE D 155 -1.13 -14.78 31.58
N THR D 156 -0.74 -14.51 30.35
CA THR D 156 0.23 -15.33 29.63
C THR D 156 1.59 -14.71 29.88
N TRP D 157 2.45 -15.44 30.56
CA TRP D 157 3.78 -14.92 30.90
C TRP D 157 4.79 -15.18 29.79
N LYS D 158 5.50 -14.13 29.40
CA LYS D 158 6.56 -14.20 28.40
C LYS D 158 7.89 -13.80 29.04
N GLY D 159 8.06 -14.16 30.31
CA GLY D 159 9.26 -13.80 31.05
C GLY D 159 8.93 -13.41 32.47
N LYS D 160 9.61 -14.04 33.43
CA LYS D 160 9.42 -13.77 34.84
C LYS D 160 10.74 -13.97 35.59
N VAL D 161 10.98 -13.10 36.56
CA VAL D 161 12.19 -13.08 37.38
C VAL D 161 11.81 -13.48 38.80
N ASP D 162 12.69 -14.22 39.48
CA ASP D 162 12.44 -14.62 40.88
C ASP D 162 12.61 -13.44 41.84
N GLU D 163 13.71 -12.69 41.68
CA GLU D 163 13.95 -11.48 42.49
C GLU D 163 14.76 -10.45 41.70
N ARG D 164 14.32 -9.20 41.75
CA ARG D 164 15.02 -8.10 41.09
C ARG D 164 16.10 -7.56 42.02
N HIS D 165 17.15 -7.00 41.44
CA HIS D 165 18.21 -6.35 42.18
C HIS D 165 18.09 -4.85 41.99
N VAL D 166 18.55 -4.09 42.98
CA VAL D 166 18.65 -2.64 42.85
C VAL D 166 20.06 -2.27 42.40
N GLY D 167 20.27 -0.98 42.19
CA GLY D 167 21.57 -0.43 41.82
C GLY D 167 21.51 1.08 41.79
N ILE D 168 22.59 1.71 41.33
CA ILE D 168 22.67 3.15 41.25
C ILE D 168 23.33 3.60 39.94
N GLY D 169 22.68 4.54 39.25
CA GLY D 169 23.20 5.13 38.02
C GLY D 169 24.18 6.22 38.36
N VAL D 170 25.43 5.84 38.63
CA VAL D 170 26.50 6.79 38.99
C VAL D 170 26.66 7.92 37.96
N ARG D 171 26.63 7.55 36.68
CA ARG D 171 26.66 8.53 35.59
C ARG D 171 25.55 8.18 34.63
N GLN D 172 24.85 9.20 34.14
CA GLN D 172 23.77 9.05 33.19
C GLN D 172 23.89 10.16 32.15
N ALA D 173 23.36 9.92 30.95
CA ALA D 173 23.43 10.90 29.84
C ALA D 173 23.12 12.32 30.27
N GLY D 174 24.06 13.23 30.04
CA GLY D 174 23.86 14.66 30.34
C GLY D 174 24.41 15.13 31.66
N ASP D 175 24.73 14.20 32.57
CA ASP D 175 25.27 14.58 33.88
C ASP D 175 26.52 15.44 33.72
N ASP D 176 26.57 16.55 34.45
CA ASP D 176 27.69 17.51 34.40
C ASP D 176 28.00 18.01 32.97
N GLY D 177 26.96 18.09 32.14
CA GLY D 177 27.06 18.60 30.78
C GLY D 177 27.71 17.68 29.77
N SER D 178 27.91 16.42 30.10
CA SER D 178 28.48 15.43 29.18
C SER D 178 27.37 14.56 28.60
N ALA D 179 27.34 14.47 27.27
CA ALA D 179 26.36 13.66 26.54
C ALA D 179 26.41 12.18 26.94
N ALA D 180 27.62 11.66 27.13
CA ALA D 180 27.80 10.25 27.45
C ALA D 180 29.00 9.98 28.35
N PHE D 181 29.03 8.75 28.83
CA PHE D 181 30.09 8.21 29.66
C PHE D 181 30.24 6.77 29.24
N ARG D 182 31.48 6.33 29.08
CA ARG D 182 31.78 4.97 28.66
C ARG D 182 33.07 4.46 29.26
N ILE D 183 33.26 3.14 29.14
CA ILE D 183 34.51 2.44 29.44
C ILE D 183 34.82 2.40 30.95
N PRO D 184 34.10 1.54 31.70
CA PRO D 184 34.20 1.47 33.15
C PRO D 184 35.47 0.80 33.66
N GLY D 185 35.95 1.31 34.79
CA GLY D 185 37.04 0.69 35.54
C GLY D 185 36.70 0.89 37.01
N LEU D 186 36.97 -0.12 37.83
CA LEU D 186 36.65 -0.07 39.26
C LEU D 186 37.77 -0.68 40.09
N VAL D 187 38.13 -0.01 41.17
CA VAL D 187 39.01 -0.56 42.20
C VAL D 187 38.48 -0.20 43.58
N THR D 188 38.97 -0.94 44.57
CA THR D 188 38.70 -0.70 45.98
C THR D 188 40.04 -0.40 46.62
N THR D 189 40.22 0.83 47.13
CA THR D 189 41.50 1.23 47.71
C THR D 189 41.73 0.51 49.04
N ASN D 190 42.95 0.59 49.57
CA ASN D 190 43.28 -0.03 50.87
C ASN D 190 42.43 0.48 52.05
N ASN D 191 41.86 1.68 51.92
CA ASN D 191 40.93 2.24 52.90
C ASN D 191 39.47 1.83 52.67
N GLY D 192 39.20 0.99 51.67
CA GLY D 192 37.83 0.56 51.32
C GLY D 192 37.07 1.47 50.38
N THR D 193 37.71 2.51 49.86
CA THR D 193 37.06 3.47 48.95
C THR D 193 36.88 2.86 47.57
N LEU D 194 35.71 3.08 46.95
CA LEU D 194 35.46 2.66 45.59
C LEU D 194 35.82 3.82 44.67
N LEU D 195 36.61 3.53 43.63
CA LEU D 195 36.97 4.51 42.61
C LEU D 195 36.53 3.94 41.26
N GLY D 196 35.56 4.59 40.64
CA GLY D 196 35.06 4.22 39.32
C GLY D 196 35.63 5.18 38.31
N VAL D 197 36.26 4.67 37.24
CA VAL D 197 36.86 5.49 36.18
CA VAL D 197 36.84 5.50 36.18
C VAL D 197 36.10 5.27 34.88
N TYR D 198 36.12 6.26 33.99
CA TYR D 198 35.40 6.23 32.72
C TYR D 198 35.78 7.39 31.81
N ASP D 199 35.37 7.27 30.55
CA ASP D 199 35.47 8.36 29.57
C ASP D 199 34.36 9.33 29.87
N ILE D 200 34.68 10.62 29.85
CA ILE D 200 33.66 11.66 29.86
C ILE D 200 33.54 12.05 28.38
N ARG D 201 32.51 11.54 27.72
CA ARG D 201 32.31 11.76 26.29
C ARG D 201 31.33 12.88 26.10
N TYR D 202 31.86 14.10 26.16
CA TYR D 202 31.07 15.33 26.24
C TYR D 202 30.06 15.55 25.11
N ASN D 203 30.48 15.30 23.88
CA ASN D 203 29.70 15.65 22.68
C ASN D 203 28.79 14.57 22.12
N SER D 204 29.19 13.32 22.28
CA SER D 204 28.43 12.18 21.75
C SER D 204 29.06 10.92 22.32
N SER D 205 28.51 9.76 22.00
CA SER D 205 29.05 8.49 22.49
C SER D 205 30.18 7.89 21.62
N VAL D 206 30.64 8.63 20.60
CA VAL D 206 31.67 8.10 19.69
CA VAL D 206 31.67 8.11 19.68
C VAL D 206 33.04 8.03 20.36
N ASP D 207 33.87 7.12 19.86
CA ASP D 207 35.23 6.91 20.37
C ASP D 207 36.15 8.05 19.96
N LEU D 208 37.35 8.08 20.53
CA LEU D 208 38.42 9.01 20.12
C LEU D 208 38.61 8.92 18.60
N GLN D 209 38.89 10.01 17.88
CA GLN D 209 39.09 11.35 18.43
C GLN D 209 37.78 12.09 18.67
N GLU D 210 37.71 12.77 19.81
CA GLU D 210 36.63 13.71 20.19
C GLU D 210 37.04 14.40 21.50
N LYS D 211 36.24 15.36 21.95
CA LYS D 211 36.47 16.03 23.22
C LYS D 211 36.12 15.00 24.29
N ILE D 212 37.13 14.29 24.78
CA ILE D 212 36.95 13.28 25.83
C ILE D 212 37.99 13.48 26.94
N ASP D 213 37.56 13.43 28.20
CA ASP D 213 38.44 13.49 29.37
C ASP D 213 38.25 12.19 30.18
N ILE D 214 39.13 11.98 31.16
CA ILE D 214 39.00 10.84 32.09
C ILE D 214 38.42 11.36 33.41
N GLY D 215 37.28 10.78 33.80
CA GLY D 215 36.59 11.12 35.03
C GLY D 215 36.69 10.02 36.07
N VAL D 216 36.67 10.40 37.34
CA VAL D 216 36.66 9.46 38.46
C VAL D 216 35.50 9.79 39.42
N SER D 217 34.74 8.77 39.79
CA SER D 217 33.68 8.88 40.79
C SER D 217 34.13 8.09 42.00
N ARG D 218 34.10 8.73 43.17
CA ARG D 218 34.60 8.17 44.42
C ARG D 218 33.48 7.93 45.43
N SER D 219 33.47 6.75 46.06
CA SER D 219 32.49 6.41 47.11
C SER D 219 33.19 5.89 48.36
N THR D 220 32.88 6.48 49.50
CA THR D 220 33.42 6.04 50.80
C THR D 220 32.42 5.19 51.60
N ASP D 221 31.22 4.97 51.06
CA ASP D 221 30.16 4.21 51.74
C ASP D 221 29.69 2.99 50.92
N LYS D 222 30.66 2.30 50.31
CA LYS D 222 30.40 1.08 49.53
C LYS D 222 29.40 1.26 48.37
N GLY D 223 29.38 2.45 47.78
CA GLY D 223 28.55 2.75 46.62
C GLY D 223 27.18 3.33 46.83
N GLN D 224 26.75 3.53 48.09
CA GLN D 224 25.43 4.13 48.37
C GLN D 224 25.35 5.57 47.87
N THR D 225 26.44 6.32 48.04
CA THR D 225 26.57 7.70 47.57
C THR D 225 27.91 7.88 46.87
N TRP D 226 27.98 8.87 45.97
CA TRP D 226 29.18 9.11 45.17
C TRP D 226 29.53 10.59 45.22
N GLU D 227 30.81 10.89 45.36
CA GLU D 227 31.29 12.27 45.46
C GLU D 227 31.23 12.92 44.07
N PRO D 228 31.25 14.27 44.01
CA PRO D 228 31.21 14.92 42.70
C PRO D 228 32.31 14.42 41.78
N MSE D 229 31.99 14.23 40.50
CA MSE D 229 32.97 13.74 39.52
C MSE D 229 34.23 14.59 39.54
O MSE D 229 34.15 15.82 39.57
CB MSE D 229 32.39 13.76 38.11
CG MSE D 229 33.35 13.28 37.03
SE MSE D 229 32.50 13.32 35.29
CE MSE D 229 32.37 15.25 35.03
N ARG D 230 35.37 13.92 39.49
CA ARG D 230 36.67 14.55 39.41
C ARG D 230 37.24 14.27 38.03
N VAL D 231 37.80 15.29 37.38
CA VAL D 231 38.46 15.09 36.08
C VAL D 231 39.89 14.69 36.39
N ALA D 232 40.17 13.39 36.29
CA ALA D 232 41.49 12.83 36.56
C ALA D 232 42.49 13.13 35.46
N MSE D 233 42.03 13.29 34.22
CA MSE D 233 42.93 13.56 33.11
C MSE D 233 42.24 14.31 31.96
O MSE D 233 41.15 13.92 31.52
CB MSE D 233 43.53 12.24 32.59
CG MSE D 233 45.01 12.38 32.27
SE MSE D 233 45.83 10.92 31.29
CE MSE D 233 45.42 9.34 32.34
N THR D 234 42.89 15.38 31.51
CA THR D 234 42.42 16.18 30.39
C THR D 234 43.60 16.88 29.71
N PHE D 235 43.48 17.09 28.40
CA PHE D 235 44.50 17.81 27.63
C PHE D 235 44.00 19.14 27.05
N LYS D 236 42.77 19.51 27.42
CA LYS D 236 42.15 20.78 27.00
CA LYS D 236 42.15 20.78 27.00
C LYS D 236 42.63 21.23 25.60
N GLN D 237 43.31 22.37 25.50
CA GLN D 237 43.77 22.88 24.21
C GLN D 237 45.28 22.78 24.07
N THR D 238 45.81 21.57 24.30
CA THR D 238 47.25 21.32 24.21
C THR D 238 47.77 21.66 22.80
N ASP D 239 48.84 22.46 22.75
CA ASP D 239 49.45 22.96 21.50
C ASP D 239 48.54 23.90 20.70
N GLY D 240 47.52 24.45 21.37
CA GLY D 240 46.54 25.32 20.72
C GLY D 240 45.51 24.62 19.83
N LEU D 241 45.51 23.28 19.80
CA LEU D 241 44.47 22.56 19.05
C LEU D 241 43.20 22.55 19.89
N PRO D 242 42.02 22.49 19.23
CA PRO D 242 40.77 22.43 20.00
C PRO D 242 40.72 21.18 20.89
N HIS D 243 39.96 21.26 21.99
CA HIS D 243 39.79 20.12 22.92
C HIS D 243 39.25 18.90 22.18
N GLY D 244 38.35 19.15 21.22
CA GLY D 244 37.81 18.13 20.32
C GLY D 244 38.88 17.31 19.61
N GLN D 245 40.07 17.91 19.40
CA GLN D 245 41.24 17.20 18.84
C GLN D 245 42.35 17.01 19.89
N ASN D 246 41.93 16.77 21.14
CA ASN D 246 42.85 16.51 22.25
C ASN D 246 42.25 15.53 23.28
N GLY D 247 41.46 14.57 22.80
CA GLY D 247 40.80 13.63 23.66
C GLY D 247 41.74 12.67 24.38
N VAL D 248 41.34 12.22 25.56
CA VAL D 248 42.03 11.16 26.28
C VAL D 248 40.94 10.18 26.73
N GLY D 249 41.13 8.88 26.49
CA GLY D 249 40.09 7.88 26.81
C GLY D 249 40.53 6.43 26.96
N ASP D 250 39.53 5.56 27.16
CA ASP D 250 39.72 4.12 27.41
C ASP D 250 40.57 3.83 28.65
N PRO D 251 40.17 4.38 29.82
CA PRO D 251 41.01 4.31 31.01
C PRO D 251 41.11 2.92 31.62
N SER D 252 42.20 2.72 32.36
CA SER D 252 42.36 1.53 33.18
C SER D 252 42.93 2.01 34.52
N ILE D 253 42.36 1.52 35.62
CA ILE D 253 42.73 1.96 36.98
C ILE D 253 43.32 0.80 37.78
N LEU D 254 44.31 1.08 38.62
CA LEU D 254 44.84 0.06 39.54
C LEU D 254 45.26 0.71 40.85
N VAL D 255 45.22 -0.10 41.90
CA VAL D 255 45.65 0.30 43.24
CA VAL D 255 45.67 0.33 43.22
C VAL D 255 46.99 -0.35 43.51
N ASP D 256 47.99 0.45 43.90
CA ASP D 256 49.27 -0.07 44.31
C ASP D 256 48.98 -0.50 45.76
N GLU D 257 48.72 -1.80 45.95
CA GLU D 257 48.32 -2.31 47.26
C GLU D 257 49.40 -2.15 48.35
N LYS D 258 50.66 -2.05 47.95
CA LYS D 258 51.77 -1.87 48.89
C LYS D 258 51.82 -0.45 49.48
N THR D 259 51.33 0.55 48.72
CA THR D 259 51.37 1.96 49.15
C THR D 259 50.02 2.69 49.22
N ASN D 260 48.99 2.12 48.59
CA ASN D 260 47.68 2.76 48.34
C ASN D 260 47.70 3.87 47.30
N THR D 261 48.79 3.98 46.53
CA THR D 261 48.86 4.92 45.44
C THR D 261 47.94 4.37 44.34
N ILE D 262 47.10 5.24 43.79
CA ILE D 262 46.17 4.84 42.72
C ILE D 262 46.77 5.30 41.39
N TRP D 263 46.76 4.40 40.40
CA TRP D 263 47.29 4.70 39.06
C TRP D 263 46.20 4.56 38.02
N VAL D 264 46.09 5.58 37.16
CA VAL D 264 45.17 5.52 36.01
C VAL D 264 45.98 5.74 34.74
N VAL D 265 45.88 4.78 33.83
CA VAL D 265 46.50 4.88 32.51
C VAL D 265 45.42 5.12 31.46
N ALA D 266 45.71 5.99 30.49
CA ALA D 266 44.76 6.29 29.39
C ALA D 266 45.50 6.66 28.10
N ALA D 267 44.76 6.75 26.99
CA ALA D 267 45.33 7.04 25.67
C ALA D 267 44.96 8.45 25.23
N TRP D 268 45.97 9.30 25.02
CA TRP D 268 45.76 10.66 24.53
C TRP D 268 45.97 10.72 23.02
N THR D 269 44.97 11.23 22.31
CA THR D 269 45.04 11.41 20.86
C THR D 269 45.04 12.90 20.51
N HIS D 270 46.01 13.29 19.69
CA HIS D 270 46.23 14.68 19.34
C HIS D 270 46.03 14.85 17.82
N GLY D 271 45.22 15.85 17.43
CA GLY D 271 44.89 16.08 16.03
C GLY D 271 43.81 15.12 15.54
N MSE D 272 44.03 14.52 14.37
CA MSE D 272 43.17 13.46 13.78
C MSE D 272 41.73 13.85 13.40
O MSE D 272 40.85 12.98 13.28
CB MSE D 272 43.15 12.24 14.70
CG MSE D 272 44.50 11.73 15.10
SE MSE D 272 44.40 10.12 16.20
CE MSE D 272 46.25 10.07 16.74
N GLY D 273 41.48 15.14 13.18
CA GLY D 273 40.15 15.63 12.80
C GLY D 273 39.06 15.19 13.74
N ASN D 274 37.93 14.77 13.17
CA ASN D 274 36.81 14.23 13.95
C ASN D 274 36.52 12.77 13.58
N GLU D 275 37.55 12.04 13.18
CA GLU D 275 37.43 10.62 12.78
C GLU D 275 37.97 9.76 13.92
N ARG D 276 37.88 8.44 13.76
CA ARG D 276 38.26 7.52 14.83
C ARG D 276 39.76 7.31 14.91
N ALA D 277 40.27 7.29 16.14
CA ALA D 277 41.70 7.15 16.44
C ALA D 277 42.23 5.80 16.00
N TRP D 278 41.37 4.79 16.01
CA TRP D 278 41.73 3.43 15.56
C TRP D 278 42.29 3.43 14.11
N TRP D 279 41.77 4.31 13.26
CA TRP D 279 42.23 4.44 11.88
C TRP D 279 43.25 5.55 11.68
N ASN D 280 43.47 6.41 12.67
CA ASN D 280 44.35 7.57 12.48
C ASN D 280 45.61 7.65 13.33
N SER D 281 45.74 6.77 14.34
CA SER D 281 47.00 6.64 15.06
C SER D 281 47.91 5.87 14.13
N MSE D 282 49.11 6.41 13.87
CA MSE D 282 50.04 5.84 12.89
C MSE D 282 51.35 5.44 13.56
O MSE D 282 51.58 5.76 14.73
CB MSE D 282 50.31 6.87 11.79
CG MSE D 282 49.12 7.20 10.91
SE MSE D 282 48.44 5.68 9.87
CE MSE D 282 47.29 6.64 8.61
N PRO D 283 52.24 4.73 12.83
CA PRO D 283 53.58 4.45 13.35
C PRO D 283 54.33 5.73 13.74
N GLY D 284 55.24 5.62 14.69
CA GLY D 284 55.96 6.78 15.20
C GLY D 284 55.87 6.83 16.71
N MSE D 285 56.23 7.98 17.27
CA MSE D 285 56.31 8.17 18.74
C MSE D 285 55.79 9.50 19.28
O MSE D 285 55.48 9.60 20.47
CB MSE D 285 57.77 8.00 19.18
CG MSE D 285 58.39 6.64 18.87
SE MSE D 285 57.54 5.14 19.79
CE MSE D 285 58.37 5.37 21.53
N THR D 286 55.69 10.53 18.43
CA THR D 286 55.28 11.86 18.88
C THR D 286 53.76 11.95 18.93
N PRO D 287 53.22 12.93 19.69
CA PRO D 287 51.76 13.12 19.72
C PRO D 287 51.14 13.47 18.35
N ASP D 288 51.92 14.11 17.46
CA ASP D 288 51.45 14.40 16.10
C ASP D 288 51.26 13.13 15.25
N GLU D 289 51.98 12.06 15.61
CA GLU D 289 51.99 10.81 14.84
C GLU D 289 51.10 9.70 15.40
N THR D 290 51.09 9.55 16.72
CA THR D 290 50.49 8.37 17.33
C THR D 290 49.90 8.63 18.71
N ALA D 291 48.95 7.77 19.11
CA ALA D 291 48.33 7.87 20.43
C ALA D 291 49.39 7.79 21.53
N GLN D 292 49.24 8.62 22.55
CA GLN D 292 50.21 8.71 23.63
C GLN D 292 49.70 7.99 24.88
N LEU D 293 50.55 7.14 25.47
CA LEU D 293 50.20 6.40 26.67
C LEU D 293 50.48 7.31 27.88
N MSE D 294 49.43 7.64 28.62
CA MSE D 294 49.50 8.63 29.69
C MSE D 294 49.11 8.06 31.05
O MSE D 294 48.12 7.35 31.15
CB MSE D 294 48.59 9.82 29.36
CG MSE D 294 48.79 10.41 27.97
SE MSE D 294 50.62 11.04 27.63
CE MSE D 294 50.80 12.42 29.01
N LEU D 295 49.90 8.38 32.08
CA LEU D 295 49.61 7.97 33.47
C LEU D 295 49.33 9.18 34.37
N VAL D 296 48.38 9.00 35.29
CA VAL D 296 48.21 9.92 36.42
C VAL D 296 48.18 9.06 37.67
N LYS D 297 48.59 9.64 38.79
CA LYS D 297 48.56 8.95 40.08
C LYS D 297 47.86 9.79 41.12
N SER D 298 47.30 9.12 42.13
CA SER D 298 46.72 9.79 43.29
C SER D 298 47.35 9.19 44.53
N GLU D 299 47.90 10.06 45.38
CA GLU D 299 48.50 9.64 46.64
C GLU D 299 47.64 10.02 47.86
N ASP D 300 46.38 10.38 47.61
CA ASP D 300 45.42 10.73 48.66
C ASP D 300 44.06 10.03 48.46
N ASP D 301 44.12 8.75 48.11
CA ASP D 301 42.94 7.87 48.02
C ASP D 301 41.95 8.23 46.90
N GLY D 302 42.48 8.78 45.80
CA GLY D 302 41.67 9.15 44.63
C GLY D 302 41.13 10.57 44.64
N LYS D 303 41.46 11.35 45.67
CA LYS D 303 40.90 12.70 45.84
C LYS D 303 41.50 13.74 44.89
N THR D 304 42.81 13.70 44.71
CA THR D 304 43.50 14.61 43.77
C THR D 304 44.41 13.78 42.87
N TRP D 305 44.69 14.30 41.68
CA TRP D 305 45.44 13.58 40.67
C TRP D 305 46.62 14.38 40.14
N SER D 306 47.70 13.68 39.87
CA SER D 306 48.91 14.30 39.35
C SER D 306 48.72 14.79 37.93
N GLU D 307 49.66 15.62 37.48
CA GLU D 307 49.70 16.01 36.08
C GLU D 307 50.05 14.74 35.27
N PRO D 308 49.57 14.64 34.02
CA PRO D 308 49.83 13.44 33.21
C PRO D 308 51.32 13.16 32.98
N ILE D 309 51.70 11.89 33.07
CA ILE D 309 53.06 11.43 32.84
C ILE D 309 53.03 10.60 31.55
N ASN D 310 53.83 10.98 30.56
CA ASN D 310 53.86 10.30 29.26
C ASN D 310 54.85 9.13 29.33
N ILE D 311 54.36 7.90 29.21
CA ILE D 311 55.23 6.70 29.29
C ILE D 311 55.38 5.97 27.94
N THR D 312 54.89 6.58 26.87
CA THR D 312 54.95 6.02 25.51
C THR D 312 56.36 5.49 25.15
N SER D 313 57.38 6.31 25.39
CA SER D 313 58.78 5.95 25.05
C SER D 313 59.33 4.72 25.79
N GLN D 314 58.80 4.42 26.97
CA GLN D 314 59.23 3.24 27.73
C GLN D 314 58.72 1.89 27.20
N VAL D 315 57.62 1.89 26.44
CA VAL D 315 56.94 0.63 26.06
C VAL D 315 56.45 0.46 24.61
N LYS D 316 56.20 1.55 23.88
CA LYS D 316 55.76 1.45 22.48
C LYS D 316 56.94 1.24 21.54
N ASP D 317 56.79 0.29 20.62
CA ASP D 317 57.73 0.14 19.51
C ASP D 317 57.29 1.13 18.43
N PRO D 318 58.23 1.88 17.81
CA PRO D 318 57.84 2.83 16.75
C PRO D 318 56.99 2.27 15.59
N SER D 319 57.15 0.98 15.27
CA SER D 319 56.41 0.35 14.18
C SER D 319 54.91 0.19 14.42
N TRP D 320 54.48 0.17 15.68
CA TRP D 320 53.06 -0.06 16.01
C TRP D 320 52.21 1.16 15.69
N TYR D 321 51.00 0.93 15.16
CA TYR D 321 50.06 2.02 14.83
C TYR D 321 49.44 2.63 16.06
N PHE D 322 49.15 1.80 17.06
CA PHE D 322 48.40 2.22 18.23
C PHE D 322 48.77 1.31 19.40
N LEU D 323 49.34 1.88 20.46
CA LEU D 323 49.53 1.16 21.73
C LEU D 323 48.59 1.80 22.73
N LEU D 324 47.78 1.00 23.40
CA LEU D 324 46.95 1.51 24.49
C LEU D 324 46.68 0.45 25.55
N GLN D 325 46.39 0.94 26.76
CA GLN D 325 45.93 0.12 27.87
C GLN D 325 44.70 -0.73 27.51
N GLY D 326 44.55 -1.85 28.20
CA GLY D 326 43.33 -2.66 28.12
C GLY D 326 42.37 -1.99 29.11
N PRO D 327 41.22 -1.50 28.63
CA PRO D 327 40.33 -0.77 29.54
C PRO D 327 39.83 -1.59 30.72
N GLY D 328 39.57 -0.90 31.84
CA GLY D 328 39.03 -1.53 33.04
C GLY D 328 39.93 -1.33 34.23
N ARG D 329 40.60 -2.40 34.64
CA ARG D 329 41.56 -2.31 35.73
C ARG D 329 42.87 -3.05 35.48
N GLY D 330 43.85 -2.75 36.34
CA GLY D 330 45.12 -3.45 36.45
C GLY D 330 45.22 -4.02 37.86
N ILE D 331 46.40 -4.51 38.24
CA ILE D 331 46.59 -5.14 39.55
C ILE D 331 47.98 -4.92 40.17
N THR D 332 48.05 -5.12 41.48
CA THR D 332 49.30 -5.28 42.22
C THR D 332 49.42 -6.80 42.40
N MSE D 333 50.55 -7.37 41.98
CA MSE D 333 50.82 -8.79 42.22
C MSE D 333 51.25 -8.98 43.68
O MSE D 333 51.59 -8.01 44.37
CB MSE D 333 51.94 -9.29 41.30
CG MSE D 333 51.61 -9.22 39.81
SE MSE D 333 53.01 -9.96 38.66
CE MSE D 333 52.58 -11.90 38.88
N GLN D 334 51.21 -10.23 44.15
CA GLN D 334 51.60 -10.57 45.53
C GLN D 334 53.01 -10.06 45.89
N ASP D 335 53.94 -10.11 44.93
CA ASP D 335 55.30 -9.61 45.15
C ASP D 335 55.47 -8.10 45.01
N GLY D 336 54.40 -7.38 44.65
CA GLY D 336 54.43 -5.92 44.53
C GLY D 336 54.55 -5.38 43.12
N THR D 337 54.69 -6.25 42.13
CA THR D 337 54.75 -5.81 40.74
C THR D 337 53.37 -5.30 40.31
N LEU D 338 53.33 -4.06 39.81
CA LEU D 338 52.11 -3.43 39.28
C LEU D 338 51.97 -3.86 37.83
N VAL D 339 50.76 -4.25 37.43
CA VAL D 339 50.51 -4.78 36.08
C VAL D 339 49.26 -4.18 35.43
N PHE D 340 49.41 -3.70 34.19
CA PHE D 340 48.28 -3.22 33.38
C PHE D 340 48.23 -4.01 32.08
N PRO D 341 47.05 -4.54 31.72
CA PRO D 341 46.96 -5.13 30.37
C PRO D 341 47.09 -4.05 29.30
N ILE D 342 47.61 -4.44 28.15
CA ILE D 342 47.75 -3.54 27.01
C ILE D 342 47.33 -4.23 25.73
N GLN D 343 47.22 -3.43 24.68
CA GLN D 343 46.88 -3.88 23.34
C GLN D 343 47.58 -2.97 22.36
N PHE D 344 48.05 -3.55 21.27
CA PHE D 344 48.71 -2.78 20.23
C PHE D 344 48.44 -3.30 18.82
N ILE D 345 48.29 -2.37 17.88
CA ILE D 345 48.16 -2.71 16.47
C ILE D 345 49.59 -2.72 15.96
N ASP D 346 50.08 -3.91 15.60
CA ASP D 346 51.48 -4.06 15.14
C ASP D 346 51.67 -3.60 13.69
N ALA D 347 52.92 -3.66 13.22
CA ALA D 347 53.28 -3.28 11.87
C ALA D 347 52.48 -4.02 10.77
N THR D 348 52.00 -5.23 11.05
CA THR D 348 51.15 -5.96 10.10
C THR D 348 49.65 -5.62 10.28
N ARG D 349 49.36 -4.53 11.01
CA ARG D 349 48.00 -4.00 11.20
C ARG D 349 47.05 -4.97 11.92
N VAL D 350 47.62 -5.84 12.75
CA VAL D 350 46.87 -6.79 13.56
C VAL D 350 46.99 -6.39 15.03
N PRO D 351 45.86 -6.29 15.74
CA PRO D 351 45.93 -5.98 17.16
C PRO D 351 46.29 -7.21 17.96
N ASN D 352 47.04 -7.01 19.05
CA ASN D 352 47.44 -8.10 19.93
C ASN D 352 47.39 -7.66 21.37
N ALA D 353 46.87 -8.52 22.25
CA ALA D 353 46.82 -8.23 23.68
C ALA D 353 48.12 -8.68 24.37
N GLY D 354 48.43 -8.00 25.47
CA GLY D 354 49.55 -8.34 26.33
C GLY D 354 49.47 -7.62 27.66
N ILE D 355 50.60 -7.57 28.36
CA ILE D 355 50.70 -6.90 29.66
C ILE D 355 51.97 -6.05 29.76
N MSE D 356 51.86 -4.94 30.48
CA MSE D 356 53.02 -4.14 30.83
C MSE D 356 53.09 -4.09 32.35
O MSE D 356 52.06 -4.22 33.02
CB MSE D 356 52.97 -2.76 30.18
CG MSE D 356 51.84 -1.89 30.58
SE MSE D 356 52.26 -0.03 30.16
CE MSE D 356 50.80 0.83 31.14
N TYR D 357 54.29 -3.90 32.89
CA TYR D 357 54.49 -3.91 34.35
C TYR D 357 55.59 -2.97 34.85
N SER D 358 55.52 -2.65 36.13
CA SER D 358 56.51 -1.83 36.82
C SER D 358 56.94 -2.55 38.08
N LYS D 359 58.25 -2.72 38.26
CA LYS D 359 58.80 -3.29 39.49
C LYS D 359 59.27 -2.19 40.45
N ASP D 360 59.09 -0.92 40.09
CA ASP D 360 59.54 0.22 40.90
C ASP D 360 58.40 1.19 41.22
N ARG D 361 57.26 0.63 41.66
CA ARG D 361 56.11 1.40 42.12
C ARG D 361 55.55 2.36 41.05
N GLY D 362 55.61 1.95 39.80
CA GLY D 362 55.05 2.73 38.68
C GLY D 362 55.95 3.78 38.02
N LYS D 363 57.23 3.84 38.42
CA LYS D 363 58.16 4.83 37.86
C LYS D 363 58.62 4.45 36.45
N THR D 364 58.92 3.16 36.25
CA THR D 364 59.35 2.64 34.95
C THR D 364 58.54 1.41 34.58
N TRP D 365 58.18 1.31 33.30
CA TRP D 365 57.32 0.24 32.78
C TRP D 365 58.01 -0.55 31.68
N HIS D 366 57.71 -1.84 31.62
CA HIS D 366 58.30 -2.76 30.68
C HIS D 366 57.20 -3.57 30.02
N LEU D 367 57.39 -3.89 28.74
CA LEU D 367 56.43 -4.65 27.95
C LEU D 367 57.21 -5.63 27.09
N HIS D 368 56.87 -6.91 27.17
CA HIS D 368 57.58 -7.95 26.43
C HIS D 368 56.82 -8.44 25.20
N ASN D 369 56.22 -9.63 25.23
CA ASN D 369 55.63 -10.22 24.03
C ASN D 369 54.11 -10.33 24.07
N LEU D 370 53.51 -10.32 22.89
CA LEU D 370 52.06 -10.49 22.75
C LEU D 370 51.64 -11.87 23.27
N ALA D 371 50.44 -11.93 23.83
CA ALA D 371 49.87 -13.16 24.37
C ALA D 371 49.29 -14.01 23.25
N ARG D 372 48.57 -13.36 22.34
CA ARG D 372 47.88 -14.03 21.25
C ARG D 372 47.52 -13.04 20.15
N THR D 373 47.61 -13.50 18.91
CA THR D 373 47.33 -12.64 17.76
C THR D 373 45.83 -12.35 17.62
N ASN D 374 45.54 -11.20 17.03
CA ASN D 374 44.18 -10.77 16.74
C ASN D 374 43.27 -10.75 17.98
N THR D 375 43.82 -10.15 19.03
CA THR D 375 43.10 -9.94 20.28
C THR D 375 43.27 -8.46 20.66
N THR D 376 42.32 -7.94 21.43
CA THR D 376 42.33 -6.51 21.74
C THR D 376 42.29 -6.29 23.24
N GLU D 377 41.10 -5.96 23.74
CA GLU D 377 40.89 -5.64 25.15
C GLU D 377 41.02 -6.88 25.99
N ALA D 378 41.77 -6.77 27.08
CA ALA D 378 42.02 -7.90 27.96
C ALA D 378 42.09 -7.46 29.42
N GLN D 379 41.85 -8.39 30.33
CA GLN D 379 42.03 -8.15 31.75
C GLN D 379 42.90 -9.26 32.34
N VAL D 380 43.65 -8.89 33.37
CA VAL D 380 44.65 -9.77 33.98
C VAL D 380 44.36 -10.03 35.46
N ALA D 381 44.56 -11.28 35.89
CA ALA D 381 44.43 -11.69 37.28
C ALA D 381 45.59 -12.64 37.64
N GLU D 382 46.11 -12.51 38.86
CA GLU D 382 47.18 -13.40 39.35
C GLU D 382 46.48 -14.63 39.91
N VAL D 383 46.18 -15.58 39.02
CA VAL D 383 45.42 -16.79 39.36
C VAL D 383 46.06 -17.57 40.50
N GLU D 384 47.39 -17.68 40.45
CA GLU D 384 48.21 -18.27 41.50
C GLU D 384 49.45 -17.39 41.68
N PRO D 385 50.14 -17.49 42.85
CA PRO D 385 51.32 -16.64 43.05
C PRO D 385 52.33 -16.74 41.90
N GLY D 386 52.69 -15.60 41.32
CA GLY D 386 53.65 -15.56 40.21
C GLY D 386 53.15 -15.94 38.83
N VAL D 387 51.87 -16.33 38.73
CA VAL D 387 51.26 -16.75 37.48
C VAL D 387 50.15 -15.76 37.09
N LEU D 388 50.32 -15.06 35.98
CA LEU D 388 49.33 -14.10 35.50
C LEU D 388 48.46 -14.74 34.44
N MSE D 389 47.14 -14.62 34.59
CA MSE D 389 46.17 -15.08 33.61
C MSE D 389 45.63 -13.86 32.87
O MSE D 389 45.08 -12.94 33.49
CB MSE D 389 45.01 -15.81 34.31
CG MSE D 389 43.78 -16.06 33.45
SE MSE D 389 42.50 -17.14 34.42
CE MSE D 389 43.47 -18.84 34.32
N LEU D 390 45.76 -13.87 31.53
CA LEU D 390 45.22 -12.81 30.68
C LEU D 390 43.97 -13.35 29.95
N ASN D 391 42.84 -12.67 30.14
CA ASN D 391 41.55 -13.05 29.56
C ASN D 391 41.22 -11.97 28.50
N MSE D 392 41.08 -12.41 27.25
CA MSE D 392 41.10 -11.51 26.09
C MSE D 392 39.87 -11.49 25.19
O MSE D 392 39.25 -12.52 24.94
CB MSE D 392 42.28 -11.92 25.20
CG MSE D 392 43.61 -11.85 25.87
SE MSE D 392 44.92 -12.77 24.79
CE MSE D 392 44.45 -14.66 25.22
N ARG D 393 39.58 -10.29 24.68
CA ARG D 393 38.60 -10.07 23.62
C ARG D 393 39.27 -10.57 22.33
N ASP D 394 38.66 -11.57 21.71
CA ASP D 394 39.22 -12.22 20.53
C ASP D 394 38.39 -11.88 19.29
N ASN D 395 39.05 -11.30 18.28
CA ASN D 395 38.39 -10.92 17.03
C ASN D 395 37.86 -12.08 16.19
N ARG D 396 38.26 -13.31 16.49
CA ARG D 396 37.74 -14.49 15.81
C ARG D 396 36.26 -14.74 16.14
N GLY D 397 35.79 -14.17 17.25
CA GLY D 397 34.38 -14.24 17.61
C GLY D 397 34.00 -15.49 18.41
N GLY D 398 32.92 -15.37 19.16
CA GLY D 398 32.34 -16.47 19.90
C GLY D 398 32.81 -16.71 21.33
N SER D 399 34.08 -16.44 21.65
CA SER D 399 34.60 -16.78 23.00
C SER D 399 35.89 -16.09 23.41
N ARG D 400 36.04 -15.91 24.72
CA ARG D 400 37.22 -15.29 25.31
C ARG D 400 38.44 -16.19 25.10
N ALA D 401 39.57 -15.57 24.76
CA ALA D 401 40.86 -16.26 24.72
C ALA D 401 41.49 -16.10 26.10
N VAL D 402 42.18 -17.14 26.57
CA VAL D 402 42.80 -17.14 27.89
C VAL D 402 44.19 -17.77 27.84
N ALA D 403 45.18 -17.05 28.38
CA ALA D 403 46.55 -17.53 28.43
C ALA D 403 47.19 -17.12 29.74
N THR D 404 48.24 -17.84 30.13
CA THR D 404 48.96 -17.55 31.37
C THR D 404 50.44 -17.34 31.08
N THR D 405 51.10 -16.58 31.95
CA THR D 405 52.54 -16.31 31.86
C THR D 405 53.15 -16.32 33.27
N LYS D 406 54.31 -16.95 33.39
CA LYS D 406 55.08 -17.00 34.64
C LYS D 406 56.30 -16.07 34.59
N ASP D 407 56.50 -15.39 33.46
CA ASP D 407 57.67 -14.51 33.27
C ASP D 407 57.28 -13.12 32.76
N LEU D 408 56.16 -12.61 33.27
CA LEU D 408 55.68 -11.26 32.95
C LEU D 408 55.55 -10.96 31.45
N GLY D 409 55.11 -11.96 30.69
CA GLY D 409 54.80 -11.78 29.28
C GLY D 409 55.92 -11.98 28.27
N LYS D 410 57.04 -12.57 28.68
CA LYS D 410 58.06 -12.98 27.72
C LYS D 410 57.54 -14.19 26.94
N THR D 411 56.96 -15.16 27.66
CA THR D 411 56.36 -16.37 27.07
C THR D 411 54.96 -16.60 27.65
N TRP D 412 54.09 -17.19 26.84
CA TRP D 412 52.69 -17.42 27.17
C TRP D 412 52.27 -18.86 26.91
N THR D 413 51.38 -19.38 27.74
CA THR D 413 50.86 -20.73 27.61
C THR D 413 49.35 -20.65 27.52
N GLU D 414 48.76 -21.28 26.50
CA GLU D 414 47.31 -21.30 26.34
C GLU D 414 46.68 -22.09 27.48
N HIS D 415 45.55 -21.60 27.97
CA HIS D 415 44.82 -22.21 29.08
C HIS D 415 43.72 -23.13 28.51
N PRO D 416 43.41 -24.26 29.19
CA PRO D 416 42.35 -25.16 28.67
C PRO D 416 40.95 -24.52 28.53
N SER D 417 40.66 -23.51 29.35
CA SER D 417 39.41 -22.75 29.26
C SER D 417 39.34 -21.84 28.03
N SER D 418 40.47 -21.56 27.40
CA SER D 418 40.55 -20.66 26.25
C SER D 418 39.66 -21.13 25.10
N ARG D 419 38.99 -20.16 24.49
CA ARG D 419 38.16 -20.37 23.30
C ARG D 419 37.14 -21.50 23.44
N SER D 420 36.42 -21.49 24.57
CA SER D 420 35.48 -22.57 24.90
C SER D 420 34.60 -22.26 26.11
N ALA D 421 35.23 -21.97 27.25
CA ALA D 421 34.50 -21.84 28.51
C ALA D 421 33.66 -20.56 28.65
N LEU D 422 34.16 -19.44 28.12
CA LEU D 422 33.49 -18.14 28.32
C LEU D 422 33.08 -17.52 27.00
N GLN D 423 31.79 -17.62 26.67
CA GLN D 423 31.26 -17.08 25.43
C GLN D 423 31.27 -15.55 25.45
N GLU D 424 31.37 -14.95 24.27
CA GLU D 424 31.25 -13.51 24.09
C GLU D 424 30.84 -13.19 22.66
N SER D 425 30.48 -11.92 22.46
CA SER D 425 30.12 -11.38 21.15
C SER D 425 31.20 -10.40 20.65
N VAL D 426 32.39 -10.49 21.25
CA VAL D 426 33.54 -9.60 21.00
C VAL D 426 33.29 -8.26 21.71
N CYS D 427 33.60 -8.25 23.00
CA CYS D 427 33.33 -7.11 23.86
C CYS D 427 34.34 -7.14 24.99
N MSE D 428 34.38 -6.07 25.76
CA MSE D 428 35.24 -6.02 26.92
C MSE D 428 34.67 -6.98 27.99
O MSE D 428 33.46 -7.24 28.03
CB MSE D 428 35.33 -4.60 27.44
CG MSE D 428 36.29 -4.37 28.57
SE MSE D 428 35.35 -4.54 30.25
CE MSE D 428 36.87 -4.43 31.48
N ALA D 429 35.55 -7.53 28.83
CA ALA D 429 35.13 -8.36 29.97
C ALA D 429 36.08 -8.13 31.14
N SER D 430 35.58 -8.39 32.34
CA SER D 430 36.33 -8.17 33.58
C SER D 430 36.67 -9.50 34.22
N LEU D 431 37.88 -9.58 34.81
CA LEU D 431 38.34 -10.76 35.54
C LEU D 431 39.13 -10.29 36.76
N ILE D 432 38.77 -10.81 37.93
CA ILE D 432 39.51 -10.52 39.17
C ILE D 432 39.76 -11.79 39.98
N LYS D 433 40.82 -11.77 40.78
CA LYS D 433 41.18 -12.87 41.66
C LYS D 433 40.80 -12.43 43.07
N VAL D 434 40.21 -13.35 43.85
CA VAL D 434 39.87 -13.09 45.25
C VAL D 434 40.46 -14.24 46.07
N ASN D 435 41.39 -13.90 46.96
CA ASN D 435 42.04 -14.91 47.80
C ASN D 435 41.11 -15.41 48.89
N ALA D 436 41.22 -16.71 49.18
CA ALA D 436 40.45 -17.37 50.24
C ALA D 436 40.43 -16.57 51.56
N LYS D 437 41.59 -16.05 51.96
CA LYS D 437 41.75 -15.25 53.18
C LYS D 437 40.95 -13.93 53.17
N ASP D 438 40.68 -13.41 51.97
CA ASP D 438 40.00 -12.12 51.80
C ASP D 438 38.51 -12.22 51.44
N ASN D 439 37.89 -13.39 51.60
CA ASN D 439 36.46 -13.51 51.36
C ASN D 439 35.75 -14.58 52.20
N ILE D 440 34.43 -14.40 52.32
CA ILE D 440 33.55 -15.21 53.19
C ILE D 440 33.53 -16.71 52.87
N THR D 441 33.72 -17.08 51.60
CA THR D 441 33.68 -18.49 51.20
C THR D 441 34.84 -19.30 51.78
N GLY D 442 35.95 -18.63 52.07
CA GLY D 442 37.17 -19.29 52.55
C GLY D 442 37.86 -20.06 51.44
N LYS D 443 37.62 -19.66 50.20
CA LYS D 443 38.14 -20.32 49.02
C LYS D 443 38.64 -19.29 48.01
N ASP D 444 39.66 -19.67 47.24
CA ASP D 444 40.15 -18.83 46.15
C ASP D 444 39.07 -18.75 45.08
N LEU D 445 38.83 -17.54 44.58
CA LEU D 445 37.83 -17.33 43.55
C LEU D 445 38.40 -16.50 42.40
N LEU D 446 37.94 -16.80 41.20
CA LEU D 446 38.05 -15.87 40.09
C LEU D 446 36.62 -15.45 39.83
N LEU D 447 36.42 -14.15 39.62
CA LEU D 447 35.11 -13.60 39.25
C LEU D 447 35.24 -12.94 37.89
N PHE D 448 34.28 -13.21 37.01
CA PHE D 448 34.30 -12.74 35.63
C PHE D 448 32.97 -12.08 35.32
N SER D 449 33.00 -11.04 34.50
CA SER D 449 31.78 -10.40 34.05
C SER D 449 31.86 -9.94 32.59
N ASN D 450 30.79 -10.19 31.85
CA ASN D 450 30.65 -9.78 30.46
C ASN D 450 29.20 -9.99 29.99
N PRO D 451 28.87 -9.56 28.75
CA PRO D 451 27.56 -9.90 28.20
C PRO D 451 27.57 -11.38 27.84
N ASN D 452 26.82 -12.18 28.60
CA ASN D 452 26.86 -13.64 28.50
C ASN D 452 26.05 -14.13 27.29
N THR D 453 26.60 -13.90 26.11
CA THR D 453 25.93 -14.20 24.85
C THR D 453 26.95 -14.13 23.71
N THR D 454 26.56 -14.68 22.56
CA THR D 454 27.35 -14.58 21.32
C THR D 454 26.69 -13.63 20.31
N LYS D 455 25.54 -13.04 20.68
CA LYS D 455 24.75 -12.19 19.78
C LYS D 455 24.33 -10.92 20.50
N GLY D 456 24.89 -9.79 20.08
CA GLY D 456 24.62 -8.49 20.70
C GLY D 456 25.35 -8.35 22.01
N ARG D 457 25.01 -7.31 22.77
CA ARG D 457 25.57 -7.09 24.10
C ARG D 457 24.42 -6.99 25.09
N ASN D 458 24.14 -8.12 25.73
CA ASN D 458 23.02 -8.23 26.65
C ASN D 458 23.30 -9.36 27.63
N HIS D 459 22.40 -9.58 28.58
CA HIS D 459 22.61 -10.60 29.63
C HIS D 459 23.93 -10.39 30.37
N ILE D 460 24.13 -9.17 30.90
CA ILE D 460 25.34 -8.87 31.69
C ILE D 460 25.25 -9.74 32.94
N THR D 461 26.28 -10.59 33.13
CA THR D 461 26.28 -11.62 34.17
C THR D 461 27.63 -11.69 34.87
N ILE D 462 27.61 -11.98 36.18
CA ILE D 462 28.84 -12.22 36.96
C ILE D 462 28.95 -13.74 37.09
N LYS D 463 30.14 -14.28 36.78
CA LYS D 463 30.41 -15.71 36.90
C LYS D 463 31.55 -15.94 37.89
N ALA D 464 31.46 -17.01 38.67
CA ALA D 464 32.46 -17.36 39.67
C ALA D 464 33.10 -18.71 39.36
N SER D 465 34.41 -18.79 39.54
CA SER D 465 35.12 -20.06 39.36
C SER D 465 35.85 -20.42 40.64
N LEU D 466 35.72 -21.68 41.04
CA LEU D 466 36.39 -22.23 42.22
C LEU D 466 37.67 -23.01 41.87
N ASP D 467 37.95 -23.20 40.58
CA ASP D 467 39.09 -24.03 40.13
C ASP D 467 40.04 -23.30 39.18
N GLY D 468 40.38 -22.06 39.54
CA GLY D 468 41.29 -21.23 38.76
C GLY D 468 40.84 -20.93 37.35
N GLY D 469 39.54 -20.88 37.13
CA GLY D 469 38.98 -20.60 35.81
C GLY D 469 38.96 -21.77 34.84
N LEU D 470 39.12 -23.00 35.33
CA LEU D 470 38.97 -24.19 34.47
C LEU D 470 37.50 -24.36 34.12
N THR D 471 36.63 -24.12 35.09
CA THR D 471 35.19 -24.21 34.88
C THR D 471 34.48 -23.01 35.48
N TRP D 472 33.36 -22.65 34.85
CA TRP D 472 32.50 -21.56 35.26
C TRP D 472 31.08 -22.13 35.33
N PRO D 473 30.78 -22.89 36.42
CA PRO D 473 29.48 -23.55 36.53
C PRO D 473 28.31 -22.57 36.56
N THR D 474 27.22 -22.94 35.89
CA THR D 474 26.01 -22.11 35.76
C THR D 474 25.43 -21.69 37.10
N GLU D 475 25.37 -22.64 38.03
CA GLU D 475 24.90 -22.40 39.39
C GLU D 475 25.63 -21.27 40.15
N HIS D 476 26.88 -20.96 39.79
CA HIS D 476 27.65 -19.90 40.44
C HIS D 476 27.70 -18.63 39.60
N GLN D 477 26.53 -18.22 39.10
CA GLN D 477 26.41 -17.05 38.21
C GLN D 477 25.18 -16.23 38.58
N VAL D 478 25.25 -14.91 38.38
CA VAL D 478 24.12 -14.02 38.65
C VAL D 478 23.89 -13.11 37.47
N LEU D 479 22.71 -13.23 36.84
CA LEU D 479 22.30 -12.35 35.76
C LEU D 479 21.87 -11.03 36.37
N LEU D 480 22.41 -9.92 35.85
CA LEU D 480 22.09 -8.57 36.35
C LEU D 480 21.36 -7.70 35.33
N ASP D 481 21.66 -7.83 34.04
CA ASP D 481 21.03 -7.00 33.01
C ASP D 481 20.71 -7.80 31.74
N GLU D 482 19.44 -8.16 31.61
CA GLU D 482 18.94 -8.96 30.49
C GLU D 482 18.86 -8.19 29.17
N ALA D 483 18.64 -6.88 29.23
CA ALA D 483 18.42 -6.03 28.07
C ALA D 483 19.72 -5.60 27.39
N GLU D 484 19.59 -4.91 26.27
CA GLU D 484 20.74 -4.51 25.46
C GLU D 484 21.44 -3.29 26.05
N GLY D 485 22.78 -3.28 25.96
CA GLY D 485 23.56 -2.11 26.40
C GLY D 485 24.89 -2.08 25.70
N TRP D 486 25.74 -1.12 26.08
CA TRP D 486 27.08 -0.99 25.48
C TRP D 486 28.04 -2.07 25.95
N GLY D 487 27.70 -2.74 27.07
CA GLY D 487 28.32 -4.00 27.43
C GLY D 487 29.54 -4.08 28.29
N TYR D 488 30.29 -2.99 28.45
CA TYR D 488 31.54 -3.04 29.24
C TYR D 488 31.24 -3.07 30.74
N SER D 489 32.08 -3.78 31.49
CA SER D 489 31.93 -3.89 32.95
C SER D 489 33.27 -4.05 33.65
N CYS D 490 33.33 -3.71 34.93
CA CYS D 490 34.52 -3.94 35.73
C CYS D 490 34.14 -4.32 37.15
N LEU D 491 34.78 -5.38 37.65
CA LEU D 491 34.57 -5.92 38.99
C LEU D 491 35.61 -5.47 40.01
N SER D 492 35.17 -5.36 41.26
CA SER D 492 36.05 -5.13 42.41
C SER D 492 35.34 -5.57 43.66
N MSE D 493 36.05 -6.28 44.54
CA MSE D 493 35.50 -6.67 45.83
C MSE D 493 35.35 -5.43 46.68
O MSE D 493 36.29 -4.64 46.81
CB MSE D 493 36.38 -7.71 46.54
CG MSE D 493 36.41 -9.05 45.82
SE MSE D 493 34.72 -10.00 45.94
CE MSE D 493 34.64 -10.25 47.86
N ILE D 494 34.16 -5.26 47.22
CA ILE D 494 33.82 -4.13 48.10
C ILE D 494 34.38 -4.43 49.49
N ASP D 495 34.14 -5.64 49.96
CA ASP D 495 34.57 -6.11 51.28
C ASP D 495 34.62 -7.64 51.22
N LYS D 496 34.79 -8.29 52.36
CA LYS D 496 34.85 -9.77 52.40
C LYS D 496 33.60 -10.51 51.92
N GLU D 497 32.44 -9.86 51.89
CA GLU D 497 31.18 -10.52 51.58
C GLU D 497 30.50 -10.11 50.27
N THR D 498 30.95 -9.04 49.63
CA THR D 498 30.25 -8.48 48.47
CA THR D 498 30.26 -8.50 48.45
C THR D 498 31.19 -8.03 47.36
N VAL D 499 30.79 -8.31 46.11
CA VAL D 499 31.48 -7.89 44.91
C VAL D 499 30.72 -6.73 44.29
N GLY D 500 31.45 -5.75 43.77
CA GLY D 500 30.89 -4.58 43.12
C GLY D 500 31.12 -4.72 41.63
N ILE D 501 30.13 -4.28 40.84
CA ILE D 501 30.23 -4.24 39.38
C ILE D 501 29.91 -2.81 38.95
N PHE D 502 30.81 -2.22 38.18
CA PHE D 502 30.67 -0.87 37.65
C PHE D 502 30.58 -1.09 36.13
N TYR D 503 29.41 -0.82 35.54
CA TYR D 503 29.18 -1.25 34.15
C TYR D 503 28.21 -0.41 33.34
N GLU D 504 28.28 -0.60 32.04
CA GLU D 504 27.39 0.05 31.08
C GLU D 504 26.20 -0.88 30.96
N SER D 505 25.06 -0.44 31.48
CA SER D 505 23.85 -1.25 31.52
C SER D 505 22.80 -0.69 30.56
N SER D 506 21.67 -1.37 30.48
CA SER D 506 20.54 -0.91 29.67
C SER D 506 19.80 0.28 30.31
N VAL D 507 20.07 0.56 31.59
CA VAL D 507 19.39 1.62 32.34
C VAL D 507 20.28 2.81 32.73
N ALA D 508 21.60 2.72 32.51
CA ALA D 508 22.51 3.85 32.82
C ALA D 508 23.91 3.62 32.27
N HIS D 509 24.54 4.71 31.81
CA HIS D 509 25.89 4.66 31.21
C HIS D 509 26.94 4.07 32.16
N MSE D 510 26.90 4.49 33.44
CA MSE D 510 27.71 3.93 34.52
CA MSE D 510 27.72 3.92 34.50
C MSE D 510 26.78 3.45 35.62
O MSE D 510 26.22 4.27 36.39
CB MSE D 510 28.70 4.95 35.09
CB MSE D 510 28.73 4.92 35.05
CG MSE D 510 29.76 5.35 34.10
CG MSE D 510 29.79 5.30 34.03
SE MSE D 510 30.77 3.77 33.63
SE MSE D 510 31.10 3.87 33.77
CE MSE D 510 31.07 4.22 31.77
CE MSE D 510 30.00 2.29 34.01
N THR D 511 26.59 2.15 35.70
CA THR D 511 25.70 1.53 36.65
C THR D 511 26.52 0.81 37.70
N PHE D 512 26.22 1.03 38.98
CA PHE D 512 26.90 0.31 40.05
C PHE D 512 25.93 -0.62 40.74
N GLN D 513 26.38 -1.85 40.94
CA GLN D 513 25.61 -2.85 41.65
C GLN D 513 26.51 -3.61 42.61
N ALA D 514 25.92 -4.10 43.69
CA ALA D 514 26.63 -4.87 44.70
C ALA D 514 25.91 -6.21 44.80
N VAL D 515 26.69 -7.29 44.84
CA VAL D 515 26.14 -8.66 44.91
C VAL D 515 26.87 -9.41 46.00
N LYS D 516 26.12 -10.06 46.88
CA LYS D 516 26.70 -10.88 47.94
C LYS D 516 27.36 -12.10 47.33
N LEU D 517 28.55 -12.48 47.81
CA LEU D 517 29.21 -13.71 47.34
CA LEU D 517 29.21 -13.70 47.35
C LEU D 517 28.35 -14.95 47.63
N GLN D 518 27.58 -14.91 48.71
CA GLN D 518 26.66 -16.01 49.07
C GLN D 518 25.54 -16.24 48.04
N ASP D 519 25.19 -15.21 47.26
CA ASP D 519 24.24 -15.37 46.13
C ASP D 519 24.87 -16.20 45.02
N LEU D 520 26.11 -15.86 44.65
CA LEU D 520 26.87 -16.59 43.63
C LEU D 520 27.08 -18.04 44.04
N ILE D 521 27.77 -18.25 45.16
CA ILE D 521 28.17 -19.58 45.63
C ILE D 521 27.35 -20.02 46.84
N HIS D 522 26.68 -21.18 46.73
CA HIS D 522 25.86 -21.77 47.80
C HIS D 522 24.64 -20.91 48.13
C1 GOL E . -10.44 -19.06 -21.62
O1 GOL E . -9.89 -20.25 -22.19
C2 GOL E . -9.58 -18.45 -20.50
O2 GOL E . -9.19 -17.15 -20.96
C3 GOL E . -8.35 -19.30 -20.11
O3 GOL E . -7.17 -18.91 -20.82
C1 GOL F . 10.68 -30.61 -10.00
O1 GOL F . 11.32 -29.36 -9.70
C2 GOL F . 10.46 -31.40 -8.72
O2 GOL F . 11.69 -31.48 -7.99
C3 GOL F . 9.92 -32.80 -9.04
O3 GOL F . 10.94 -33.81 -8.94
C1 GOL G . -14.46 -33.55 -20.53
O1 GOL G . -14.53 -32.40 -21.39
C2 GOL G . -13.09 -33.64 -19.89
O2 GOL G . -12.82 -32.48 -19.11
C3 GOL G . -13.05 -34.87 -18.99
O3 GOL G . -11.80 -34.92 -18.28
C1 GOL H . -10.50 -11.05 -14.23
O1 GOL H . -11.75 -11.74 -14.10
C2 GOL H . -9.65 -11.68 -15.34
O2 GOL H . -10.31 -11.54 -16.60
C3 GOL H . -9.34 -13.17 -15.13
O3 GOL H . -9.07 -13.52 -13.77
P PO4 I . -22.25 -22.78 0.39
O1 PO4 I . -21.46 -22.48 1.64
O2 PO4 I . -23.55 -22.02 0.42
O3 PO4 I . -21.46 -22.37 -0.84
O4 PO4 I . -22.51 -24.27 0.31
P PO4 J . -8.25 -12.40 -35.77
O1 PO4 J . -8.78 -11.29 -34.88
O2 PO4 J . -9.39 -13.07 -36.49
O3 PO4 J . -7.31 -11.82 -36.80
O4 PO4 J . -7.50 -13.43 -34.95
P PO4 K . -3.56 -12.28 -12.80
O1 PO4 K . -4.47 -11.11 -12.50
O2 PO4 K . -4.10 -13.11 -13.95
O3 PO4 K . -2.19 -11.81 -13.21
O4 PO4 K . -3.54 -13.11 -11.53
P PO4 L . 12.54 -18.97 12.06
O1 PO4 L . 11.27 -19.68 11.68
O2 PO4 L . 13.06 -18.18 10.88
O3 PO4 L . 12.28 -18.03 13.22
O4 PO4 L . 13.58 -19.99 12.47
P PO4 M . -6.70 -45.77 -7.53
O1 PO4 M . -7.68 -44.81 -8.16
O2 PO4 M . -6.77 -47.10 -8.24
O3 PO4 M . -5.31 -45.21 -7.66
O4 PO4 M . -7.06 -45.96 -6.07
CL CL N . -13.41 -3.71 17.46
CL CL O . -27.57 -19.27 -5.19
C1 GOL P . -29.40 -21.95 -34.93
O1 GOL P . -28.67 -20.91 -34.28
C2 GOL P . -30.77 -21.44 -35.33
O2 GOL P . -31.38 -20.81 -34.20
C3 GOL P . -31.66 -22.56 -35.82
O3 GOL P . -32.53 -22.02 -36.83
C1 GOL Q . -53.13 4.67 -27.48
O1 GOL Q . -52.40 5.79 -27.98
C2 GOL Q . -54.25 4.25 -28.44
O2 GOL Q . -55.10 5.37 -28.72
C3 GOL Q . -55.05 3.09 -27.83
O3 GOL Q . -56.44 3.16 -28.15
C1 GOL R . -42.13 -16.63 -13.93
C1 GOL R . -42.14 -16.77 -14.08
O1 GOL R . -41.05 -15.99 -13.23
O1 GOL R . -41.02 -16.07 -13.52
C2 GOL R . -42.95 -15.57 -14.66
C2 GOL R . -42.98 -15.81 -14.91
O2 GOL R . -42.28 -15.22 -15.88
O2 GOL R . -43.49 -14.76 -14.08
C3 GOL R . -44.35 -16.10 -14.94
C3 GOL R . -44.14 -16.56 -15.53
O3 GOL R . -44.99 -15.35 -15.98
O3 GOL R . -44.98 -15.64 -16.25
P PO4 S . -29.92 1.62 -26.38
O1 PO4 S . -30.24 3.09 -26.43
O2 PO4 S . -30.64 0.89 -27.49
O3 PO4 S . -28.43 1.42 -26.56
O4 PO4 S . -30.35 1.05 -25.05
P PO4 T . -25.66 1.57 -3.17
O1 PO4 T . -25.64 2.77 -2.24
O2 PO4 T . -26.88 1.68 -4.05
O3 PO4 T . -24.40 1.57 -4.00
O4 PO4 T . -25.76 0.31 -2.37
P PO4 U . -58.07 -17.63 -25.10
O1 PO4 U . -59.02 -18.11 -24.02
O2 PO4 U . -58.23 -18.51 -26.31
O3 PO4 U . -58.39 -16.20 -25.45
O4 PO4 U . -56.65 -17.73 -24.60
C1 GOL V . 31.32 23.18 23.10
O1 GOL V . 31.27 22.42 21.89
C2 GOL V . 29.95 23.77 23.42
O2 GOL V . 29.37 23.01 24.50
C3 GOL V . 30.07 25.23 23.82
O3 GOL V . 30.43 26.05 22.70
C1 GOL W . -0.19 33.79 -3.63
O1 GOL W . -0.50 32.87 -4.68
C2 GOL W . -1.41 34.57 -3.09
O2 GOL W . -2.61 34.32 -3.83
C3 GOL W . -1.11 36.07 -3.13
O3 GOL W . -2.26 36.81 -2.71
C1 GOL X . 29.18 19.11 15.40
O1 GOL X . 28.74 20.23 14.63
C2 GOL X . 29.33 17.84 14.55
O2 GOL X . 29.78 18.18 13.23
C3 GOL X . 30.33 16.91 15.23
O3 GOL X . 30.07 15.54 14.87
P PO4 Y . 1.65 16.65 27.31
O1 PO4 Y . 2.27 17.34 26.12
O2 PO4 Y . 0.20 16.30 27.01
O3 PO4 Y . 2.47 15.41 27.58
O4 PO4 Y . 1.67 17.57 28.51
P PO4 Z . 10.47 14.69 4.01
O1 PO4 Z . 10.41 14.41 2.52
O2 PO4 Z . 9.24 15.40 4.53
O3 PO4 Z . 10.53 13.37 4.77
O4 PO4 Z . 11.70 15.52 4.25
P PO4 AA . 32.95 20.23 2.88
O1 PO4 AA . 33.87 20.37 1.71
O2 PO4 AA . 31.71 21.06 2.63
O3 PO4 AA . 32.59 18.78 3.09
O4 PO4 AA . 33.67 20.74 4.10
P PO4 BA . -18.64 17.22 -3.39
O1 PO4 BA . -17.43 17.69 -4.16
O2 PO4 BA . -19.88 17.71 -4.09
O3 PO4 BA . -18.59 17.76 -1.98
O4 PO4 BA . -18.62 15.71 -3.35
P PO4 CA . 8.21 11.37 -17.25
O1 PO4 CA . 7.52 12.68 -16.89
O2 PO4 CA . 8.44 11.33 -18.74
O3 PO4 CA . 9.53 11.27 -16.54
O4 PO4 CA . 7.33 10.21 -16.84
CL CL DA . 37.56 10.63 52.77
C1 GOL EA . 42.60 -7.32 43.87
O1 GOL EA . 43.43 -7.49 45.03
C2 GOL EA . 43.07 -8.22 42.73
O2 GOL EA . 44.41 -7.82 42.36
C3 GOL EA . 42.16 -8.04 41.53
O3 GOL EA . 42.37 -9.10 40.59
C1 GOL FA . 11.49 7.26 21.31
O1 GOL FA . 11.92 6.97 19.97
C2 GOL FA . 12.42 6.56 22.30
O2 GOL FA . 12.25 5.13 22.23
C3 GOL FA . 12.07 7.05 23.71
O3 GOL FA . 13.01 6.55 24.68
C1 GOL GA . 24.19 10.58 39.37
O1 GOL GA . 25.42 11.22 39.08
C2 GOL GA . 24.30 9.59 40.52
O2 GOL GA . 23.14 8.75 40.60
C3 GOL GA . 24.43 10.24 41.89
O3 GOL GA . 25.00 9.24 42.76
C1 GOL HA . 24.65 1.86 27.89
O1 GOL HA . 24.97 0.56 28.33
C2 GOL HA . 23.33 1.78 27.14
O2 GOL HA . 23.52 1.93 25.73
C3 GOL HA . 22.45 2.91 27.65
O3 GOL HA . 22.14 2.74 29.04
C1 GOL IA . 9.66 13.67 27.91
O1 GOL IA . 8.78 13.07 26.95
C2 GOL IA . 8.97 14.85 28.59
O2 GOL IA . 9.45 16.07 28.00
C3 GOL IA . 9.24 14.89 30.10
O3 GOL IA . 8.84 13.66 30.73
P PO4 JA . 37.93 23.38 26.65
O1 PO4 JA . 37.68 24.02 25.31
O2 PO4 JA . 37.53 24.33 27.76
O3 PO4 JA . 37.10 22.12 26.76
O4 PO4 JA . 39.40 23.06 26.78
P PO4 KA . 10.66 -5.70 22.91
O1 PO4 KA . 11.18 -5.41 21.53
O2 PO4 KA . 9.66 -4.65 23.31
O3 PO4 KA . 9.94 -7.02 22.92
O4 PO4 KA . 11.80 -5.71 23.89
P PO4 LA . 33.24 -0.83 21.33
O1 PO4 LA . 33.27 -0.17 19.96
O2 PO4 LA . 31.93 -0.58 22.01
O3 PO4 LA . 33.45 -2.31 21.15
O4 PO4 LA . 34.33 -0.24 22.18
P PO4 MA . 62.67 -3.93 28.43
O1 PO4 MA . 61.64 -2.87 28.76
O2 PO4 MA . 62.28 -4.66 27.17
O3 PO4 MA . 64.01 -3.28 28.25
O4 PO4 MA . 62.73 -4.92 29.58
#